data_5SWR
#
_entry.id   5SWR
#
_cell.length_a   114.236
_cell.length_b   116.331
_cell.length_c   149.299
_cell.angle_alpha   90.000
_cell.angle_beta   90.000
_cell.angle_gamma   90.000
#
_symmetry.space_group_name_H-M   'P 21 21 21'
#
loop_
_entity.id
_entity.type
_entity.pdbx_description
1 polymer 'Phosphatidylinositol 4,5-bisphosphate 3-kinase catalytic subunit alpha isoform'
2 polymer 'Phosphatidylinositol 3-kinase regulatory subunit alpha'
3 non-polymer 6-hydroxy-3,4-dihydronaphthalen-1(2H)-one
4 non-polymer 'CHLORIDE ION'
5 non-polymer '2-HYDROXYBENZOIC ACID'
#
loop_
_entity_poly.entity_id
_entity_poly.type
_entity_poly.pdbx_seq_one_letter_code
_entity_poly.pdbx_strand_id
1 'polypeptide(L)'
;MSYYHHHHHHDYDIPTTENLYFQGAMGSMPPRPS(SEP)GELWGIHLMPPRILVECLLPNGMIVTLECLREATLITIKHE
LFKEARKYPLHQLLQDESSYIFVSVTQEAEREEFFDETRRLCDLRLFQPFLKVIEPVGNREEKILNREIGFAIGMPVCEF
DMVKDPEVQDFRRNILNVCKEAVDLRDLNSPHSRAMYVYPPNVESSPELPKHIYNKLDKGQIIVVIWVIVSPNNDKQKYT
LKINHDCVPEQVIAEAIRKKTRSMLLSSEQLKLCVLEYQGKYILKVCGCDEYFLEKYPLSQYKYIRSCIMLGRMPNLMLM
AKESLYSQLPMDCFTMPSYSRRISTATPYMNGETSTKSLWVINSALRIKILCATYVNVNIRDIDKIYVRTGIYHGGEPLC
DNVNTQRVPCSNPRWNEWLNYDIYIPDLPRAARLCLSICSVKGRKGAKEEHCPLAWGNINLFDYTDTLVSGKMALNLWPV
PHGLEDLLNPIGVTGSNPNKETPCLELEFDWFSSVVKFPDMSVIEEHANWSVSREAGFSYSHAGLSNRLARDNELRENDK
EQLKAISTRDPLSEITEQEKDFLWSHRHYCVTIPEILPKLLLSVKWNSRDEVAQMYCLVKDWPPIKPEQAMELLDCNYPD
PMVRGFAVRCLEKYLTDDKLSQYLIQLVQVLKYEQYLDNLLVRFLLKKALTNQRIGHFFFWHLKSEMHNKTVSQRFGLLL
ESYCRACGMYLKHLNRQVEAMEKLINLTDILKQEKKDETQKVQMKFLVEQMRRPDFMDALQGFLSPLNPAHQLGNLRLEE
CRIMSSAKRPLWLNWENPDIM(SEP)ELLFQNNEIIFKNGDDLRQDMLTLQIIRIMENIWQNQGLDLRMLPYGCLSIGDC
VGLIEVVRNSHTIMQIQCKGGLKGALQFNSHTLHQWLKDKNKGEIYDAAIDLFTRSCAGYCVATFILGIGDRHNSNIMVK
DDGQLFHIDFGHFLDHKKKKFGYKRERVPFVLTQDFLIVISKGAQECTKTREFERFQEMCYKAYLAIRQHANLFINLFSM
MLGSGMPELQSFDDIAYIRKTLALDKTEQEALEYFMKQMNDAHHGGWTTKMDWIFHTIKQHALN
;
A
2 'polypeptide(L)'
;MNNNMSLQDAEWYWGDISREEVNEKLRDTADGTFLVRDASTKMHGDYTLTLRKGGNNKLIKIFHRDGKYGFSDPLTFSSV
VELINHYRNESLAQYNPKLDVKLLYPVSKYQQDQVVKEDNIEAVGKKLHEYNTQFQEKSREYDRLYEEYTRTSQEIQMKR
TAIEAFNETIKIFEEQCQTQERYSKEYIEKFKREGNEKEIQRIMHNYDKLKSRISEIIDSRRRLEEDLKKQAAEYREIDK
RMNSIKPDLIQLRKTRDQYLMWLTQKGVRQKKLNEWLGN
;
B
#
loop_
_chem_comp.id
_chem_comp.type
_chem_comp.name
_chem_comp.formula
718 non-polymer 6-hydroxy-3,4-dihydronaphthalen-1(2H)-one 'C10 H10 O2'
CL non-polymer 'CHLORIDE ION' 'Cl -1'
SAL non-polymer '2-HYDROXYBENZOIC ACID' 'C7 H6 O3'
#
# COMPACT_ATOMS: atom_id res chain seq x y z
N SER A 2 44.57 16.56 -22.56
CA SER A 2 43.97 16.40 -23.93
C SER A 2 42.62 15.76 -23.81
N TYR A 3 42.51 14.76 -22.91
CA TYR A 3 41.21 14.13 -22.56
C TYR A 3 40.23 15.13 -21.96
N TYR A 4 40.68 15.82 -20.90
CA TYR A 4 39.82 16.73 -20.11
C TYR A 4 40.17 18.23 -20.23
N HIS A 5 40.94 18.62 -21.25
CA HIS A 5 41.52 19.96 -21.38
C HIS A 5 42.27 20.41 -20.10
N HIS A 6 42.91 19.46 -19.42
CA HIS A 6 43.63 19.74 -18.19
C HIS A 6 42.83 20.57 -17.17
N HIS A 7 41.50 20.39 -17.15
CA HIS A 7 40.63 21.11 -16.21
C HIS A 7 40.53 20.32 -14.93
N HIS A 8 40.95 20.93 -13.82
CA HIS A 8 41.00 20.25 -12.53
C HIS A 8 39.66 20.38 -11.84
N HIS A 9 39.19 19.28 -11.22
CA HIS A 9 38.05 19.32 -10.30
C HIS A 9 38.61 19.34 -8.88
N HIS A 10 38.61 20.53 -8.27
CA HIS A 10 39.37 20.78 -7.05
C HIS A 10 38.67 20.21 -5.81
N ASP A 11 37.35 20.36 -5.75
CA ASP A 11 36.53 19.83 -4.63
C ASP A 11 36.57 18.31 -4.50
N TYR A 12 36.63 17.61 -5.63
CA TYR A 12 36.59 16.15 -5.68
C TYR A 12 37.66 15.48 -4.80
N ASP A 13 37.22 14.60 -3.90
CA ASP A 13 38.11 13.95 -2.94
C ASP A 13 37.62 12.52 -2.70
N ILE A 14 38.50 11.52 -2.80
CA ILE A 14 38.12 10.09 -2.62
C ILE A 14 38.38 9.40 -1.23
N PRO A 15 39.08 10.06 -0.28
CA PRO A 15 39.08 9.53 1.10
C PRO A 15 37.70 9.42 1.76
N GLN A 23 27.00 5.97 -0.58
CA GLN A 23 26.61 4.66 -1.08
C GLN A 23 26.20 4.74 -2.56
N GLY A 24 27.00 5.45 -3.34
CA GLY A 24 26.99 5.34 -4.81
C GLY A 24 27.88 4.17 -5.20
N ALA A 25 29.10 4.13 -4.61
CA ALA A 25 30.01 2.97 -4.69
C ALA A 25 29.47 1.83 -3.82
N MET A 26 29.29 0.65 -4.42
CA MET A 26 28.41 -0.44 -3.89
C MET A 26 26.97 0.09 -3.74
N GLY A 27 26.41 0.51 -4.88
CA GLY A 27 25.09 1.16 -4.94
C GLY A 27 23.94 0.20 -4.73
N SER A 28 23.73 -0.18 -3.46
CA SER A 28 22.61 -1.02 -3.03
C SER A 28 22.30 -0.84 -1.54
N MET A 29 21.18 -1.43 -1.12
CA MET A 29 20.74 -1.54 0.29
C MET A 29 20.46 -0.21 1.05
N PRO A 30 19.40 0.55 0.65
CA PRO A 30 19.14 1.90 1.23
C PRO A 30 18.31 2.14 2.54
N PRO A 31 17.36 1.25 2.92
CA PRO A 31 16.43 1.58 4.02
C PRO A 31 16.92 1.19 5.43
N ARG A 32 16.80 2.12 6.37
CA ARG A 32 17.27 1.94 7.76
C ARG A 32 16.42 2.81 8.70
N PRO A 33 16.62 2.77 10.03
CA PRO A 33 17.32 1.72 10.77
C PRO A 33 16.33 1.01 11.68
N SER A 34 16.78 -0.03 12.37
CA SER A 34 15.90 -0.84 13.21
C SER A 34 16.72 -1.52 14.29
N SEP A 35 16.38 -1.29 15.56
CA SEP A 35 17.15 -1.83 16.67
CB SEP A 35 17.43 -0.77 17.74
OG SEP A 35 18.85 -0.60 17.89
C SEP A 35 16.53 -3.08 17.21
O SEP A 35 15.30 -3.22 17.26
P SEP A 35 19.90 -0.27 16.69
O1P SEP A 35 19.08 0.21 15.50
O2P SEP A 35 20.77 0.81 17.26
O3P SEP A 35 20.65 -1.56 16.47
N GLY A 36 17.41 -4.00 17.62
CA GLY A 36 17.04 -5.38 17.84
C GLY A 36 16.81 -5.73 19.29
N GLU A 37 17.64 -6.63 19.80
CA GLU A 37 17.38 -7.38 21.04
C GLU A 37 17.53 -6.59 22.34
N LEU A 38 18.43 -5.60 22.31
CA LEU A 38 18.71 -4.72 23.44
C LEU A 38 18.92 -3.33 22.83
N TRP A 39 18.75 -2.27 23.61
CA TRP A 39 18.87 -0.90 23.05
C TRP A 39 20.28 -0.68 22.51
N GLY A 40 20.33 -0.21 21.27
CA GLY A 40 21.58 0.21 20.65
C GLY A 40 22.51 -0.89 20.17
N ILE A 41 22.08 -2.14 20.25
CA ILE A 41 22.87 -3.29 19.79
C ILE A 41 21.94 -4.34 19.18
N HIS A 42 22.26 -4.86 18.00
CA HIS A 42 21.39 -5.82 17.27
C HIS A 42 21.16 -7.18 17.97
N LEU A 43 22.24 -7.89 18.31
CA LEU A 43 22.15 -9.20 18.94
C LEU A 43 22.92 -9.18 20.26
N MET A 44 22.23 -9.49 21.36
CA MET A 44 22.93 -9.41 22.65
C MET A 44 24.07 -10.43 22.68
N PRO A 45 25.16 -10.11 23.38
CA PRO A 45 26.25 -11.04 23.65
C PRO A 45 25.78 -12.40 24.18
N PRO A 46 26.40 -13.51 23.72
CA PRO A 46 25.97 -14.85 24.14
C PRO A 46 25.91 -15.09 25.66
N ARG A 47 26.72 -14.33 26.41
CA ARG A 47 26.78 -14.39 27.85
C ARG A 47 26.79 -12.94 28.34
N ILE A 48 25.87 -12.62 29.26
CA ILE A 48 25.51 -11.23 29.56
C ILE A 48 25.14 -11.05 31.03
N LEU A 49 25.37 -9.85 31.55
CA LEU A 49 25.05 -9.57 32.94
C LEU A 49 23.73 -8.80 33.06
N VAL A 50 22.82 -9.32 33.89
CA VAL A 50 21.55 -8.66 34.17
C VAL A 50 21.41 -8.38 35.66
N GLU A 51 21.17 -7.10 36.00
CA GLU A 51 20.82 -6.75 37.37
C GLU A 51 19.40 -7.16 37.60
N CYS A 52 19.20 -7.95 38.64
CA CYS A 52 17.88 -8.29 39.09
C CYS A 52 17.57 -7.44 40.31
N LEU A 53 16.58 -6.55 40.17
CA LEU A 53 16.07 -5.76 41.29
C LEU A 53 15.03 -6.60 42.07
N LEU A 54 15.38 -6.96 43.31
CA LEU A 54 14.53 -7.77 44.20
C LEU A 54 13.56 -6.93 45.06
N PRO A 55 12.48 -7.57 45.61
CA PRO A 55 11.49 -6.81 46.39
C PRO A 55 12.00 -6.36 47.77
N ASN A 56 13.10 -6.97 48.24
CA ASN A 56 13.85 -6.50 49.40
C ASN A 56 14.88 -5.38 49.09
N GLY A 57 14.77 -4.72 47.93
CA GLY A 57 15.67 -3.62 47.57
C GLY A 57 17.13 -3.94 47.21
N MET A 58 17.48 -5.22 47.16
CA MET A 58 18.83 -5.68 46.80
C MET A 58 18.95 -5.83 45.29
N ILE A 59 20.11 -5.46 44.73
CA ILE A 59 20.49 -5.80 43.35
C ILE A 59 21.50 -6.95 43.33
N VAL A 60 21.06 -8.15 42.92
CA VAL A 60 22.00 -9.23 42.61
C VAL A 60 22.12 -9.35 41.10
N THR A 61 23.36 -9.42 40.62
CA THR A 61 23.63 -9.46 39.19
C THR A 61 24.01 -10.86 38.75
N LEU A 62 23.13 -11.48 37.97
CA LEU A 62 23.40 -12.79 37.37
C LEU A 62 24.12 -12.61 36.03
N GLU A 63 25.09 -13.46 35.77
CA GLU A 63 25.57 -13.66 34.40
C GLU A 63 24.69 -14.75 33.81
N CYS A 64 24.00 -14.42 32.73
CA CYS A 64 23.08 -15.32 32.09
C CYS A 64 23.50 -15.55 30.68
N LEU A 65 23.03 -16.65 30.11
CA LEU A 65 23.06 -16.78 28.67
C LEU A 65 21.94 -15.94 27.99
N ARG A 66 22.33 -15.25 26.92
CA ARG A 66 21.42 -14.64 25.92
C ARG A 66 20.11 -15.41 25.68
N GLU A 67 20.23 -16.73 25.58
CA GLU A 67 19.14 -17.58 25.13
C GLU A 67 18.25 -18.13 26.29
N ALA A 68 18.56 -17.76 27.54
CA ALA A 68 17.96 -18.42 28.72
C ALA A 68 16.50 -18.00 29.02
N THR A 69 15.66 -18.97 29.33
CA THR A 69 14.27 -18.68 29.72
C THR A 69 14.22 -17.96 31.05
N LEU A 70 13.16 -17.19 31.25
CA LEU A 70 12.90 -16.55 32.55
C LEU A 70 12.67 -17.55 33.70
N ILE A 71 12.17 -18.74 33.38
CA ILE A 71 12.02 -19.82 34.36
C ILE A 71 13.39 -20.19 34.87
N THR A 72 14.34 -20.33 33.96
CA THR A 72 15.71 -20.63 34.34
C THR A 72 16.32 -19.49 35.13
N ILE A 73 16.10 -18.26 34.69
CA ILE A 73 16.68 -17.07 35.35
C ILE A 73 16.09 -16.82 36.73
N LYS A 74 14.78 -16.97 36.87
CA LYS A 74 14.13 -16.83 38.17
C LYS A 74 14.70 -17.89 39.10
N HIS A 75 14.64 -19.16 38.66
CA HIS A 75 15.14 -20.31 39.43
C HIS A 75 16.57 -20.08 39.96
N GLU A 76 17.44 -19.52 39.10
CA GLU A 76 18.81 -19.22 39.52
C GLU A 76 18.84 -18.00 40.44
N LEU A 77 18.05 -16.97 40.14
CA LEU A 77 18.04 -15.73 40.93
C LEU A 77 17.69 -15.98 42.38
N PHE A 78 16.70 -16.84 42.59
CA PHE A 78 16.26 -17.19 43.94
C PHE A 78 17.15 -18.24 44.64
N LYS A 79 17.96 -18.97 43.88
CA LYS A 79 19.13 -19.64 44.47
C LYS A 79 20.12 -18.56 44.91
N GLU A 80 20.61 -17.78 43.96
CA GLU A 80 21.66 -16.78 44.22
C GLU A 80 21.31 -15.66 45.20
N ALA A 81 20.02 -15.38 45.40
CA ALA A 81 19.63 -14.28 46.29
C ALA A 81 19.95 -14.66 47.74
N ARG A 82 19.71 -15.92 48.11
CA ARG A 82 20.09 -16.49 49.42
C ARG A 82 21.42 -15.98 49.96
N LYS A 83 22.43 -15.89 49.09
CA LYS A 83 23.78 -15.49 49.48
C LYS A 83 23.92 -14.00 49.81
N TYR A 84 22.91 -13.21 49.42
CA TYR A 84 22.84 -11.77 49.73
C TYR A 84 21.99 -11.53 51.01
N PRO A 85 22.03 -10.29 51.58
CA PRO A 85 21.34 -10.10 52.84
C PRO A 85 19.82 -9.96 52.67
N LEU A 86 19.13 -9.98 53.79
CA LEU A 86 17.67 -9.84 53.83
C LEU A 86 16.91 -10.92 53.03
N HIS A 87 17.48 -12.12 52.89
CA HIS A 87 16.83 -13.29 52.22
C HIS A 87 15.47 -13.64 52.84
N GLN A 88 15.37 -13.52 54.17
CA GLN A 88 14.13 -13.85 54.89
C GLN A 88 12.94 -12.91 54.59
N LEU A 89 13.19 -11.81 53.88
CA LEU A 89 12.12 -10.94 53.35
C LEU A 89 11.59 -11.33 51.96
N LEU A 90 12.05 -12.45 51.39
CA LEU A 90 11.54 -12.93 50.10
C LEU A 90 10.52 -14.04 50.31
N GLN A 91 9.51 -14.05 49.45
CA GLN A 91 8.52 -15.15 49.38
C GLN A 91 9.10 -16.29 48.56
N ASP A 92 8.34 -17.40 48.44
CA ASP A 92 8.66 -18.43 47.44
C ASP A 92 8.65 -17.79 46.04
N GLU A 93 9.57 -18.21 45.17
CA GLU A 93 9.73 -17.60 43.84
C GLU A 93 8.42 -17.63 43.04
N SER A 94 7.65 -18.70 43.21
CA SER A 94 6.33 -18.81 42.54
C SER A 94 5.38 -17.62 42.80
N SER A 95 5.60 -16.90 43.91
CA SER A 95 4.84 -15.68 44.24
C SER A 95 5.35 -14.40 43.53
N TYR A 96 6.09 -14.54 42.43
CA TYR A 96 6.67 -13.39 41.76
C TYR A 96 6.62 -13.44 40.23
N ILE A 97 6.75 -12.28 39.62
CA ILE A 97 6.82 -12.15 38.17
C ILE A 97 7.99 -11.20 37.83
N PHE A 98 8.53 -11.32 36.62
CA PHE A 98 9.56 -10.39 36.20
C PHE A 98 8.90 -9.21 35.53
N VAL A 99 9.39 -8.01 35.81
CA VAL A 99 9.01 -6.82 35.04
C VAL A 99 10.27 -6.06 34.62
N SER A 100 10.16 -5.27 33.56
CA SER A 100 11.23 -4.38 33.14
C SER A 100 10.72 -3.38 32.12
N VAL A 101 11.52 -2.35 31.88
CA VAL A 101 11.29 -1.37 30.81
C VAL A 101 11.80 -1.95 29.52
N THR A 102 10.94 -1.92 28.50
CA THR A 102 11.22 -2.37 27.12
C THR A 102 11.64 -1.20 26.22
N GLN A 103 11.96 -1.52 24.97
CA GLN A 103 12.39 -0.54 23.98
C GLN A 103 11.29 0.39 23.50
N GLU A 104 10.03 -0.02 23.66
CA GLU A 104 8.89 0.87 23.45
C GLU A 104 8.62 1.80 24.66
N ALA A 105 9.52 1.78 25.65
CA ALA A 105 9.45 2.64 26.85
C ALA A 105 8.27 2.35 27.77
N GLU A 106 7.78 1.12 27.76
CA GLU A 106 6.71 0.70 28.66
C GLU A 106 7.23 -0.35 29.60
N ARG A 107 6.69 -0.39 30.80
CA ARG A 107 7.07 -1.39 31.77
C ARG A 107 6.25 -2.67 31.58
N GLU A 108 6.77 -3.62 30.80
CA GLU A 108 6.08 -4.89 30.56
C GLU A 108 6.26 -5.87 31.70
N GLU A 109 5.16 -6.45 32.18
CA GLU A 109 5.22 -7.61 33.09
C GLU A 109 5.39 -8.88 32.23
N PHE A 110 6.33 -9.74 32.62
CA PHE A 110 6.64 -10.94 31.86
C PHE A 110 5.92 -12.16 32.44
N PHE A 111 4.72 -12.39 31.92
CA PHE A 111 3.83 -13.45 32.39
C PHE A 111 4.27 -14.79 31.87
N ASP A 112 4.57 -14.86 30.56
CA ASP A 112 5.02 -16.10 29.90
C ASP A 112 6.51 -16.32 30.16
N GLU A 113 6.83 -17.15 31.16
CA GLU A 113 8.20 -17.24 31.69
C GLU A 113 9.08 -18.18 30.86
N THR A 114 8.46 -18.95 29.97
CA THR A 114 9.18 -19.66 28.91
C THR A 114 9.89 -18.77 27.86
N ARG A 115 9.54 -17.49 27.81
CA ARG A 115 10.25 -16.52 26.94
C ARG A 115 11.73 -16.36 27.30
N ARG A 116 12.55 -16.16 26.28
CA ARG A 116 14.00 -16.05 26.44
C ARG A 116 14.48 -14.60 26.52
N LEU A 117 15.56 -14.37 27.26
CA LEU A 117 16.12 -13.04 27.48
C LEU A 117 16.28 -12.20 26.20
N CYS A 118 16.79 -12.81 25.12
CA CYS A 118 16.90 -12.11 23.83
C CYS A 118 15.57 -11.70 23.18
N ASP A 119 14.50 -12.44 23.47
CA ASP A 119 13.22 -12.19 22.83
C ASP A 119 12.33 -11.16 23.55
N LEU A 120 12.74 -10.64 24.72
CA LEU A 120 11.91 -9.70 25.50
C LEU A 120 11.90 -8.24 25.00
N ARG A 121 12.83 -7.90 24.11
CA ARG A 121 12.97 -6.51 23.66
C ARG A 121 13.21 -5.56 24.84
N LEU A 122 14.13 -5.94 25.73
CA LEU A 122 14.50 -5.09 26.86
C LEU A 122 15.19 -3.84 26.35
N PHE A 123 15.10 -2.75 27.11
CA PHE A 123 15.86 -1.55 26.80
C PHE A 123 17.28 -1.66 27.40
N GLN A 124 17.33 -1.89 28.71
CA GLN A 124 18.57 -2.22 29.42
C GLN A 124 18.44 -3.62 29.98
N PRO A 125 19.57 -4.34 30.13
CA PRO A 125 19.54 -5.72 30.61
C PRO A 125 19.30 -5.80 32.11
N PHE A 126 18.04 -5.63 32.52
CA PHE A 126 17.66 -5.70 33.94
C PHE A 126 16.22 -6.16 34.15
N LEU A 127 15.96 -6.70 35.33
CA LEU A 127 14.72 -7.41 35.59
C LEU A 127 14.30 -7.12 37.03
N LYS A 128 13.19 -6.42 37.22
CA LYS A 128 12.66 -6.20 38.57
C LYS A 128 11.63 -7.28 38.97
N VAL A 129 11.73 -7.71 40.23
CA VAL A 129 10.91 -8.79 40.76
C VAL A 129 9.78 -8.18 41.57
N ILE A 130 8.56 -8.67 41.31
CA ILE A 130 7.32 -8.12 41.87
C ILE A 130 6.27 -9.21 42.05
N GLU A 131 5.29 -8.99 42.93
CA GLU A 131 4.13 -9.89 43.05
C GLU A 131 3.10 -9.31 42.07
N PRO A 132 2.33 -10.19 41.38
CA PRO A 132 1.62 -9.69 40.19
C PRO A 132 0.39 -8.82 40.48
N VAL A 133 0.53 -7.52 40.23
CA VAL A 133 -0.61 -6.60 40.29
C VAL A 133 -1.51 -6.76 39.07
N GLY A 134 -2.71 -6.20 39.16
CA GLY A 134 -3.70 -6.24 38.09
C GLY A 134 -4.28 -7.63 37.97
N ASN A 135 -4.82 -8.12 39.09
CA ASN A 135 -5.18 -9.55 39.32
C ASN A 135 -5.82 -10.32 38.14
N ARG A 136 -6.31 -9.62 37.11
CA ARG A 136 -6.62 -10.26 35.81
C ARG A 136 -5.35 -10.39 34.99
N GLU A 137 -4.61 -11.48 35.25
CA GLU A 137 -3.51 -11.94 34.42
C GLU A 137 -3.99 -12.05 32.97
N GLU A 138 -5.18 -12.65 32.78
CA GLU A 138 -5.82 -12.84 31.46
C GLU A 138 -5.86 -11.56 30.65
N LYS A 139 -6.35 -10.51 31.29
CA LYS A 139 -6.63 -9.25 30.63
C LYS A 139 -5.35 -8.63 30.11
N ILE A 140 -4.24 -8.78 30.85
CA ILE A 140 -2.98 -8.14 30.45
C ILE A 140 -2.22 -9.01 29.41
N LEU A 141 -2.95 -9.86 28.67
CA LEU A 141 -2.59 -10.30 27.31
C LEU A 141 -3.35 -9.41 26.26
N ASN A 142 -3.16 -8.10 26.48
CA ASN A 142 -3.05 -7.05 25.50
C ASN A 142 -1.60 -6.95 25.02
N ARG A 143 -0.66 -7.59 25.73
CA ARG A 143 0.73 -7.64 25.26
C ARG A 143 0.78 -8.37 23.92
N GLU A 144 0.03 -9.49 23.85
CA GLU A 144 -0.18 -10.24 22.61
C GLU A 144 -0.60 -9.32 21.45
N ILE A 145 -1.58 -8.47 21.73
CA ILE A 145 -2.11 -7.54 20.73
C ILE A 145 -1.02 -6.57 20.23
N GLY A 146 -0.47 -5.75 21.11
CA GLY A 146 0.63 -4.86 20.75
C GLY A 146 1.99 -5.45 20.39
N PHE A 147 2.14 -6.77 20.48
CA PHE A 147 3.24 -7.46 19.79
C PHE A 147 2.86 -7.53 18.30
N ALA A 148 1.73 -8.20 18.03
CA ALA A 148 1.21 -8.35 16.69
C ALA A 148 1.12 -7.00 16.00
N ILE A 149 0.67 -5.97 16.72
CA ILE A 149 0.54 -4.62 16.20
C ILE A 149 1.90 -3.93 16.04
N GLY A 150 2.77 -4.11 17.01
CA GLY A 150 4.07 -3.44 17.04
C GLY A 150 4.07 -2.10 17.75
N MET A 151 3.05 -1.88 18.57
CA MET A 151 3.01 -0.77 19.52
C MET A 151 2.08 -1.16 20.66
N PRO A 152 2.42 -0.76 21.89
CA PRO A 152 1.71 -1.31 23.04
C PRO A 152 0.29 -0.75 23.15
N VAL A 153 -0.64 -1.55 23.63
CA VAL A 153 -2.04 -1.12 23.71
C VAL A 153 -2.18 0.04 24.71
N CYS A 154 -1.40 0.04 25.78
CA CYS A 154 -1.36 1.18 26.72
C CYS A 154 -1.12 2.56 26.05
N GLU A 155 -0.46 2.59 24.90
CA GLU A 155 -0.26 3.82 24.14
C GLU A 155 -1.55 4.42 23.54
N PHE A 156 -2.58 3.61 23.31
CA PHE A 156 -3.89 4.14 22.89
C PHE A 156 -4.68 4.72 24.07
N ASP A 157 -4.63 4.03 25.22
CA ASP A 157 -5.41 4.42 26.40
C ASP A 157 -5.15 5.85 26.84
N MET A 158 -3.93 6.35 26.65
CA MET A 158 -3.57 7.72 26.98
C MET A 158 -3.60 8.62 25.74
N VAL A 159 -4.59 8.44 24.86
CA VAL A 159 -4.86 9.41 23.80
C VAL A 159 -6.11 10.20 24.23
N LYS A 160 -5.97 11.53 24.27
CA LYS A 160 -7.03 12.42 24.75
C LYS A 160 -8.17 12.48 23.75
N ASP A 161 -7.80 12.83 22.51
CA ASP A 161 -8.68 12.90 21.35
C ASP A 161 -9.92 12.00 21.45
N PRO A 162 -11.12 12.60 21.49
CA PRO A 162 -12.29 11.75 21.70
C PRO A 162 -12.62 10.89 20.48
N GLU A 163 -12.22 11.31 19.29
CA GLU A 163 -12.52 10.52 18.09
C GLU A 163 -11.94 9.09 18.21
N VAL A 164 -10.70 9.04 18.67
CA VAL A 164 -9.96 7.81 18.87
C VAL A 164 -10.66 6.95 19.90
N GLN A 165 -10.84 7.51 21.09
CA GLN A 165 -11.59 6.83 22.14
C GLN A 165 -12.95 6.36 21.65
N ASP A 166 -13.60 7.18 20.83
CA ASP A 166 -14.89 6.83 20.26
C ASP A 166 -14.77 5.71 19.24
N PHE A 167 -13.76 5.76 18.36
CA PHE A 167 -13.51 4.63 17.47
C PHE A 167 -13.41 3.32 18.23
N ARG A 168 -12.54 3.30 19.24
CA ARG A 168 -12.23 2.08 19.96
C ARG A 168 -13.47 1.44 20.59
N ARG A 169 -14.26 2.26 21.28
CA ARG A 169 -15.51 1.79 21.91
C ARG A 169 -16.60 1.40 20.89
N ASN A 170 -16.85 2.24 19.91
CA ASN A 170 -17.91 1.97 18.94
C ASN A 170 -17.63 0.88 17.89
N ILE A 171 -16.35 0.60 17.61
CA ILE A 171 -16.03 -0.40 16.60
C ILE A 171 -16.39 -1.81 17.08
N LEU A 172 -16.41 -2.00 18.40
CA LEU A 172 -16.73 -3.32 18.98
C LEU A 172 -18.10 -3.85 18.57
N ASN A 173 -19.05 -2.98 18.25
CA ASN A 173 -20.30 -3.37 17.56
C ASN A 173 -19.98 -4.42 16.51
N VAL A 174 -19.04 -4.08 15.62
CA VAL A 174 -18.69 -4.90 14.44
C VAL A 174 -18.06 -6.24 14.79
N CYS A 175 -17.19 -6.23 15.80
CA CYS A 175 -16.50 -7.43 16.27
C CYS A 175 -17.47 -8.45 16.84
N LYS A 176 -18.32 -7.95 17.74
CA LYS A 176 -19.30 -8.77 18.44
C LYS A 176 -20.25 -9.39 17.45
N GLU A 177 -20.62 -8.64 16.42
CA GLU A 177 -21.44 -9.18 15.34
C GLU A 177 -20.79 -10.34 14.56
N ALA A 178 -19.51 -10.20 14.26
CA ALA A 178 -18.79 -11.17 13.45
C ALA A 178 -18.56 -12.42 14.25
N VAL A 179 -18.13 -12.24 15.49
CA VAL A 179 -17.96 -13.39 16.40
C VAL A 179 -19.26 -14.20 16.52
N ASP A 180 -20.40 -13.53 16.43
CA ASP A 180 -21.69 -14.21 16.46
C ASP A 180 -21.93 -15.08 15.22
N LEU A 181 -21.64 -14.55 14.04
CA LEU A 181 -21.71 -15.37 12.82
C LEU A 181 -20.83 -16.63 12.83
N ARG A 182 -19.70 -16.59 13.55
CA ARG A 182 -18.81 -17.74 13.69
C ARG A 182 -19.36 -18.90 14.53
N ASP A 183 -19.94 -18.60 15.70
CA ASP A 183 -20.36 -19.65 16.64
C ASP A 183 -21.84 -19.99 16.45
N LEU A 184 -22.28 -19.85 15.19
CA LEU A 184 -23.69 -19.89 14.81
C LEU A 184 -24.15 -21.33 14.58
N ASN A 185 -23.54 -22.01 13.60
CA ASN A 185 -23.78 -23.44 13.35
C ASN A 185 -22.50 -24.20 13.66
N SER A 186 -21.93 -23.92 14.83
CA SER A 186 -20.65 -24.52 15.25
C SER A 186 -20.82 -26.04 15.53
N PRO A 187 -19.81 -26.88 15.21
CA PRO A 187 -18.46 -26.47 14.87
C PRO A 187 -18.25 -26.14 13.39
N HIS A 188 -19.25 -26.34 12.54
CA HIS A 188 -19.05 -26.21 11.11
C HIS A 188 -18.67 -24.81 10.69
N SER A 189 -19.30 -23.82 11.31
CA SER A 189 -19.05 -22.44 10.95
C SER A 189 -17.69 -21.93 11.43
N ARG A 190 -17.18 -22.49 12.55
CA ARG A 190 -15.83 -22.12 13.01
C ARG A 190 -14.83 -22.60 11.97
N ALA A 191 -14.97 -23.86 11.57
CA ALA A 191 -14.19 -24.44 10.47
C ALA A 191 -14.33 -23.61 9.20
N MET A 192 -15.54 -23.24 8.87
CA MET A 192 -15.80 -22.35 7.76
C MET A 192 -15.05 -20.95 7.82
N TYR A 193 -14.84 -20.43 9.03
CA TYR A 193 -14.12 -19.16 9.23
C TYR A 193 -12.64 -19.48 8.98
N VAL A 194 -12.10 -20.41 9.76
CA VAL A 194 -10.68 -20.75 9.73
C VAL A 194 -10.19 -21.22 8.35
N TYR A 195 -11.02 -22.00 7.67
CA TYR A 195 -10.60 -22.74 6.48
C TYR A 195 -11.51 -22.48 5.31
N PRO A 196 -11.77 -21.21 5.02
CA PRO A 196 -12.82 -20.90 4.05
C PRO A 196 -12.46 -21.43 2.67
N PRO A 197 -13.44 -21.84 1.88
CA PRO A 197 -13.15 -22.62 0.68
C PRO A 197 -12.45 -21.80 -0.40
N ASN A 198 -11.27 -22.21 -0.82
CA ASN A 198 -10.49 -21.46 -1.81
C ASN A 198 -11.00 -21.72 -3.24
N VAL A 199 -11.71 -20.74 -3.78
CA VAL A 199 -12.69 -20.97 -4.82
C VAL A 199 -12.74 -19.83 -5.86
N GLU A 200 -12.76 -20.20 -7.14
CA GLU A 200 -12.92 -19.22 -8.24
C GLU A 200 -14.30 -18.59 -8.13
N SER A 201 -14.44 -17.40 -8.70
CA SER A 201 -15.67 -16.63 -8.57
C SER A 201 -16.80 -17.27 -9.38
N SER A 202 -16.46 -17.75 -10.59
CA SER A 202 -17.40 -18.33 -11.56
C SER A 202 -17.40 -19.86 -11.58
N PRO A 203 -18.59 -20.51 -11.52
CA PRO A 203 -18.66 -21.97 -11.67
C PRO A 203 -18.57 -22.39 -13.13
N GLU A 204 -19.08 -21.57 -14.05
CA GLU A 204 -18.75 -21.70 -15.48
C GLU A 204 -17.24 -21.87 -15.72
N LEU A 205 -16.92 -22.66 -16.74
CA LEU A 205 -15.56 -23.06 -17.04
C LEU A 205 -15.20 -22.45 -18.42
N PRO A 206 -14.02 -21.84 -18.56
CA PRO A 206 -13.53 -21.45 -19.87
C PRO A 206 -13.52 -22.62 -20.85
N LYS A 207 -13.63 -22.32 -22.14
CA LYS A 207 -13.63 -23.36 -23.17
C LYS A 207 -12.38 -24.24 -23.09
N HIS A 208 -11.23 -23.60 -23.04
CA HIS A 208 -9.95 -24.30 -23.07
C HIS A 208 -9.66 -25.19 -21.86
N ILE A 209 -10.30 -24.93 -20.72
CA ILE A 209 -10.18 -25.81 -19.55
C ILE A 209 -11.04 -27.04 -19.80
N TYR A 210 -12.33 -26.83 -20.09
CA TYR A 210 -13.31 -27.93 -20.35
C TYR A 210 -12.74 -29.00 -21.28
N ASN A 211 -12.11 -28.55 -22.36
CA ASN A 211 -11.53 -29.42 -23.39
C ASN A 211 -10.27 -30.18 -23.01
N LYS A 212 -9.78 -30.02 -21.77
CA LYS A 212 -8.78 -30.93 -21.18
C LYS A 212 -9.41 -32.10 -20.41
N LEU A 213 -10.74 -32.17 -20.37
CA LEU A 213 -11.48 -33.08 -19.51
C LEU A 213 -12.13 -34.33 -20.16
N ASP A 214 -11.99 -34.53 -21.46
CA ASP A 214 -12.82 -35.51 -22.20
C ASP A 214 -14.30 -35.60 -21.71
N LYS A 215 -15.10 -34.67 -22.24
CA LYS A 215 -16.55 -34.62 -22.02
C LYS A 215 -16.86 -34.48 -20.54
N GLY A 216 -16.18 -33.51 -19.92
CA GLY A 216 -16.46 -33.07 -18.57
C GLY A 216 -16.16 -34.02 -17.43
N GLN A 217 -15.03 -34.75 -17.50
CA GLN A 217 -14.65 -35.64 -16.42
C GLN A 217 -13.19 -35.50 -16.04
N ILE A 218 -12.88 -35.89 -14.81
CA ILE A 218 -11.52 -35.75 -14.26
C ILE A 218 -11.20 -37.02 -13.49
N ILE A 219 -10.03 -37.59 -13.72
CA ILE A 219 -9.51 -38.60 -12.80
C ILE A 219 -9.00 -37.81 -11.59
N VAL A 220 -9.28 -38.33 -10.40
CA VAL A 220 -8.95 -37.72 -9.12
C VAL A 220 -8.37 -38.83 -8.27
N VAL A 221 -7.67 -38.50 -7.21
CA VAL A 221 -7.17 -39.51 -6.28
C VAL A 221 -7.59 -39.13 -4.87
N ILE A 222 -8.47 -39.92 -4.26
CA ILE A 222 -8.81 -39.75 -2.85
C ILE A 222 -7.93 -40.70 -2.04
N TRP A 223 -7.38 -40.21 -0.94
CA TRP A 223 -6.45 -40.96 -0.12
C TRP A 223 -7.06 -41.11 1.25
N VAL A 224 -6.62 -42.14 1.98
CA VAL A 224 -7.19 -42.52 3.29
C VAL A 224 -6.11 -43.17 4.16
N ILE A 225 -6.25 -43.07 5.48
CA ILE A 225 -5.35 -43.71 6.45
C ILE A 225 -6.15 -44.63 7.40
N VAL A 226 -5.61 -45.81 7.76
CA VAL A 226 -6.34 -46.78 8.62
C VAL A 226 -5.70 -47.14 10.00
N SER A 227 -4.45 -47.62 10.03
CA SER A 227 -3.75 -47.94 11.31
C SER A 227 -2.23 -48.26 11.18
N PRO A 228 -1.34 -47.67 12.00
CA PRO A 228 -1.67 -46.70 13.06
C PRO A 228 -1.90 -45.29 12.49
N ASN A 229 -0.83 -44.64 12.04
CA ASN A 229 -0.92 -43.39 11.26
C ASN A 229 0.10 -43.44 10.11
N ASN A 230 0.23 -44.59 9.48
CA ASN A 230 1.20 -44.78 8.41
C ASN A 230 0.51 -45.06 7.08
N ASP A 231 0.18 -46.33 6.79
CA ASP A 231 -0.15 -46.74 5.41
C ASP A 231 -1.35 -45.95 4.89
N LYS A 232 -1.27 -45.61 3.61
CA LYS A 232 -2.27 -44.81 2.94
C LYS A 232 -2.75 -45.59 1.74
N GLN A 233 -3.96 -45.32 1.28
CA GLN A 233 -4.52 -46.01 0.12
C GLN A 233 -5.22 -45.08 -0.84
N LYS A 234 -4.79 -45.12 -2.10
CA LYS A 234 -5.41 -44.38 -3.21
C LYS A 234 -6.78 -44.95 -3.51
N TYR A 235 -7.65 -44.17 -4.15
CA TYR A 235 -8.95 -44.65 -4.66
C TYR A 235 -9.29 -43.79 -5.87
N THR A 236 -8.68 -44.14 -6.97
CA THR A 236 -8.56 -43.27 -8.15
C THR A 236 -9.86 -43.10 -8.96
N LEU A 237 -10.70 -42.16 -8.54
CA LEU A 237 -12.03 -41.93 -9.18
C LEU A 237 -11.98 -41.32 -10.57
N LYS A 238 -13.09 -41.36 -11.29
CA LYS A 238 -13.25 -40.59 -12.52
C LYS A 238 -14.64 -39.97 -12.53
N ILE A 239 -14.77 -38.91 -11.74
CA ILE A 239 -16.05 -38.24 -11.51
C ILE A 239 -16.32 -37.12 -12.53
N ASN A 240 -17.52 -36.55 -12.49
CA ASN A 240 -17.85 -35.37 -13.31
C ASN A 240 -17.19 -34.15 -12.70
N HIS A 241 -16.75 -33.23 -13.56
CA HIS A 241 -16.04 -32.04 -13.10
C HIS A 241 -16.91 -31.25 -12.14
N ASP A 242 -18.19 -31.09 -12.50
CA ASP A 242 -19.12 -30.27 -11.73
C ASP A 242 -19.89 -31.04 -10.62
N CYS A 243 -19.22 -31.97 -9.93
CA CYS A 243 -19.87 -32.72 -8.86
C CYS A 243 -19.24 -32.33 -7.53
N VAL A 244 -20.05 -32.22 -6.49
CA VAL A 244 -19.65 -31.57 -5.22
C VAL A 244 -18.78 -32.49 -4.32
N PRO A 245 -18.17 -31.93 -3.26
CA PRO A 245 -17.30 -32.75 -2.39
C PRO A 245 -17.99 -33.92 -1.75
N GLU A 246 -19.26 -33.72 -1.36
CA GLU A 246 -20.08 -34.78 -0.77
C GLU A 246 -20.28 -35.96 -1.73
N GLN A 247 -20.56 -35.68 -3.00
CA GLN A 247 -20.65 -36.74 -4.01
C GLN A 247 -19.32 -37.47 -4.18
N VAL A 248 -18.23 -36.71 -4.21
CA VAL A 248 -16.90 -37.29 -4.35
C VAL A 248 -16.57 -38.16 -3.14
N ILE A 249 -16.99 -37.75 -1.95
CA ILE A 249 -16.77 -38.54 -0.71
C ILE A 249 -17.51 -39.88 -0.74
N ALA A 250 -18.72 -39.89 -1.30
CA ALA A 250 -19.46 -41.13 -1.53
C ALA A 250 -18.61 -42.13 -2.32
N GLU A 251 -18.28 -41.78 -3.57
CA GLU A 251 -17.49 -42.65 -4.48
C GLU A 251 -16.15 -43.16 -3.89
N ALA A 252 -15.49 -42.36 -3.07
CA ALA A 252 -14.32 -42.86 -2.37
C ALA A 252 -14.75 -43.94 -1.39
N ILE A 253 -15.81 -43.68 -0.63
CA ILE A 253 -16.28 -44.67 0.33
C ILE A 253 -16.87 -45.88 -0.38
N ARG A 254 -17.61 -45.66 -1.48
CA ARG A 254 -18.13 -46.79 -2.28
C ARG A 254 -17.02 -47.74 -2.62
N LYS A 255 -16.06 -47.27 -3.40
CA LYS A 255 -14.91 -48.10 -3.81
C LYS A 255 -14.11 -48.65 -2.63
N LYS A 256 -13.93 -47.86 -1.57
CA LYS A 256 -13.21 -48.31 -0.37
C LYS A 256 -13.90 -49.52 0.28
N THR A 257 -15.25 -49.50 0.29
CA THR A 257 -16.07 -50.49 1.03
C THR A 257 -16.91 -51.44 0.16
N ARG A 258 -16.69 -51.48 -1.16
CA ARG A 258 -17.17 -52.59 -2.01
C ARG A 258 -16.49 -53.84 -1.53
N SER A 259 -17.14 -54.99 -1.70
CA SER A 259 -16.69 -56.24 -1.08
C SER A 259 -17.35 -57.46 -1.71
N MET A 260 -16.74 -58.63 -1.52
CA MET A 260 -17.41 -59.90 -1.86
C MET A 260 -18.27 -60.43 -0.69
N LEU A 261 -18.06 -59.84 0.49
CA LEU A 261 -18.89 -60.16 1.63
C LEU A 261 -20.03 -59.17 1.83
N LEU A 262 -20.20 -58.18 0.95
CA LEU A 262 -21.31 -57.23 1.06
C LEU A 262 -22.14 -57.23 -0.19
N SER A 263 -23.45 -57.35 -0.03
CA SER A 263 -24.39 -57.21 -1.13
C SER A 263 -24.43 -55.76 -1.60
N SER A 264 -25.11 -55.53 -2.71
CA SER A 264 -25.29 -54.17 -3.20
C SER A 264 -26.07 -53.32 -2.18
N GLU A 265 -27.22 -53.83 -1.76
CA GLU A 265 -28.05 -53.17 -0.75
C GLU A 265 -27.26 -52.90 0.52
N GLN A 266 -26.55 -53.91 1.02
CA GLN A 266 -25.69 -53.75 2.21
C GLN A 266 -24.62 -52.64 2.08
N LEU A 267 -24.14 -52.40 0.86
CA LEU A 267 -23.13 -51.36 0.60
C LEU A 267 -23.75 -49.99 0.79
N LYS A 268 -24.86 -49.76 0.09
CA LYS A 268 -25.60 -48.49 0.17
C LYS A 268 -25.88 -48.04 1.61
N LEU A 269 -26.14 -49.00 2.50
CA LEU A 269 -26.36 -48.72 3.92
C LEU A 269 -25.06 -48.43 4.67
N CYS A 270 -23.96 -49.07 4.29
CA CYS A 270 -22.63 -48.75 4.87
C CYS A 270 -22.04 -47.44 4.34
N VAL A 271 -22.53 -46.98 3.18
CA VAL A 271 -22.17 -45.65 2.65
C VAL A 271 -22.76 -44.56 3.52
N LEU A 272 -24.08 -44.60 3.73
CA LEU A 272 -24.79 -43.51 4.41
C LEU A 272 -24.32 -43.22 5.86
N GLU A 273 -24.04 -44.27 6.63
CA GLU A 273 -23.44 -44.11 7.97
C GLU A 273 -22.02 -43.53 7.96
N TYR A 274 -21.28 -43.75 6.87
CA TYR A 274 -19.93 -43.21 6.69
C TYR A 274 -19.88 -41.81 6.00
N GLN A 275 -20.87 -41.51 5.17
CA GLN A 275 -20.69 -40.50 4.11
C GLN A 275 -20.40 -39.09 4.62
N GLY A 276 -21.10 -38.68 5.68
CA GLY A 276 -20.94 -37.34 6.29
C GLY A 276 -20.16 -37.35 7.61
N LYS A 277 -19.36 -38.38 7.83
CA LYS A 277 -18.38 -38.39 8.91
C LYS A 277 -17.11 -37.71 8.46
N TYR A 278 -16.95 -37.56 7.14
CA TYR A 278 -15.71 -37.15 6.54
C TYR A 278 -15.89 -35.85 5.80
N ILE A 279 -14.77 -35.13 5.64
CA ILE A 279 -14.63 -34.01 4.68
C ILE A 279 -13.33 -34.07 3.90
N LEU A 280 -13.32 -33.38 2.76
CA LEU A 280 -12.17 -33.39 1.84
C LEU A 280 -11.06 -32.35 2.10
N LYS A 281 -9.84 -32.86 2.30
CA LYS A 281 -8.64 -32.02 2.40
C LYS A 281 -7.99 -31.92 1.03
N VAL A 282 -7.07 -30.97 0.84
CA VAL A 282 -6.05 -31.01 -0.24
C VAL A 282 -4.79 -31.57 0.39
N CYS A 283 -4.25 -32.65 -0.16
CA CYS A 283 -3.02 -33.25 0.36
C CYS A 283 -1.88 -32.23 0.23
N GLY A 284 -1.10 -32.05 1.29
CA GLY A 284 0.10 -31.18 1.28
C GLY A 284 0.00 -29.76 1.82
N CYS A 285 -1.21 -29.36 2.22
CA CYS A 285 -1.45 -28.03 2.77
C CYS A 285 -2.83 -27.95 3.43
N ASP A 286 -3.06 -26.93 4.23
CA ASP A 286 -4.30 -26.86 4.98
C ASP A 286 -5.34 -26.11 4.18
N GLU A 287 -5.85 -26.78 3.17
CA GLU A 287 -6.99 -26.30 2.38
C GLU A 287 -8.04 -27.40 2.47
N TYR A 288 -9.31 -27.03 2.37
CA TYR A 288 -10.42 -27.97 2.56
C TYR A 288 -11.62 -27.57 1.72
N PHE A 289 -12.48 -28.56 1.45
CA PHE A 289 -13.68 -28.36 0.64
C PHE A 289 -14.94 -28.50 1.51
N LEU A 290 -15.28 -27.42 2.21
CA LEU A 290 -16.35 -27.48 3.19
C LEU A 290 -17.68 -26.95 2.67
N GLU A 291 -17.82 -26.63 1.38
CA GLU A 291 -19.19 -26.32 0.91
C GLU A 291 -19.42 -26.69 -0.51
N LYS A 292 -20.71 -26.80 -0.85
CA LYS A 292 -21.12 -27.32 -2.15
C LYS A 292 -20.87 -26.33 -3.28
N TYR A 293 -19.65 -26.37 -3.76
CA TYR A 293 -19.32 -25.81 -5.04
C TYR A 293 -19.00 -27.00 -5.94
N PRO A 294 -19.13 -26.83 -7.27
CA PRO A 294 -18.54 -27.76 -8.22
C PRO A 294 -17.05 -27.94 -7.95
N LEU A 295 -16.55 -29.17 -7.94
CA LEU A 295 -15.09 -29.38 -7.73
C LEU A 295 -14.24 -28.44 -8.56
N SER A 296 -14.61 -28.31 -9.83
CA SER A 296 -13.97 -27.38 -10.78
C SER A 296 -13.86 -25.94 -10.31
N GLN A 297 -14.84 -25.50 -9.51
CA GLN A 297 -14.85 -24.15 -8.97
C GLN A 297 -13.86 -23.89 -7.83
N TYR A 298 -13.37 -24.91 -7.15
CA TYR A 298 -12.25 -24.71 -6.20
C TYR A 298 -11.00 -24.46 -7.02
N LYS A 299 -10.07 -23.67 -6.50
CA LYS A 299 -8.92 -23.24 -7.29
C LYS A 299 -7.98 -24.40 -7.52
N TYR A 300 -7.76 -25.23 -6.51
CA TYR A 300 -6.86 -26.38 -6.63
C TYR A 300 -7.19 -27.26 -7.82
N ILE A 301 -8.47 -27.51 -8.03
CA ILE A 301 -8.89 -28.42 -9.08
C ILE A 301 -8.51 -27.78 -10.39
N ARG A 302 -9.09 -26.60 -10.64
CA ARG A 302 -8.83 -25.83 -11.87
C ARG A 302 -7.32 -25.61 -12.19
N SER A 303 -6.47 -25.49 -11.16
CA SER A 303 -5.02 -25.52 -11.37
C SER A 303 -4.56 -26.86 -11.91
N CYS A 304 -4.99 -27.93 -11.24
CA CYS A 304 -4.62 -29.31 -11.58
C CYS A 304 -4.98 -29.62 -13.03
N ILE A 305 -6.15 -29.15 -13.45
CA ILE A 305 -6.62 -29.33 -14.83
C ILE A 305 -5.71 -28.62 -15.85
N MET A 306 -5.30 -27.39 -15.53
CA MET A 306 -4.44 -26.60 -16.42
C MET A 306 -3.02 -27.13 -16.48
N LEU A 307 -2.46 -27.48 -15.33
CA LEU A 307 -1.10 -28.01 -15.25
C LEU A 307 -0.96 -29.49 -15.69
N GLY A 308 -2.09 -30.15 -15.97
CA GLY A 308 -2.10 -31.57 -16.39
C GLY A 308 -1.76 -32.46 -15.22
N ARG A 309 -2.58 -32.37 -14.17
CA ARG A 309 -2.34 -33.06 -12.91
C ARG A 309 -3.60 -33.72 -12.36
N MET A 310 -3.36 -34.77 -11.60
CA MET A 310 -4.40 -35.60 -11.06
C MET A 310 -4.55 -35.12 -9.63
N PRO A 311 -5.69 -34.52 -9.27
CA PRO A 311 -5.81 -33.97 -7.92
C PRO A 311 -5.69 -35.00 -6.84
N ASN A 312 -5.06 -34.64 -5.73
CA ASN A 312 -4.84 -35.53 -4.59
C ASN A 312 -5.44 -34.99 -3.32
N LEU A 313 -6.67 -35.42 -3.06
CA LEU A 313 -7.42 -35.03 -1.89
C LEU A 313 -7.16 -36.06 -0.78
N MET A 314 -7.68 -35.79 0.40
CA MET A 314 -7.58 -36.70 1.53
C MET A 314 -8.92 -36.78 2.22
N LEU A 315 -9.29 -37.98 2.67
CA LEU A 315 -10.54 -38.16 3.38
C LEU A 315 -10.20 -37.96 4.81
N MET A 316 -10.86 -36.97 5.39
CA MET A 316 -10.56 -36.54 6.73
C MET A 316 -11.81 -36.61 7.60
N ALA A 317 -11.64 -37.31 8.72
CA ALA A 317 -12.58 -37.32 9.82
C ALA A 317 -12.94 -35.87 10.25
N LYS A 318 -14.23 -35.54 10.25
CA LYS A 318 -14.66 -34.24 10.80
C LYS A 318 -14.25 -34.04 12.24
N GLU A 319 -14.29 -35.09 13.05
CA GLU A 319 -13.84 -34.97 14.43
C GLU A 319 -12.34 -34.77 14.55
N SER A 320 -11.54 -35.37 13.68
CA SER A 320 -10.09 -35.07 13.69
C SER A 320 -9.81 -33.64 13.15
N LEU A 321 -10.77 -33.05 12.41
CA LEU A 321 -10.72 -31.63 12.02
C LEU A 321 -11.22 -30.73 13.14
N TYR A 322 -12.47 -30.91 13.56
CA TYR A 322 -13.02 -30.19 14.72
C TYR A 322 -12.20 -30.40 16.03
N SER A 323 -11.37 -31.43 16.07
CA SER A 323 -10.31 -31.55 17.07
C SER A 323 -9.46 -30.30 17.10
N GLN A 324 -8.90 -29.97 15.92
CA GLN A 324 -7.85 -28.95 15.78
C GLN A 324 -8.30 -27.48 15.89
N LEU A 325 -9.60 -27.19 15.82
CA LEU A 325 -10.11 -25.81 15.97
C LEU A 325 -10.39 -25.47 17.44
N PRO A 326 -9.56 -24.62 18.06
CA PRO A 326 -9.84 -24.29 19.45
C PRO A 326 -10.90 -23.21 19.52
N MET A 327 -11.49 -23.00 20.69
CA MET A 327 -12.58 -22.04 20.82
C MET A 327 -12.02 -20.62 20.73
N ASP A 328 -12.79 -19.77 20.05
CA ASP A 328 -12.41 -18.37 19.76
C ASP A 328 -12.58 -17.43 20.96
N CYS A 329 -13.62 -17.68 21.76
CA CYS A 329 -13.77 -17.08 23.11
C CYS A 329 -13.58 -15.55 23.20
N PHE A 330 -14.47 -14.79 22.55
CA PHE A 330 -14.38 -13.33 22.53
C PHE A 330 -14.78 -12.67 23.84
N THR A 331 -14.09 -11.58 24.17
CA THR A 331 -14.29 -10.82 25.40
C THR A 331 -14.28 -9.33 25.10
N MET A 332 -15.29 -8.62 25.57
CA MET A 332 -15.31 -7.18 25.51
C MET A 332 -14.23 -6.61 26.40
N PRO A 333 -13.48 -5.61 25.91
CA PRO A 333 -12.36 -5.07 26.70
C PRO A 333 -12.79 -4.23 27.90
N SER A 334 -11.79 -3.81 28.67
CA SER A 334 -11.99 -2.96 29.86
C SER A 334 -12.68 -1.64 29.54
N TYR A 335 -12.38 -1.09 28.35
CA TYR A 335 -12.99 0.15 27.86
C TYR A 335 -14.44 -0.13 27.32
N SER A 336 -15.35 -0.47 28.23
CA SER A 336 -16.73 -0.98 27.93
C SER A 336 -16.91 -1.65 26.55
N GLU A 349 -25.05 20.41 23.06
CA GLU A 349 -25.34 21.78 23.47
C GLU A 349 -26.79 22.17 23.09
N THR A 350 -27.76 21.43 23.63
CA THR A 350 -29.22 21.73 23.53
C THR A 350 -29.79 21.89 22.10
N SER A 351 -29.33 21.04 21.17
CA SER A 351 -29.68 21.08 19.73
C SER A 351 -28.91 22.13 18.87
N THR A 352 -27.92 22.80 19.47
CA THR A 352 -26.83 23.52 18.74
C THR A 352 -27.26 24.71 17.85
N LYS A 353 -26.87 24.74 16.56
CA LYS A 353 -27.34 25.76 15.60
C LYS A 353 -26.99 25.41 14.15
N SER A 354 -27.91 24.77 13.42
CA SER A 354 -27.73 24.36 11.99
C SER A 354 -26.88 25.27 11.08
N LEU A 355 -26.00 24.65 10.30
CA LEU A 355 -25.10 25.34 9.39
C LEU A 355 -25.88 26.29 8.49
N TRP A 356 -27.08 25.90 8.10
CA TRP A 356 -27.86 26.67 7.13
C TRP A 356 -28.46 28.01 7.65
N VAL A 357 -28.48 28.17 8.98
CA VAL A 357 -28.86 29.42 9.63
C VAL A 357 -27.76 30.49 9.52
N ILE A 358 -26.48 30.07 9.46
CA ILE A 358 -25.34 31.00 9.56
C ILE A 358 -25.26 31.90 8.32
N ASN A 359 -25.38 33.20 8.56
CA ASN A 359 -25.46 34.19 7.52
C ASN A 359 -24.14 34.96 7.42
N SER A 360 -23.14 34.32 6.83
CA SER A 360 -21.82 34.94 6.58
C SER A 360 -20.97 34.14 5.58
N ALA A 361 -19.89 34.74 5.13
CA ALA A 361 -18.89 34.02 4.33
C ALA A 361 -17.88 33.33 5.26
N LEU A 362 -17.08 32.44 4.70
CA LEU A 362 -16.02 31.82 5.45
C LEU A 362 -14.82 32.74 5.46
N ARG A 363 -14.25 32.86 6.65
CA ARG A 363 -12.99 33.55 6.84
C ARG A 363 -12.18 32.79 7.86
N ILE A 364 -10.88 32.69 7.58
CA ILE A 364 -9.97 31.95 8.41
C ILE A 364 -8.80 32.87 8.77
N LYS A 365 -8.55 33.01 10.07
CA LYS A 365 -7.39 33.77 10.55
C LYS A 365 -6.15 32.87 10.55
N ILE A 366 -5.17 33.24 9.73
CA ILE A 366 -3.82 32.70 9.80
C ILE A 366 -3.14 33.52 10.91
N LEU A 367 -2.32 32.91 11.75
CA LEU A 367 -1.61 33.63 12.84
C LEU A 367 -0.07 33.61 12.66
N CYS A 368 0.57 32.47 12.97
CA CYS A 368 2.03 32.43 13.01
C CYS A 368 2.57 31.01 12.88
N ALA A 369 3.47 30.82 11.92
CA ALA A 369 4.30 29.62 11.85
C ALA A 369 5.54 29.88 12.68
N THR A 370 6.08 28.82 13.28
CA THR A 370 7.18 28.92 14.24
C THR A 370 8.52 28.46 13.67
N TYR A 371 8.50 27.25 13.09
CA TYR A 371 9.71 26.45 12.91
C TYR A 371 10.11 26.34 11.43
N VAL A 372 10.29 27.48 10.76
CA VAL A 372 10.51 27.50 9.31
C VAL A 372 12.00 27.55 8.91
N ASN A 373 12.47 26.50 8.23
CA ASN A 373 13.89 26.28 7.92
C ASN A 373 14.25 26.73 6.49
N VAL A 374 14.75 27.96 6.38
CA VAL A 374 14.96 28.64 5.08
C VAL A 374 16.27 29.42 5.08
N ASN A 375 17.02 29.35 3.98
CA ASN A 375 18.18 30.24 3.77
C ASN A 375 17.73 31.66 3.45
N ILE A 376 17.99 32.61 4.34
CA ILE A 376 17.57 34.01 4.15
C ILE A 376 18.28 34.63 2.94
N ARG A 377 19.45 34.10 2.59
CA ARG A 377 20.16 34.49 1.38
C ARG A 377 19.39 34.02 0.15
N ASP A 378 19.11 32.72 0.12
CA ASP A 378 18.55 32.06 -1.05
C ASP A 378 17.12 32.53 -1.36
N ILE A 379 16.28 32.62 -0.32
CA ILE A 379 14.84 32.91 -0.46
C ILE A 379 14.52 34.37 -0.10
N ASP A 380 13.71 35.04 -0.94
CA ASP A 380 13.29 36.42 -0.69
C ASP A 380 12.25 36.47 0.43
N LYS A 381 11.06 35.94 0.15
CA LYS A 381 9.89 36.14 1.00
C LYS A 381 8.98 34.91 1.04
N ILE A 382 8.24 34.78 2.14
CA ILE A 382 7.36 33.62 2.36
C ILE A 382 5.96 33.99 2.85
N TYR A 383 4.96 33.24 2.37
CA TYR A 383 3.55 33.47 2.68
C TYR A 383 2.78 32.16 2.87
N VAL A 384 1.52 32.26 3.30
CA VAL A 384 0.62 31.09 3.43
C VAL A 384 -0.45 31.01 2.35
N ARG A 385 -0.24 30.14 1.37
CA ARG A 385 -1.28 29.81 0.41
C ARG A 385 -2.38 29.01 1.11
N THR A 386 -3.62 29.13 0.62
CA THR A 386 -4.80 28.45 1.17
C THR A 386 -5.83 28.16 0.07
N GLY A 387 -6.79 27.30 0.40
CA GLY A 387 -7.91 26.97 -0.49
C GLY A 387 -8.91 26.10 0.26
N ILE A 388 -10.16 26.13 -0.18
CA ILE A 388 -11.14 25.19 0.33
C ILE A 388 -11.20 24.12 -0.74
N TYR A 389 -11.37 22.85 -0.33
CA TYR A 389 -11.42 21.72 -1.27
C TYR A 389 -12.54 20.68 -0.99
N HIS A 390 -12.79 19.86 -2.02
CA HIS A 390 -13.63 18.66 -1.98
C HIS A 390 -13.03 17.60 -2.97
N GLY A 391 -11.72 17.29 -2.89
CA GLY A 391 -11.00 16.69 -4.02
C GLY A 391 -10.55 17.79 -4.99
N GLY A 392 -11.51 18.44 -5.69
CA GLY A 392 -11.30 19.77 -6.35
C GLY A 392 -11.86 20.94 -5.51
N GLU A 393 -11.53 22.19 -5.87
CA GLU A 393 -11.80 23.41 -5.02
C GLU A 393 -13.19 24.08 -5.17
N PRO A 394 -13.94 24.36 -4.06
CA PRO A 394 -15.21 25.10 -4.22
C PRO A 394 -15.14 26.64 -4.17
N LEU A 395 -13.95 27.23 -4.40
CA LEU A 395 -13.80 28.71 -4.56
C LEU A 395 -12.41 29.11 -5.02
N CYS A 396 -12.26 30.38 -5.38
CA CYS A 396 -10.97 30.90 -5.80
C CYS A 396 -9.94 30.72 -4.71
N ASP A 397 -8.80 30.18 -5.11
CA ASP A 397 -7.70 29.94 -4.21
C ASP A 397 -7.15 31.30 -3.80
N ASN A 398 -6.90 31.49 -2.52
CA ASN A 398 -6.23 32.71 -2.08
C ASN A 398 -5.08 32.50 -1.09
N VAL A 399 -4.16 33.47 -1.12
CA VAL A 399 -2.96 33.43 -0.31
C VAL A 399 -3.18 34.45 0.78
N ASN A 400 -2.11 34.81 1.48
CA ASN A 400 -2.08 36.05 2.21
C ASN A 400 -0.87 36.87 1.76
N THR A 401 -0.68 38.05 2.35
CA THR A 401 0.43 38.94 1.97
C THR A 401 1.78 38.35 2.40
N GLN A 402 2.86 38.79 1.75
CA GLN A 402 4.20 38.21 1.89
C GLN A 402 4.98 38.75 3.13
N ARG A 403 4.30 38.78 4.28
CA ARG A 403 4.73 39.55 5.45
C ARG A 403 5.72 38.83 6.36
N VAL A 404 6.42 39.65 7.16
CA VAL A 404 7.57 39.28 8.03
C VAL A 404 8.37 38.11 7.44
N PRO A 405 8.75 38.24 6.15
CA PRO A 405 9.31 37.11 5.39
C PRO A 405 10.57 36.53 6.04
N CYS A 406 10.76 35.22 5.84
CA CYS A 406 11.82 34.44 6.46
C CYS A 406 12.02 34.65 7.97
N SER A 407 12.62 35.76 8.37
CA SER A 407 12.97 35.97 9.79
C SER A 407 11.72 36.09 10.67
N ASN A 408 11.40 34.97 11.35
CA ASN A 408 10.29 34.89 12.33
C ASN A 408 8.90 35.32 11.75
N PRO A 409 8.30 34.46 10.90
CA PRO A 409 7.12 34.83 10.09
C PRO A 409 5.76 34.78 10.83
N ARG A 410 5.01 35.87 10.68
CA ARG A 410 3.83 36.15 11.47
C ARG A 410 2.91 37.03 10.63
N TRP A 411 1.71 36.54 10.35
CA TRP A 411 0.66 37.28 9.65
C TRP A 411 -0.52 37.11 10.57
N ASN A 412 -1.15 38.20 11.00
CA ASN A 412 -2.36 38.07 11.80
C ASN A 412 -3.50 38.68 11.03
N GLU A 413 -3.88 37.98 9.97
CA GLU A 413 -4.90 38.43 9.03
C GLU A 413 -5.97 37.37 8.75
N TRP A 414 -7.22 37.83 8.73
CA TRP A 414 -8.36 37.03 8.30
C TRP A 414 -8.35 36.87 6.78
N LEU A 415 -8.23 35.63 6.32
CA LEU A 415 -8.38 35.32 4.91
C LEU A 415 -9.88 35.23 4.60
N ASN A 416 -10.29 35.76 3.44
CA ASN A 416 -11.70 35.94 3.08
C ASN A 416 -12.10 35.15 1.83
N TYR A 417 -12.83 34.06 2.05
CA TYR A 417 -13.19 33.07 1.02
C TYR A 417 -14.59 33.33 0.52
N ASP A 418 -14.72 33.54 -0.80
CA ASP A 418 -16.02 33.82 -1.43
C ASP A 418 -16.89 32.55 -1.58
N ILE A 419 -17.48 32.14 -0.46
CA ILE A 419 -18.42 31.04 -0.39
C ILE A 419 -19.22 31.28 0.88
N TYR A 420 -20.54 31.10 0.85
CA TYR A 420 -21.33 31.28 2.07
C TYR A 420 -21.15 30.03 2.92
N ILE A 421 -21.23 30.20 4.23
CA ILE A 421 -21.05 29.09 5.17
C ILE A 421 -22.04 27.95 4.92
N PRO A 422 -23.31 28.24 4.56
CA PRO A 422 -24.23 27.12 4.26
C PRO A 422 -23.92 26.27 3.00
N ASP A 423 -23.15 26.83 2.07
CA ASP A 423 -22.73 26.10 0.87
C ASP A 423 -21.46 25.24 1.03
N LEU A 424 -20.83 25.28 2.21
CA LEU A 424 -19.81 24.30 2.54
C LEU A 424 -20.42 22.89 2.61
N PRO A 425 -19.92 21.96 1.76
CA PRO A 425 -20.39 20.57 1.82
C PRO A 425 -19.80 19.79 3.00
N ARG A 426 -20.50 18.73 3.43
CA ARG A 426 -20.07 17.91 4.59
C ARG A 426 -18.60 17.55 4.60
N ALA A 427 -18.09 17.22 3.42
CA ALA A 427 -16.71 16.78 3.27
C ALA A 427 -15.75 17.91 2.88
N ALA A 428 -16.03 19.12 3.34
CA ALA A 428 -15.20 20.26 2.99
C ALA A 428 -13.93 20.23 3.81
N ARG A 429 -12.84 20.69 3.18
CA ARG A 429 -11.51 20.65 3.77
C ARG A 429 -10.70 21.92 3.39
N LEU A 430 -10.07 22.53 4.39
CA LEU A 430 -9.06 23.56 4.21
C LEU A 430 -7.70 22.93 3.85
N CYS A 431 -7.05 23.43 2.81
CA CYS A 431 -5.69 22.99 2.43
C CYS A 431 -4.78 24.18 2.34
N LEU A 432 -3.69 24.13 3.08
CA LEU A 432 -2.80 25.27 3.15
C LEU A 432 -1.36 24.81 3.03
N SER A 433 -0.48 25.78 2.84
CA SER A 433 0.93 25.54 2.54
C SER A 433 1.72 26.81 2.63
N ILE A 434 2.84 26.76 3.35
CA ILE A 434 3.76 27.90 3.41
C ILE A 434 4.64 27.85 2.15
N CYS A 435 4.74 28.97 1.44
CA CYS A 435 5.48 29.00 0.16
C CYS A 435 6.65 30.01 0.15
N SER A 436 7.47 29.97 -0.90
CA SER A 436 8.64 30.85 -1.06
C SER A 436 8.55 31.62 -2.36
N VAL A 437 9.05 32.87 -2.34
CA VAL A 437 9.24 33.68 -3.56
C VAL A 437 10.61 34.34 -3.56
N GLU A 445 8.03 35.14 -10.68
CA GLU A 445 7.45 33.82 -10.44
C GLU A 445 8.51 32.88 -9.87
N GLU A 446 8.82 33.08 -8.58
CA GLU A 446 9.76 32.25 -7.82
C GLU A 446 8.99 31.31 -6.84
N HIS A 447 7.79 30.89 -7.22
CA HIS A 447 6.83 30.28 -6.28
C HIS A 447 7.20 28.83 -5.97
N CYS A 448 7.18 28.46 -4.69
CA CYS A 448 7.79 27.20 -4.24
C CYS A 448 7.39 26.77 -2.81
N PRO A 449 6.73 25.59 -2.66
CA PRO A 449 6.20 25.22 -1.35
C PRO A 449 7.28 24.77 -0.36
N LEU A 450 7.10 25.13 0.91
CA LEU A 450 7.96 24.65 2.01
C LEU A 450 7.33 23.47 2.74
N ALA A 451 6.10 23.66 3.18
CA ALA A 451 5.35 22.70 3.99
C ALA A 451 3.89 22.68 3.54
N TRP A 452 3.09 21.78 4.11
CA TRP A 452 1.65 21.72 3.83
C TRP A 452 0.90 20.96 4.92
N GLY A 453 -0.42 21.15 4.95
CA GLY A 453 -1.27 20.45 5.92
C GLY A 453 -2.71 20.76 5.64
N ASN A 454 -3.61 19.79 5.86
CA ASN A 454 -5.03 20.02 5.62
C ASN A 454 -5.87 19.74 6.85
N ILE A 455 -7.03 20.39 6.93
CA ILE A 455 -7.97 20.24 8.05
C ILE A 455 -9.37 20.01 7.52
N ASN A 456 -10.12 19.12 8.17
CA ASN A 456 -11.52 18.95 7.87
C ASN A 456 -12.30 20.08 8.53
N LEU A 457 -13.04 20.84 7.73
CA LEU A 457 -13.84 21.95 8.26
C LEU A 457 -14.94 21.46 9.15
N PHE A 458 -15.34 20.21 9.02
CA PHE A 458 -16.27 19.59 9.97
C PHE A 458 -15.56 18.46 10.73
N ASP A 459 -15.88 18.31 12.00
CA ASP A 459 -15.28 17.25 12.78
C ASP A 459 -16.12 15.98 12.61
N TYR A 460 -15.70 14.91 13.27
CA TYR A 460 -16.37 13.62 13.11
C TYR A 460 -17.79 13.59 13.66
N THR A 461 -18.09 14.48 14.60
CA THR A 461 -19.46 14.64 15.14
C THR A 461 -20.37 15.56 14.28
N ASP A 462 -19.95 15.91 13.06
CA ASP A 462 -20.65 16.84 12.14
C ASP A 462 -20.53 18.33 12.49
N THR A 463 -19.58 18.66 13.36
CA THR A 463 -19.49 20.00 13.95
C THR A 463 -18.55 20.94 13.19
N LEU A 464 -19.11 21.98 12.57
CA LEU A 464 -18.30 22.99 11.89
C LEU A 464 -17.24 23.51 12.88
N VAL A 465 -16.01 23.61 12.39
CA VAL A 465 -14.83 23.84 13.23
C VAL A 465 -14.72 25.34 13.58
N SER A 466 -14.49 25.63 14.87
CA SER A 466 -14.43 27.01 15.40
C SER A 466 -13.39 27.14 16.51
N GLY A 467 -12.77 28.31 16.61
CA GLY A 467 -11.74 28.56 17.64
C GLY A 467 -10.32 28.50 17.14
N LYS A 468 -9.38 28.11 18.00
CA LYS A 468 -7.96 28.02 17.61
C LYS A 468 -7.47 26.58 17.40
N MET A 469 -6.56 26.43 16.43
CA MET A 469 -6.04 25.12 15.99
C MET A 469 -4.53 25.22 15.81
N ALA A 470 -3.82 24.20 16.31
CA ALA A 470 -2.41 23.99 16.03
C ALA A 470 -2.29 22.94 14.92
N LEU A 471 -1.58 23.26 13.84
CA LEU A 471 -1.44 22.32 12.72
C LEU A 471 0.02 22.14 12.31
N ASN A 472 0.60 21.02 12.74
CA ASN A 472 2.00 20.68 12.42
C ASN A 472 2.07 20.14 11.01
N LEU A 473 2.95 20.69 10.19
CA LEU A 473 2.88 20.45 8.74
C LEU A 473 3.77 19.32 8.25
N TRP A 474 3.50 18.88 7.02
CA TRP A 474 4.19 17.78 6.34
C TRP A 474 5.20 18.37 5.37
N PRO A 475 6.31 17.66 5.09
CA PRO A 475 7.22 18.16 4.07
C PRO A 475 6.72 17.81 2.68
N VAL A 476 7.04 18.62 1.69
CA VAL A 476 6.58 18.37 0.33
C VAL A 476 7.26 17.13 -0.23
N PRO A 477 6.47 16.16 -0.74
CA PRO A 477 7.12 14.95 -1.27
C PRO A 477 7.80 15.17 -2.63
N HIS A 478 8.33 14.08 -3.19
CA HIS A 478 9.13 14.13 -4.42
C HIS A 478 8.35 14.71 -5.60
N GLY A 479 7.34 13.97 -6.06
CA GLY A 479 6.63 14.28 -7.30
C GLY A 479 5.90 15.61 -7.32
N LEU A 480 5.40 16.04 -6.17
CA LEU A 480 4.67 17.31 -6.07
C LEU A 480 5.59 18.55 -6.17
N GLU A 481 5.52 19.20 -7.34
CA GLU A 481 6.00 20.58 -7.52
C GLU A 481 4.90 21.61 -7.21
N ASP A 482 3.62 21.18 -7.30
CA ASP A 482 2.44 22.03 -7.01
C ASP A 482 2.54 22.74 -5.67
N LEU A 483 1.75 23.79 -5.51
CA LEU A 483 1.87 24.66 -4.35
C LEU A 483 1.18 24.14 -3.10
N LEU A 484 0.13 23.34 -3.26
CA LEU A 484 -0.83 23.15 -2.19
C LEU A 484 -1.13 21.73 -1.69
N ASN A 485 -1.22 20.75 -2.60
CA ASN A 485 -1.42 19.32 -2.21
C ASN A 485 -2.68 18.99 -1.36
N PRO A 486 -3.86 18.88 -1.99
CA PRO A 486 -5.11 18.58 -1.32
C PRO A 486 -5.49 17.08 -1.26
N ILE A 487 -4.88 16.23 -2.09
CA ILE A 487 -5.04 14.77 -1.96
C ILE A 487 -4.29 14.27 -0.71
N GLY A 488 -3.25 15.00 -0.27
CA GLY A 488 -2.53 14.66 0.96
C GLY A 488 -3.41 14.49 2.20
N VAL A 489 -2.92 13.74 3.18
CA VAL A 489 -3.76 13.32 4.31
C VAL A 489 -4.26 14.50 5.17
N THR A 490 -5.55 14.44 5.46
CA THR A 490 -6.19 15.36 6.40
C THR A 490 -5.68 15.07 7.80
N GLY A 491 -5.36 16.12 8.53
CA GLY A 491 -4.87 16.03 9.90
C GLY A 491 -3.49 16.62 10.00
N SER A 492 -3.08 16.88 11.25
CA SER A 492 -1.73 17.37 11.57
C SER A 492 -0.71 16.24 11.60
N ASN A 493 0.53 16.57 11.21
CA ASN A 493 1.69 15.71 11.43
C ASN A 493 1.91 15.39 12.94
N PRO A 494 2.12 14.09 13.27
CA PRO A 494 2.45 13.78 14.66
C PRO A 494 3.87 14.19 15.08
N ASN A 495 4.79 14.27 14.11
CA ASN A 495 6.16 14.78 14.34
C ASN A 495 6.11 16.23 14.84
N LYS A 496 6.45 16.43 16.11
CA LYS A 496 6.40 17.75 16.75
C LYS A 496 7.34 18.76 16.09
N GLU A 497 8.64 18.44 16.05
CA GLU A 497 9.65 19.38 15.51
C GLU A 497 9.55 19.48 13.97
N THR A 498 8.50 20.19 13.54
CA THR A 498 8.22 20.52 12.13
C THR A 498 7.43 21.84 12.10
N PRO A 499 7.40 22.50 10.92
CA PRO A 499 6.63 23.75 10.82
C PRO A 499 5.20 23.63 11.37
N CYS A 500 4.98 24.20 12.56
CA CYS A 500 3.63 24.29 13.16
C CYS A 500 3.02 25.65 12.88
N LEU A 501 2.07 25.71 11.96
CA LEU A 501 1.37 26.93 11.61
C LEU A 501 0.04 26.93 12.33
N GLU A 502 -0.08 27.70 13.42
CA GLU A 502 -1.36 27.82 14.14
C GLU A 502 -2.26 28.90 13.54
N LEU A 503 -3.55 28.81 13.85
CA LEU A 503 -4.58 29.57 13.13
C LEU A 503 -5.88 29.58 13.91
N GLU A 504 -6.85 30.37 13.46
CA GLU A 504 -8.11 30.58 14.18
C GLU A 504 -9.33 30.68 13.25
N PHE A 505 -10.36 29.91 13.60
CA PHE A 505 -11.61 29.81 12.87
C PHE A 505 -12.70 30.64 13.55
N ASP A 506 -13.56 31.25 12.73
CA ASP A 506 -14.67 32.09 13.22
C ASP A 506 -15.54 31.37 14.27
N TRP A 507 -16.16 32.16 15.15
CA TRP A 507 -17.02 31.65 16.23
C TRP A 507 -18.40 32.26 16.06
N PHE A 508 -19.45 31.45 16.26
CA PHE A 508 -20.81 31.91 16.03
C PHE A 508 -21.67 31.65 17.26
N SER A 509 -21.14 31.98 18.42
CA SER A 509 -21.87 31.89 19.70
C SER A 509 -22.61 30.56 19.94
N SER A 510 -22.19 29.50 19.28
CA SER A 510 -22.91 28.23 19.24
C SER A 510 -22.08 27.19 18.48
N VAL A 511 -22.22 25.93 18.87
CA VAL A 511 -21.62 24.83 18.10
C VAL A 511 -22.44 24.59 16.82
N VAL A 512 -22.06 25.27 15.74
CA VAL A 512 -22.65 25.04 14.40
C VAL A 512 -22.58 23.55 14.05
N LYS A 513 -23.68 23.00 13.53
CA LYS A 513 -23.70 21.59 13.09
C LYS A 513 -24.29 21.38 11.69
N PHE A 514 -23.90 20.28 11.05
CA PHE A 514 -24.33 20.01 9.68
C PHE A 514 -25.75 19.44 9.70
N PRO A 515 -26.62 19.90 8.77
CA PRO A 515 -28.03 19.49 8.78
C PRO A 515 -28.30 17.98 8.75
N ASP A 516 -29.41 17.57 9.36
CA ASP A 516 -29.90 16.19 9.27
C ASP A 516 -30.26 15.85 7.83
N MET A 517 -30.46 14.57 7.55
CA MET A 517 -30.85 14.15 6.22
C MET A 517 -32.29 14.55 5.95
N SER A 518 -33.16 14.30 6.93
CA SER A 518 -34.55 14.81 6.94
C SER A 518 -34.63 16.27 6.45
N VAL A 519 -33.80 17.11 7.03
CA VAL A 519 -33.73 18.53 6.67
C VAL A 519 -33.23 18.78 5.26
N ILE A 520 -32.26 17.99 4.81
CA ILE A 520 -31.70 18.10 3.45
C ILE A 520 -32.70 17.57 2.41
N GLU A 521 -33.41 16.49 2.74
CA GLU A 521 -34.46 15.92 1.86
C GLU A 521 -35.51 16.95 1.52
N GLU A 522 -36.07 17.60 2.54
CA GLU A 522 -37.05 18.68 2.34
C GLU A 522 -36.51 19.78 1.43
N HIS A 523 -35.30 20.27 1.70
CA HIS A 523 -34.72 21.33 0.88
C HIS A 523 -34.54 20.92 -0.58
N ALA A 524 -34.36 19.63 -0.80
CA ALA A 524 -34.29 19.07 -2.16
C ALA A 524 -35.67 19.00 -2.80
N ASN A 525 -36.64 18.43 -2.09
CA ASN A 525 -38.04 18.36 -2.57
C ASN A 525 -38.60 19.73 -2.91
N TRP A 526 -38.23 20.73 -2.11
CA TRP A 526 -38.51 22.14 -2.41
C TRP A 526 -37.75 22.64 -3.64
N SER A 527 -36.43 22.51 -3.67
CA SER A 527 -35.64 22.97 -4.82
C SER A 527 -36.10 22.39 -6.15
N VAL A 528 -36.66 21.18 -6.12
CA VAL A 528 -37.18 20.51 -7.30
C VAL A 528 -38.45 21.22 -7.79
N SER A 529 -39.46 21.31 -6.92
CA SER A 529 -40.71 22.02 -7.21
C SER A 529 -40.44 23.42 -7.73
N ARG A 530 -39.54 24.13 -7.08
CA ARG A 530 -39.14 25.49 -7.45
C ARG A 530 -38.62 25.59 -8.91
N GLU A 531 -37.88 24.56 -9.38
CA GLU A 531 -37.44 24.48 -10.79
C GLU A 531 -38.62 24.37 -11.77
N ALA A 532 -39.66 23.64 -11.38
CA ALA A 532 -40.85 23.45 -12.22
C ALA A 532 -41.66 24.73 -12.56
N GLY A 533 -41.48 25.81 -11.79
CA GLY A 533 -42.14 27.10 -12.06
C GLY A 533 -41.25 28.17 -12.68
N PHE A 534 -39.95 27.86 -12.79
CA PHE A 534 -39.01 28.72 -13.53
C PHE A 534 -39.53 28.77 -14.95
N SER A 535 -39.24 29.85 -15.67
CA SER A 535 -40.11 30.22 -16.76
C SER A 535 -39.46 30.31 -18.12
N TYR A 536 -40.27 29.90 -19.11
CA TYR A 536 -39.94 29.72 -20.53
C TYR A 536 -38.48 29.80 -20.91
N SER A 537 -37.88 30.98 -20.75
CA SER A 537 -36.49 31.21 -21.15
C SER A 537 -35.59 31.07 -19.93
N HIS A 538 -34.53 30.28 -20.09
CA HIS A 538 -33.37 30.41 -19.23
C HIS A 538 -32.06 30.29 -20.04
N ALA A 539 -31.36 31.44 -20.13
CA ALA A 539 -30.00 31.56 -20.67
C ALA A 539 -29.06 30.88 -19.70
N GLY A 540 -28.16 30.07 -20.24
CA GLY A 540 -27.59 29.00 -19.48
C GLY A 540 -28.76 28.10 -19.09
N LEU A 541 -29.39 27.50 -20.11
CA LEU A 541 -30.29 26.35 -19.89
C LEU A 541 -29.43 25.42 -19.07
N SER A 542 -28.24 25.13 -19.60
CA SER A 542 -27.10 24.52 -18.89
C SER A 542 -27.44 23.70 -17.65
N ASN A 543 -27.77 24.37 -16.56
CA ASN A 543 -28.08 23.68 -15.30
C ASN A 543 -29.52 23.17 -15.16
N ARG A 544 -30.45 23.64 -15.98
CA ARG A 544 -31.82 23.12 -16.01
C ARG A 544 -32.30 22.72 -17.43
N LEU A 545 -33.07 21.61 -17.45
CA LEU A 545 -33.53 20.95 -18.67
C LEU A 545 -34.22 21.89 -19.68
N ALA A 546 -35.38 22.41 -19.27
CA ALA A 546 -36.33 23.09 -20.18
C ALA A 546 -36.75 22.14 -21.32
N ARG A 547 -36.83 20.86 -20.98
CA ARG A 547 -37.10 19.77 -21.93
C ARG A 547 -38.49 19.18 -21.77
N ASP A 548 -38.87 18.94 -20.51
CA ASP A 548 -40.04 18.16 -20.08
C ASP A 548 -39.68 16.65 -20.03
N ASN A 549 -40.65 15.82 -19.64
CA ASN A 549 -40.49 14.36 -19.54
C ASN A 549 -39.93 13.69 -20.79
N GLU A 550 -40.26 14.23 -21.97
CA GLU A 550 -39.66 13.80 -23.24
C GLU A 550 -38.28 14.46 -23.44
N LEU A 551 -37.23 13.64 -23.50
CA LEU A 551 -35.90 14.09 -23.89
C LEU A 551 -35.63 13.76 -25.36
N ARG A 552 -34.55 14.32 -25.91
CA ARG A 552 -34.20 14.11 -27.32
C ARG A 552 -33.34 12.85 -27.46
N GLU A 553 -33.58 12.11 -28.54
CA GLU A 553 -32.94 10.79 -28.76
C GLU A 553 -31.45 10.92 -29.07
N ASN A 554 -31.06 12.02 -29.70
CA ASN A 554 -29.64 12.32 -29.96
C ASN A 554 -28.84 12.46 -28.65
N ASP A 555 -29.50 12.93 -27.59
CA ASP A 555 -28.91 13.16 -26.26
C ASP A 555 -28.90 11.92 -25.38
N LYS A 556 -29.99 11.16 -25.39
CA LYS A 556 -29.99 9.84 -24.73
C LYS A 556 -28.92 8.88 -25.31
N GLU A 557 -28.45 9.18 -26.53
CA GLU A 557 -27.25 8.54 -27.10
C GLU A 557 -25.95 9.21 -26.65
N GLN A 558 -25.93 10.53 -26.55
CA GLN A 558 -24.75 11.26 -26.04
C GLN A 558 -24.40 10.98 -24.58
N LEU A 559 -25.39 10.56 -23.78
CA LEU A 559 -25.17 10.29 -22.35
C LEU A 559 -24.43 8.97 -22.10
N LYS A 560 -24.94 7.89 -22.70
CA LYS A 560 -24.27 6.58 -22.64
C LYS A 560 -22.88 6.66 -23.25
N ALA A 561 -22.72 7.55 -24.23
CA ALA A 561 -21.42 7.84 -24.85
C ALA A 561 -20.43 8.38 -23.83
N ILE A 562 -20.90 9.31 -23.00
CA ILE A 562 -20.11 9.86 -21.91
C ILE A 562 -19.78 8.76 -20.90
N SER A 563 -20.82 8.04 -20.48
CA SER A 563 -20.74 6.94 -19.50
C SER A 563 -19.63 5.90 -19.78
N THR A 564 -19.44 5.58 -21.05
CA THR A 564 -18.44 4.60 -21.47
C THR A 564 -17.01 5.06 -21.25
N ARG A 565 -16.79 6.36 -21.15
CA ARG A 565 -15.43 6.90 -21.08
C ARG A 565 -14.77 6.60 -19.74
N ASP A 566 -13.45 6.50 -19.74
CA ASP A 566 -12.70 6.17 -18.52
C ASP A 566 -12.66 7.37 -17.57
N PRO A 567 -12.34 7.13 -16.28
CA PRO A 567 -12.28 8.21 -15.32
C PRO A 567 -11.35 9.35 -15.69
N LEU A 568 -10.26 9.06 -16.42
CA LEU A 568 -9.28 10.12 -16.73
C LEU A 568 -9.55 10.95 -18.00
N SER A 569 -10.55 10.56 -18.79
CA SER A 569 -11.09 11.43 -19.83
C SER A 569 -11.95 12.50 -19.15
N GLU A 570 -11.28 13.56 -18.69
CA GLU A 570 -11.93 14.65 -17.97
C GLU A 570 -13.14 15.22 -18.75
N ILE A 571 -14.13 15.70 -18.00
CA ILE A 571 -15.40 16.14 -18.55
C ILE A 571 -15.36 17.65 -18.74
N THR A 572 -15.95 18.15 -19.84
CA THR A 572 -16.03 19.60 -20.10
C THR A 572 -17.18 20.23 -19.35
N GLU A 573 -17.13 21.57 -19.19
CA GLU A 573 -18.17 22.31 -18.45
C GLU A 573 -19.54 22.20 -19.13
N GLN A 574 -19.53 22.10 -20.47
CA GLN A 574 -20.74 21.81 -21.23
C GLN A 574 -21.27 20.45 -20.83
N GLU A 575 -20.42 19.44 -20.96
CA GLU A 575 -20.77 18.07 -20.55
C GLU A 575 -21.24 18.00 -19.09
N LYS A 576 -20.61 18.78 -18.20
CA LYS A 576 -20.97 18.79 -16.79
C LYS A 576 -22.38 19.31 -16.61
N ASP A 577 -22.58 20.55 -17.03
CA ASP A 577 -23.90 21.17 -16.99
C ASP A 577 -24.95 20.26 -17.63
N PHE A 578 -24.62 19.77 -18.83
CA PHE A 578 -25.42 18.77 -19.55
C PHE A 578 -25.81 17.57 -18.70
N LEU A 579 -24.82 16.91 -18.11
CA LEU A 579 -25.11 15.77 -17.22
C LEU A 579 -26.00 16.20 -16.05
N TRP A 580 -25.67 17.35 -15.42
CA TRP A 580 -26.45 17.83 -14.28
C TRP A 580 -27.92 18.06 -14.67
N SER A 581 -28.15 18.71 -15.81
CA SER A 581 -29.51 18.94 -16.29
C SER A 581 -30.31 17.63 -16.42
N HIS A 582 -29.69 16.60 -16.99
CA HIS A 582 -30.38 15.33 -17.23
C HIS A 582 -30.17 14.29 -16.13
N ARG A 583 -29.79 14.74 -14.93
CA ARG A 583 -29.52 13.89 -13.75
C ARG A 583 -30.56 12.82 -13.47
N HIS A 584 -31.83 13.13 -13.74
CA HIS A 584 -32.91 12.19 -13.48
C HIS A 584 -32.96 11.07 -14.53
N TYR A 585 -32.62 11.37 -15.79
CA TYR A 585 -32.42 10.32 -16.80
C TYR A 585 -31.18 9.49 -16.50
N CYS A 586 -30.17 10.10 -15.90
CA CYS A 586 -28.94 9.37 -15.52
C CYS A 586 -29.20 8.17 -14.62
N VAL A 587 -30.32 8.13 -13.90
CA VAL A 587 -30.74 6.94 -13.12
C VAL A 587 -31.03 5.69 -14.00
N THR A 588 -31.44 5.91 -15.24
CA THR A 588 -31.55 4.83 -16.24
C THR A 588 -30.21 4.17 -16.58
N ILE A 589 -29.12 4.95 -16.50
CA ILE A 589 -27.77 4.50 -16.82
C ILE A 589 -26.90 4.61 -15.59
N PRO A 590 -27.17 3.83 -14.52
CA PRO A 590 -26.42 3.90 -13.25
C PRO A 590 -24.90 4.11 -13.34
N GLU A 591 -24.27 3.43 -14.31
CA GLU A 591 -22.81 3.47 -14.51
C GLU A 591 -22.24 4.89 -14.76
N ILE A 592 -23.09 5.82 -15.19
CA ILE A 592 -22.72 7.25 -15.34
C ILE A 592 -22.40 7.96 -14.00
N LEU A 593 -22.88 7.42 -12.87
CA LEU A 593 -22.81 8.09 -11.56
C LEU A 593 -21.49 8.82 -11.23
N PRO A 594 -20.34 8.12 -11.38
CA PRO A 594 -19.04 8.82 -11.19
C PRO A 594 -18.91 10.13 -11.93
N LYS A 595 -19.45 10.18 -13.14
CA LYS A 595 -19.38 11.35 -14.00
C LYS A 595 -20.37 12.42 -13.52
N LEU A 596 -21.60 11.98 -13.25
CA LEU A 596 -22.63 12.85 -12.71
C LEU A 596 -22.10 13.57 -11.48
N LEU A 597 -21.67 12.79 -10.47
CA LEU A 597 -21.13 13.33 -9.21
C LEU A 597 -20.05 14.40 -9.36
N LEU A 598 -19.19 14.25 -10.38
CA LEU A 598 -18.13 15.24 -10.68
C LEU A 598 -18.61 16.45 -11.47
N SER A 599 -19.89 16.42 -11.86
CA SER A 599 -20.56 17.55 -12.49
C SER A 599 -21.44 18.34 -11.51
N VAL A 600 -21.73 17.76 -10.33
CA VAL A 600 -22.43 18.51 -9.28
C VAL A 600 -21.55 19.67 -8.85
N LYS A 601 -22.17 20.81 -8.58
CA LYS A 601 -21.48 21.93 -7.95
C LYS A 601 -21.62 21.73 -6.44
N TRP A 602 -20.54 21.29 -5.80
CA TRP A 602 -20.51 20.98 -4.37
C TRP A 602 -20.56 22.23 -3.49
N ASN A 603 -20.13 23.37 -4.06
CA ASN A 603 -20.44 24.72 -3.52
C ASN A 603 -21.86 25.26 -3.73
N SER A 604 -22.82 24.45 -4.19
CA SER A 604 -24.23 24.84 -4.19
C SER A 604 -25.07 23.79 -3.47
N ARG A 605 -25.40 24.07 -2.20
CA ARG A 605 -26.16 23.14 -1.38
C ARG A 605 -27.52 22.79 -2.01
N ASP A 606 -28.02 23.70 -2.85
CA ASP A 606 -29.19 23.43 -3.69
C ASP A 606 -28.96 22.21 -4.56
N GLU A 607 -27.86 22.24 -5.32
CA GLU A 607 -27.47 21.09 -6.18
C GLU A 607 -27.09 19.86 -5.34
N VAL A 608 -26.24 20.04 -4.33
CA VAL A 608 -25.79 18.92 -3.49
C VAL A 608 -26.95 18.19 -2.79
N ALA A 609 -27.85 18.95 -2.17
CA ALA A 609 -28.99 18.35 -1.50
C ALA A 609 -29.81 17.47 -2.43
N GLN A 610 -29.95 17.89 -3.69
CA GLN A 610 -30.67 17.10 -4.68
C GLN A 610 -29.93 15.81 -5.01
N MET A 611 -28.60 15.91 -5.17
CA MET A 611 -27.76 14.74 -5.43
C MET A 611 -27.85 13.72 -4.30
N TYR A 612 -27.88 14.18 -3.05
CA TYR A 612 -28.12 13.29 -1.89
C TYR A 612 -29.40 12.44 -2.02
N CYS A 613 -30.45 12.98 -2.63
CA CYS A 613 -31.72 12.25 -2.82
C CYS A 613 -31.68 11.27 -3.99
N LEU A 614 -30.80 11.52 -4.95
CA LEU A 614 -30.58 10.57 -6.04
C LEU A 614 -29.83 9.35 -5.52
N VAL A 615 -28.66 9.62 -4.96
CA VAL A 615 -27.75 8.65 -4.41
C VAL A 615 -28.46 7.77 -3.34
N LYS A 616 -29.41 8.34 -2.60
CA LYS A 616 -30.20 7.59 -1.60
C LYS A 616 -30.80 6.29 -2.16
N ASP A 617 -31.26 6.32 -3.40
CA ASP A 617 -31.79 5.12 -4.04
C ASP A 617 -31.40 5.08 -5.51
N TRP A 618 -30.10 5.30 -5.74
CA TRP A 618 -29.50 5.12 -7.04
C TRP A 618 -29.29 3.62 -7.16
N PRO A 619 -29.47 3.06 -8.37
CA PRO A 619 -29.33 1.61 -8.54
C PRO A 619 -27.91 1.14 -8.24
N PRO A 620 -27.76 0.13 -7.37
CA PRO A 620 -26.45 -0.47 -7.14
C PRO A 620 -25.71 -0.86 -8.42
N ILE A 621 -24.40 -0.65 -8.42
CA ILE A 621 -23.56 -0.95 -9.56
C ILE A 621 -22.44 -1.96 -9.24
N LYS A 622 -21.80 -2.41 -10.31
CA LYS A 622 -20.78 -3.45 -10.23
C LYS A 622 -19.61 -2.94 -9.37
N PRO A 623 -19.11 -3.76 -8.44
CA PRO A 623 -18.02 -3.37 -7.56
C PRO A 623 -16.84 -2.71 -8.25
N GLU A 624 -16.42 -3.22 -9.39
CA GLU A 624 -15.30 -2.63 -10.13
C GLU A 624 -15.57 -1.17 -10.57
N GLN A 625 -16.86 -0.80 -10.68
CA GLN A 625 -17.30 0.56 -11.00
C GLN A 625 -17.53 1.41 -9.75
N ALA A 626 -18.05 0.78 -8.71
CA ALA A 626 -18.22 1.41 -7.41
C ALA A 626 -16.89 1.72 -6.69
N MET A 627 -15.83 0.97 -6.97
CA MET A 627 -14.54 1.22 -6.31
C MET A 627 -13.90 2.54 -6.67
N GLU A 628 -14.26 3.09 -7.82
CA GLU A 628 -13.84 4.42 -8.20
C GLU A 628 -14.31 5.40 -7.14
N LEU A 629 -15.52 5.18 -6.64
CA LEU A 629 -16.15 6.08 -5.68
C LEU A 629 -15.53 6.09 -4.27
N LEU A 630 -14.52 5.28 -4.02
CA LEU A 630 -13.78 5.39 -2.78
C LEU A 630 -12.37 5.93 -3.02
N ASP A 631 -12.08 6.49 -4.20
CA ASP A 631 -10.79 7.17 -4.42
C ASP A 631 -10.88 8.60 -3.88
N CYS A 632 -9.77 9.33 -3.99
CA CYS A 632 -9.69 10.72 -3.50
C CYS A 632 -10.65 11.74 -4.15
N ASN A 633 -11.15 11.45 -5.37
CA ASN A 633 -12.11 12.34 -6.04
C ASN A 633 -13.57 12.21 -5.61
N TYR A 634 -13.87 11.37 -4.64
CA TYR A 634 -15.25 11.24 -4.15
C TYR A 634 -15.22 11.16 -2.61
N PRO A 635 -14.96 12.31 -1.96
CA PRO A 635 -14.82 12.36 -0.50
C PRO A 635 -16.13 12.42 0.28
N ASP A 636 -17.28 12.53 -0.38
CA ASP A 636 -18.55 12.69 0.34
C ASP A 636 -19.00 11.42 1.08
N PRO A 637 -19.55 11.54 2.31
CA PRO A 637 -19.94 10.33 3.03
C PRO A 637 -21.06 9.53 2.37
N MET A 638 -22.03 10.24 1.79
CA MET A 638 -23.20 9.59 1.18
C MET A 638 -22.79 8.79 -0.05
N VAL A 639 -21.91 9.37 -0.87
CA VAL A 639 -21.39 8.71 -2.07
C VAL A 639 -20.62 7.43 -1.63
N ARG A 640 -19.66 7.63 -0.76
CA ARG A 640 -18.84 6.55 -0.26
C ARG A 640 -19.67 5.52 0.45
N GLY A 641 -20.81 5.91 1.00
CA GLY A 641 -21.76 4.95 1.53
C GLY A 641 -22.27 4.03 0.45
N PHE A 642 -22.88 4.64 -0.58
CA PHE A 642 -23.44 3.95 -1.73
C PHE A 642 -22.41 2.92 -2.20
N ALA A 643 -21.19 3.37 -2.46
CA ALA A 643 -20.10 2.49 -2.84
C ALA A 643 -20.02 1.25 -1.94
N VAL A 644 -19.88 1.46 -0.63
CA VAL A 644 -19.83 0.34 0.34
C VAL A 644 -21.08 -0.55 0.20
N ARG A 645 -22.25 0.05 -0.01
CA ARG A 645 -23.48 -0.72 -0.23
C ARG A 645 -23.43 -1.59 -1.51
N CYS A 646 -22.80 -1.07 -2.57
CA CYS A 646 -22.53 -1.86 -3.78
C CYS A 646 -21.71 -3.12 -3.43
N LEU A 647 -20.55 -2.89 -2.83
CA LEU A 647 -19.68 -3.98 -2.36
C LEU A 647 -20.40 -5.02 -1.48
N GLU A 648 -21.27 -4.54 -0.61
CA GLU A 648 -21.97 -5.43 0.32
C GLU A 648 -22.86 -6.41 -0.41
N LYS A 649 -23.42 -5.95 -1.53
CA LYS A 649 -24.28 -6.78 -2.37
C LYS A 649 -23.45 -7.72 -3.24
N TYR A 650 -22.64 -7.16 -4.13
CA TYR A 650 -21.99 -7.93 -5.19
C TYR A 650 -20.63 -8.56 -4.80
N LEU A 651 -19.73 -7.78 -4.20
CA LEU A 651 -18.32 -8.16 -4.03
C LEU A 651 -18.14 -9.43 -3.21
N THR A 652 -17.75 -10.51 -3.90
CA THR A 652 -17.56 -11.82 -3.27
C THR A 652 -16.29 -11.87 -2.44
N ASP A 653 -16.25 -12.78 -1.47
CA ASP A 653 -15.06 -12.97 -0.62
C ASP A 653 -13.84 -13.28 -1.44
N ASP A 654 -14.06 -13.82 -2.64
CA ASP A 654 -12.99 -14.01 -3.62
C ASP A 654 -12.47 -12.67 -4.09
N LYS A 655 -13.37 -11.91 -4.69
CA LYS A 655 -13.02 -10.72 -5.45
C LYS A 655 -12.54 -9.62 -4.51
N LEU A 656 -13.00 -9.65 -3.25
CA LEU A 656 -12.53 -8.74 -2.17
C LEU A 656 -11.05 -8.95 -1.90
N SER A 657 -10.65 -10.19 -1.60
CA SER A 657 -9.23 -10.46 -1.27
C SER A 657 -8.26 -10.19 -2.43
N GLN A 658 -8.75 -10.12 -3.67
CA GLN A 658 -7.94 -9.68 -4.80
C GLN A 658 -7.59 -8.20 -4.64
N TYR A 659 -8.67 -7.43 -4.48
CA TYR A 659 -8.63 -5.98 -4.39
C TYR A 659 -8.40 -5.45 -2.94
N LEU A 660 -8.03 -6.33 -2.02
CA LEU A 660 -7.91 -5.95 -0.63
C LEU A 660 -6.85 -4.90 -0.46
N ILE A 661 -5.79 -4.96 -1.26
CA ILE A 661 -4.72 -3.94 -1.28
C ILE A 661 -5.28 -2.55 -1.54
N GLN A 662 -6.08 -2.42 -2.60
CA GLN A 662 -6.67 -1.12 -2.94
C GLN A 662 -7.68 -0.64 -1.89
N LEU A 663 -8.34 -1.56 -1.18
CA LEU A 663 -9.36 -1.19 -0.20
C LEU A 663 -8.77 -0.73 1.12
N VAL A 664 -7.69 -1.36 1.53
CA VAL A 664 -6.88 -0.92 2.67
C VAL A 664 -6.27 0.45 2.37
N GLN A 665 -5.72 0.62 1.17
CA GLN A 665 -5.18 1.91 0.75
C GLN A 665 -6.20 3.01 0.83
N VAL A 666 -7.36 2.73 0.26
CA VAL A 666 -8.41 3.72 0.12
C VAL A 666 -8.92 4.28 1.47
N LEU A 667 -8.65 3.59 2.58
CA LEU A 667 -8.98 4.11 3.94
C LEU A 667 -8.35 5.48 4.21
N LYS A 668 -7.11 5.67 3.75
CA LYS A 668 -6.42 6.97 3.86
C LYS A 668 -7.27 8.18 3.47
N TYR A 669 -8.10 8.02 2.44
CA TYR A 669 -9.03 9.06 2.00
C TYR A 669 -10.36 9.13 2.78
N GLU A 670 -10.52 8.38 3.85
CA GLU A 670 -11.71 8.54 4.67
C GLU A 670 -11.42 9.68 5.65
N GLN A 671 -12.40 10.57 5.84
CA GLN A 671 -12.22 11.75 6.71
C GLN A 671 -12.02 11.38 8.17
N TYR A 672 -12.78 10.39 8.62
CA TYR A 672 -12.85 10.07 10.03
C TYR A 672 -12.50 8.61 10.29
N LEU A 673 -12.04 8.31 11.50
CA LEU A 673 -11.65 6.96 11.90
C LEU A 673 -12.75 5.94 11.69
N ASP A 674 -13.91 6.30 12.21
CA ASP A 674 -15.07 5.49 12.14
C ASP A 674 -15.87 5.90 10.92
N ASN A 675 -16.17 4.91 10.08
CA ASN A 675 -16.87 5.08 8.83
C ASN A 675 -17.36 3.72 8.34
N LEU A 676 -18.06 3.69 7.21
CA LEU A 676 -18.73 2.46 6.75
C LEU A 676 -17.76 1.50 6.11
N LEU A 677 -16.89 2.01 5.24
CA LEU A 677 -15.85 1.21 4.64
C LEU A 677 -15.02 0.43 5.67
N VAL A 678 -14.60 1.09 6.75
CA VAL A 678 -13.85 0.42 7.81
C VAL A 678 -14.66 -0.74 8.41
N ARG A 679 -15.94 -0.47 8.67
CA ARG A 679 -16.84 -1.45 9.29
C ARG A 679 -17.14 -2.64 8.38
N PHE A 680 -17.10 -2.40 7.06
CA PHE A 680 -17.27 -3.45 6.04
C PHE A 680 -16.09 -4.42 6.06
N LEU A 681 -14.90 -3.87 5.87
CA LEU A 681 -13.68 -4.65 5.83
C LEU A 681 -13.47 -5.36 7.17
N LEU A 682 -13.48 -4.62 8.27
CA LEU A 682 -13.24 -5.23 9.57
C LEU A 682 -14.13 -6.44 9.75
N LYS A 683 -15.39 -6.33 9.32
CA LYS A 683 -16.33 -7.44 9.48
C LYS A 683 -15.93 -8.64 8.63
N LYS A 684 -15.68 -8.42 7.33
CA LYS A 684 -15.21 -9.49 6.42
C LYS A 684 -13.94 -10.19 6.94
N ALA A 685 -12.99 -9.41 7.43
CA ALA A 685 -11.77 -9.93 8.04
C ALA A 685 -12.01 -10.87 9.22
N LEU A 686 -12.98 -10.52 10.06
CA LEU A 686 -13.37 -11.38 11.19
C LEU A 686 -14.32 -12.56 10.82
N THR A 687 -14.83 -12.54 9.59
CA THR A 687 -15.74 -13.54 9.04
C THR A 687 -15.03 -14.63 8.20
N ASN A 688 -13.84 -14.33 7.72
CA ASN A 688 -13.11 -15.16 6.78
C ASN A 688 -11.62 -15.04 7.08
N GLN A 689 -11.03 -16.07 7.67
CA GLN A 689 -9.66 -15.98 8.20
C GLN A 689 -8.59 -15.78 7.12
N ARG A 690 -8.95 -16.06 5.86
CA ARG A 690 -8.04 -15.88 4.74
C ARG A 690 -7.93 -14.41 4.37
N ILE A 691 -9.04 -13.69 4.43
CA ILE A 691 -9.01 -12.22 4.28
C ILE A 691 -8.30 -11.61 5.48
N GLY A 692 -8.79 -11.92 6.66
CA GLY A 692 -8.17 -11.50 7.88
C GLY A 692 -6.66 -11.58 7.80
N HIS A 693 -6.13 -12.67 7.25
CA HIS A 693 -4.68 -12.83 7.21
C HIS A 693 -3.96 -11.73 6.46
N PHE A 694 -4.48 -11.39 5.28
CA PHE A 694 -3.84 -10.39 4.43
C PHE A 694 -4.20 -8.98 4.85
N PHE A 695 -5.40 -8.84 5.41
CA PHE A 695 -5.81 -7.59 6.03
C PHE A 695 -4.84 -7.19 7.13
N PHE A 696 -4.39 -8.16 7.91
CA PHE A 696 -3.49 -7.88 9.02
C PHE A 696 -2.21 -7.39 8.42
N TRP A 697 -1.64 -8.20 7.55
CA TRP A 697 -0.32 -7.91 6.99
C TRP A 697 -0.27 -6.58 6.23
N HIS A 698 -1.32 -6.26 5.48
CA HIS A 698 -1.30 -5.02 4.71
C HIS A 698 -1.35 -3.78 5.57
N LEU A 699 -2.08 -3.84 6.68
CA LEU A 699 -2.10 -2.77 7.66
C LEU A 699 -0.77 -2.76 8.39
N LYS A 700 -0.42 -3.88 8.99
CA LYS A 700 0.85 -4.03 9.67
C LYS A 700 2.02 -3.50 8.85
N SER A 701 1.99 -3.77 7.54
CA SER A 701 3.01 -3.32 6.58
C SER A 701 3.28 -1.83 6.69
N GLU A 702 2.22 -1.04 6.63
CA GLU A 702 2.33 0.41 6.61
C GLU A 702 2.41 1.04 8.01
N MET A 703 2.59 0.28 9.08
CA MET A 703 2.56 0.87 10.42
C MET A 703 3.67 1.86 10.72
N HIS A 704 4.82 1.72 10.06
CA HIS A 704 5.89 2.74 10.13
C HIS A 704 5.50 4.13 9.59
N ASN A 705 4.57 4.18 8.63
CA ASN A 705 4.20 5.42 7.95
C ASN A 705 3.21 6.26 8.77
N LYS A 706 3.69 7.39 9.30
CA LYS A 706 2.91 8.19 10.26
C LYS A 706 1.64 8.85 9.70
N THR A 707 1.49 8.92 8.38
CA THR A 707 0.20 9.32 7.84
C THR A 707 -0.90 8.38 8.34
N VAL A 708 -0.58 7.09 8.50
CA VAL A 708 -1.60 6.08 8.85
C VAL A 708 -1.40 5.29 10.16
N SER A 709 -0.24 5.45 10.80
CA SER A 709 0.05 4.75 12.06
C SER A 709 -1.13 4.63 13.01
N GLN A 710 -1.71 5.76 13.39
CA GLN A 710 -2.77 5.80 14.40
C GLN A 710 -3.96 5.05 13.88
N ARG A 711 -4.37 5.38 12.68
CA ARG A 711 -5.58 4.80 12.11
C ARG A 711 -5.47 3.28 12.00
N PHE A 712 -4.38 2.84 11.37
CA PHE A 712 -4.14 1.41 11.16
C PHE A 712 -3.82 0.68 12.45
N GLY A 713 -3.15 1.35 13.37
CA GLY A 713 -2.96 0.81 14.69
C GLY A 713 -4.28 0.49 15.35
N LEU A 714 -5.17 1.47 15.36
CA LEU A 714 -6.46 1.32 16.03
C LEU A 714 -7.26 0.15 15.45
N LEU A 715 -7.27 0.09 14.13
CA LEU A 715 -7.95 -0.94 13.39
C LEU A 715 -7.38 -2.31 13.69
N LEU A 716 -6.06 -2.42 13.66
CA LEU A 716 -5.37 -3.69 13.93
C LEU A 716 -5.67 -4.18 15.34
N GLU A 717 -5.86 -3.25 16.27
CA GLU A 717 -6.24 -3.57 17.62
C GLU A 717 -7.60 -4.23 17.65
N SER A 718 -8.57 -3.67 16.91
CA SER A 718 -9.92 -4.25 16.76
C SER A 718 -9.82 -5.67 16.25
N TYR A 719 -9.21 -5.84 15.06
CA TYR A 719 -9.04 -7.14 14.45
C TYR A 719 -8.40 -8.12 15.44
N CYS A 720 -7.29 -7.70 16.03
CA CYS A 720 -6.51 -8.61 16.87
C CYS A 720 -7.28 -9.05 18.10
N ARG A 721 -8.11 -8.14 18.59
CA ARG A 721 -8.90 -8.40 19.78
C ARG A 721 -10.01 -9.42 19.48
N ALA A 722 -10.54 -9.40 18.26
CA ALA A 722 -11.72 -10.19 17.91
C ALA A 722 -11.49 -11.43 17.06
N CYS A 723 -10.31 -11.55 16.43
CA CYS A 723 -9.99 -12.64 15.46
C CYS A 723 -9.75 -14.08 16.02
N GLY A 724 -9.72 -14.25 17.33
CA GLY A 724 -9.69 -15.58 17.91
C GLY A 724 -8.30 -16.12 18.05
N MET A 725 -8.14 -17.43 17.83
CA MET A 725 -6.83 -18.09 17.96
C MET A 725 -5.78 -17.58 16.99
N TYR A 726 -6.22 -17.13 15.81
CA TYR A 726 -5.29 -16.68 14.78
C TYR A 726 -4.31 -15.64 15.27
N LEU A 727 -4.71 -14.80 16.21
CA LEU A 727 -3.77 -13.89 16.88
C LEU A 727 -2.49 -14.63 17.26
N LYS A 728 -2.61 -15.75 17.96
CA LYS A 728 -1.42 -16.51 18.39
C LYS A 728 -0.57 -17.05 17.22
N HIS A 729 -1.24 -17.40 16.14
CA HIS A 729 -0.57 -17.73 14.89
C HIS A 729 0.14 -16.57 14.24
N LEU A 730 -0.56 -15.42 14.17
CA LEU A 730 0.01 -14.20 13.65
C LEU A 730 1.22 -13.83 14.48
N ASN A 731 1.07 -13.78 15.80
CA ASN A 731 2.20 -13.51 16.67
C ASN A 731 3.45 -14.34 16.39
N ARG A 732 3.28 -15.58 15.98
CA ARG A 732 4.43 -16.38 15.60
C ARG A 732 5.05 -15.94 14.28
N GLN A 733 4.21 -15.59 13.32
CA GLN A 733 4.69 -15.12 12.03
C GLN A 733 5.42 -13.81 12.25
N VAL A 734 4.83 -12.96 13.08
CA VAL A 734 5.43 -11.68 13.43
C VAL A 734 6.78 -11.86 14.15
N GLU A 735 6.87 -12.84 15.03
CA GLU A 735 8.13 -13.08 15.75
C GLU A 735 9.23 -13.59 14.81
N ALA A 736 8.84 -14.40 13.83
CA ALA A 736 9.74 -14.92 12.80
C ALA A 736 10.33 -13.78 11.99
N MET A 737 9.46 -12.90 11.49
CA MET A 737 9.92 -11.82 10.64
C MET A 737 10.89 -10.91 11.42
N GLU A 738 10.59 -10.61 12.67
CA GLU A 738 11.48 -9.79 13.47
C GLU A 738 12.86 -10.37 13.56
N LYS A 739 12.96 -11.68 13.68
CA LYS A 739 14.28 -12.34 13.80
C LYS A 739 15.07 -12.17 12.52
N LEU A 740 14.42 -12.48 11.39
CA LEU A 740 14.99 -12.26 10.06
C LEU A 740 15.35 -10.80 9.81
N ILE A 741 14.52 -9.86 10.27
CA ILE A 741 14.85 -8.44 10.14
C ILE A 741 16.16 -8.12 10.87
N ASN A 742 16.31 -8.62 12.08
CA ASN A 742 17.56 -8.43 12.81
C ASN A 742 18.75 -9.07 12.13
N LEU A 743 18.58 -10.30 11.69
CA LEU A 743 19.67 -11.10 11.16
C LEU A 743 20.28 -10.41 9.95
N THR A 744 19.43 -10.01 9.01
CA THR A 744 19.85 -9.29 7.83
C THR A 744 20.40 -7.88 8.16
N ASP A 745 19.79 -7.19 9.11
CA ASP A 745 20.33 -5.88 9.53
C ASP A 745 21.80 -5.98 9.98
N ILE A 746 22.20 -7.07 10.60
CA ILE A 746 23.61 -7.28 10.96
C ILE A 746 24.42 -7.63 9.70
N LEU A 747 23.91 -8.54 8.88
CA LEU A 747 24.60 -8.88 7.64
C LEU A 747 24.83 -7.66 6.77
N LYS A 748 23.98 -6.66 6.88
CA LYS A 748 24.09 -5.50 6.02
C LYS A 748 24.92 -4.39 6.62
N GLN A 749 25.32 -4.53 7.89
CA GLN A 749 26.04 -3.52 8.64
C GLN A 749 27.00 -4.26 9.56
N GLU A 750 28.31 -4.09 9.39
CA GLU A 750 29.35 -4.76 10.21
C GLU A 750 29.73 -6.16 9.74
N LYS A 751 28.89 -6.82 8.95
CA LYS A 751 29.30 -8.01 8.18
C LYS A 751 29.32 -7.77 6.67
N LYS A 752 29.04 -6.54 6.24
CA LYS A 752 29.49 -6.05 4.92
C LYS A 752 31.02 -5.96 4.99
N ASP A 753 31.67 -6.05 3.83
CA ASP A 753 33.14 -6.18 3.74
C ASP A 753 33.64 -7.42 4.51
N GLU A 754 32.92 -8.52 4.32
CA GLU A 754 33.33 -9.88 4.70
C GLU A 754 32.91 -10.79 3.55
N THR A 755 33.63 -11.88 3.36
CA THR A 755 33.32 -12.80 2.25
C THR A 755 32.03 -13.57 2.53
N GLN A 756 31.30 -13.86 1.45
CA GLN A 756 30.16 -14.75 1.50
C GLN A 756 30.43 -15.85 2.51
N LYS A 757 31.59 -16.48 2.40
CA LYS A 757 32.00 -17.54 3.31
C LYS A 757 31.80 -17.13 4.77
N VAL A 758 32.30 -15.95 5.14
CA VAL A 758 32.25 -15.46 6.52
C VAL A 758 30.81 -15.11 6.95
N GLN A 759 30.10 -14.40 6.07
CA GLN A 759 28.69 -14.09 6.25
C GLN A 759 27.86 -15.37 6.47
N MET A 760 27.89 -16.26 5.49
CA MET A 760 27.19 -17.56 5.58
C MET A 760 27.50 -18.34 6.83
N LYS A 761 28.73 -18.22 7.34
CA LYS A 761 29.11 -18.90 8.56
C LYS A 761 28.41 -18.22 9.73
N PHE A 762 28.42 -16.90 9.74
CA PHE A 762 27.62 -16.15 10.70
C PHE A 762 26.14 -16.54 10.67
N LEU A 763 25.55 -16.58 9.46
CA LEU A 763 24.12 -16.92 9.26
C LEU A 763 23.74 -18.21 9.95
N VAL A 764 24.46 -19.27 9.63
CA VAL A 764 24.16 -20.61 10.11
C VAL A 764 24.40 -20.72 11.61
N GLU A 765 25.52 -20.17 12.09
CA GLU A 765 25.78 -20.10 13.53
C GLU A 765 24.54 -19.60 14.26
N GLN A 766 24.00 -18.48 13.77
CA GLN A 766 22.84 -17.82 14.38
C GLN A 766 21.57 -18.62 14.28
N MET A 767 21.28 -19.18 13.11
CA MET A 767 20.07 -19.97 12.93
C MET A 767 20.07 -21.22 13.83
N ARG A 768 21.24 -21.69 14.24
CA ARG A 768 21.35 -22.85 15.15
C ARG A 768 21.10 -22.53 16.62
N ARG A 769 21.15 -21.26 17.00
CA ARG A 769 20.89 -20.91 18.37
C ARG A 769 19.43 -21.24 18.66
N PRO A 770 19.13 -21.64 19.92
CA PRO A 770 17.79 -22.15 20.25
C PRO A 770 16.66 -21.16 20.06
N ASP A 771 16.91 -19.88 20.33
CA ASP A 771 15.91 -18.82 20.12
C ASP A 771 15.46 -18.70 18.65
N PHE A 772 16.38 -18.90 17.71
CA PHE A 772 16.05 -18.86 16.26
C PHE A 772 15.40 -20.15 15.86
N MET A 773 15.94 -21.24 16.38
CA MET A 773 15.32 -22.54 16.19
C MET A 773 13.86 -22.53 16.66
N ASP A 774 13.62 -22.03 17.87
CA ASP A 774 12.25 -21.77 18.38
C ASP A 774 11.36 -20.95 17.42
N ALA A 775 11.92 -19.84 16.95
CA ALA A 775 11.15 -18.78 16.37
C ALA A 775 10.95 -18.96 14.89
N LEU A 776 11.89 -19.62 14.22
CA LEU A 776 11.83 -19.76 12.77
C LEU A 776 11.34 -21.09 12.28
N GLN A 777 10.79 -21.92 13.17
CA GLN A 777 10.44 -23.28 12.74
C GLN A 777 8.95 -23.52 12.62
N GLY A 778 8.21 -23.67 13.69
CA GLY A 778 6.81 -24.10 13.49
C GLY A 778 5.93 -22.88 13.28
N PHE A 779 5.62 -22.55 12.02
CA PHE A 779 4.66 -21.45 11.74
C PHE A 779 4.04 -21.46 10.31
N LEU A 780 3.17 -20.50 10.02
CA LEU A 780 2.54 -20.41 8.69
C LEU A 780 3.22 -19.39 7.76
N SER A 781 3.45 -19.74 6.50
CA SER A 781 3.93 -18.77 5.52
C SER A 781 3.01 -17.59 5.46
N PRO A 782 3.54 -16.36 5.63
CA PRO A 782 2.70 -15.21 5.41
C PRO A 782 2.29 -15.05 3.97
N LEU A 783 3.11 -15.54 3.02
CA LEU A 783 2.72 -15.58 1.59
C LEU A 783 1.48 -16.40 1.36
N ASN A 784 1.30 -17.44 2.17
CA ASN A 784 0.09 -18.23 2.13
C ASN A 784 -0.05 -19.04 3.42
N PRO A 785 -0.97 -18.66 4.31
CA PRO A 785 -1.09 -19.37 5.56
C PRO A 785 -1.58 -20.82 5.47
N ALA A 786 -2.02 -21.25 4.28
CA ALA A 786 -2.31 -22.66 4.02
C ALA A 786 -1.09 -23.52 4.08
N HIS A 787 0.07 -22.96 3.74
CA HIS A 787 1.30 -23.73 3.79
C HIS A 787 1.80 -23.61 5.20
N GLN A 788 2.13 -24.74 5.81
CA GLN A 788 2.84 -24.71 7.08
C GLN A 788 4.31 -24.76 6.79
N LEU A 789 5.06 -24.17 7.71
CA LEU A 789 6.50 -24.19 7.68
C LEU A 789 6.97 -24.95 8.92
N GLY A 790 7.77 -25.98 8.70
CA GLY A 790 8.11 -26.94 9.74
C GLY A 790 9.49 -26.68 10.23
N ASN A 791 10.33 -27.70 10.20
CA ASN A 791 11.73 -27.50 10.56
C ASN A 791 12.46 -26.80 9.44
N LEU A 792 13.57 -26.16 9.83
CA LEU A 792 14.44 -25.46 8.89
C LEU A 792 15.45 -26.47 8.42
N ARG A 793 15.60 -26.60 7.10
CA ARG A 793 16.72 -27.33 6.54
C ARG A 793 17.81 -26.29 6.23
N LEU A 794 18.73 -26.12 7.18
CA LEU A 794 19.80 -25.11 7.09
C LEU A 794 20.83 -25.38 5.99
N GLU A 795 20.91 -26.63 5.55
CA GLU A 795 21.82 -27.04 4.50
C GLU A 795 21.41 -26.38 3.18
N GLU A 796 20.13 -26.08 3.06
CA GLU A 796 19.58 -25.41 1.89
C GLU A 796 19.25 -23.92 2.13
N CYS A 797 19.37 -23.45 3.38
CA CYS A 797 19.30 -22.01 3.65
C CYS A 797 20.61 -21.33 3.30
N ARG A 798 20.50 -20.21 2.59
CA ARG A 798 21.69 -19.46 2.16
C ARG A 798 21.40 -17.99 1.82
N ILE A 799 22.45 -17.17 1.90
CA ILE A 799 22.38 -15.77 1.46
C ILE A 799 22.64 -15.72 -0.05
N MET A 800 21.72 -15.15 -0.80
CA MET A 800 21.95 -14.99 -2.21
C MET A 800 23.06 -13.96 -2.47
N SER A 801 23.50 -13.89 -3.71
CA SER A 801 24.63 -13.05 -4.10
C SER A 801 24.30 -11.55 -4.22
N SER A 802 23.01 -11.18 -4.18
CA SER A 802 22.63 -9.77 -4.21
C SER A 802 23.31 -9.00 -3.07
N ALA A 803 23.55 -7.70 -3.32
CA ALA A 803 24.13 -6.82 -2.30
C ALA A 803 23.17 -6.44 -1.17
N LYS A 804 21.86 -6.66 -1.41
CA LYS A 804 20.83 -6.43 -0.41
C LYS A 804 20.85 -7.52 0.67
N ARG A 805 21.60 -8.59 0.41
CA ARG A 805 21.75 -9.73 1.32
C ARG A 805 20.37 -10.33 1.65
N PRO A 806 19.64 -10.76 0.61
CA PRO A 806 18.41 -11.48 0.82
C PRO A 806 18.71 -12.88 1.33
N LEU A 807 17.76 -13.47 2.04
CA LEU A 807 17.91 -14.83 2.54
C LEU A 807 17.07 -15.74 1.71
N TRP A 808 17.68 -16.85 1.33
CA TRP A 808 16.97 -17.98 0.74
C TRP A 808 16.75 -18.96 1.90
N LEU A 809 15.49 -19.12 2.31
CA LEU A 809 15.14 -19.97 3.44
C LEU A 809 14.35 -21.15 2.93
N ASN A 810 14.49 -22.27 3.64
CA ASN A 810 13.91 -23.55 3.24
C ASN A 810 13.33 -24.26 4.45
N TRP A 811 12.10 -24.73 4.32
CA TRP A 811 11.36 -25.34 5.42
C TRP A 811 10.81 -26.70 5.02
N GLU A 812 10.80 -27.64 5.97
CA GLU A 812 10.20 -28.96 5.76
C GLU A 812 8.70 -28.78 5.79
N ASN A 813 7.98 -29.20 4.74
CA ASN A 813 6.50 -29.19 4.76
C ASN A 813 5.95 -30.27 5.70
N PRO A 814 5.50 -29.91 6.91
CA PRO A 814 5.17 -30.96 7.86
C PRO A 814 3.75 -31.54 7.71
N ASP A 815 3.14 -31.41 6.53
CA ASP A 815 1.88 -32.07 6.23
C ASP A 815 2.05 -33.57 6.36
N ILE A 816 0.93 -34.27 6.51
CA ILE A 816 0.91 -35.75 6.48
C ILE A 816 1.32 -36.24 5.08
N MET A 817 0.80 -35.56 4.05
CA MET A 817 1.08 -35.85 2.63
C MET A 817 2.05 -34.88 1.91
N SEP A 818 3.07 -34.40 2.63
CA SEP A 818 4.13 -33.56 2.06
CB SEP A 818 5.45 -33.65 2.85
OG SEP A 818 5.26 -34.16 4.17
C SEP A 818 4.43 -33.99 0.68
O SEP A 818 4.36 -33.22 -0.27
P SEP A 818 6.45 -34.80 5.09
O1P SEP A 818 6.35 -34.11 6.43
O2P SEP A 818 6.06 -36.26 5.15
O3P SEP A 818 7.75 -34.53 4.36
N GLU A 819 4.71 -35.29 0.55
CA GLU A 819 5.23 -35.90 -0.66
C GLU A 819 4.31 -35.66 -1.84
N LEU A 820 3.02 -35.86 -1.64
CA LEU A 820 2.03 -35.60 -2.69
C LEU A 820 1.99 -34.16 -3.29
N LEU A 821 2.53 -33.16 -2.56
CA LEU A 821 2.50 -31.73 -3.02
C LEU A 821 3.88 -31.09 -3.15
N PHE A 822 4.58 -30.86 -2.03
CA PHE A 822 5.99 -30.48 -2.08
C PHE A 822 6.59 -30.79 -0.74
N GLN A 823 7.67 -31.56 -0.71
CA GLN A 823 8.32 -31.90 0.57
C GLN A 823 9.00 -30.69 1.19
N ASN A 824 9.40 -29.74 0.35
CA ASN A 824 10.10 -28.54 0.80
C ASN A 824 9.45 -27.26 0.32
N ASN A 825 9.47 -26.28 1.21
CA ASN A 825 8.84 -24.99 0.97
C ASN A 825 9.91 -23.98 1.18
N GLU A 826 10.12 -23.13 0.19
CA GLU A 826 11.17 -22.14 0.25
C GLU A 826 10.67 -20.80 -0.27
N ILE A 827 11.03 -19.75 0.47
CA ILE A 827 10.59 -18.40 0.18
C ILE A 827 11.76 -17.46 0.45
N ILE A 828 11.82 -16.35 -0.27
CA ILE A 828 12.95 -15.43 -0.15
C ILE A 828 12.53 -14.30 0.76
N PHE A 829 13.28 -14.07 1.82
CA PHE A 829 13.10 -12.89 2.68
C PHE A 829 14.11 -11.81 2.25
N LYS A 830 13.63 -10.61 1.95
CA LYS A 830 14.48 -9.52 1.43
C LYS A 830 14.30 -8.18 2.19
N ASN A 831 15.13 -8.03 3.22
CA ASN A 831 15.31 -6.75 3.85
C ASN A 831 16.13 -5.87 2.94
N GLY A 832 15.52 -4.80 2.44
CA GLY A 832 16.22 -3.79 1.65
C GLY A 832 15.44 -3.12 0.54
N ASP A 833 14.55 -3.82 -0.14
CA ASP A 833 13.84 -3.23 -1.28
C ASP A 833 12.43 -2.98 -0.91
N ASP A 834 11.86 -1.93 -1.48
CA ASP A 834 10.45 -1.67 -1.32
C ASP A 834 9.66 -2.63 -2.23
N LEU A 835 9.17 -3.71 -1.63
CA LEU A 835 8.42 -4.75 -2.35
C LEU A 835 7.04 -4.35 -2.88
N ARG A 836 6.52 -3.17 -2.52
CA ARG A 836 5.13 -2.86 -2.85
C ARG A 836 4.84 -2.41 -4.27
N GLN A 837 5.84 -1.93 -4.99
CA GLN A 837 5.65 -1.68 -6.42
C GLN A 837 5.48 -3.02 -7.14
N ASP A 838 6.39 -3.96 -6.87
CA ASP A 838 6.30 -5.33 -7.43
C ASP A 838 4.94 -5.93 -7.10
N MET A 839 4.62 -5.95 -5.82
CA MET A 839 3.36 -6.49 -5.29
C MET A 839 2.18 -6.05 -6.16
N LEU A 840 2.16 -4.76 -6.53
CA LEU A 840 1.06 -4.20 -7.33
C LEU A 840 1.09 -4.68 -8.78
N THR A 841 2.26 -4.63 -9.43
CA THR A 841 2.36 -5.08 -10.84
C THR A 841 1.92 -6.56 -10.97
N LEU A 842 2.44 -7.40 -10.06
CA LEU A 842 2.03 -8.82 -9.92
C LEU A 842 0.53 -8.99 -9.66
N GLN A 843 -0.04 -8.17 -8.80
CA GLN A 843 -1.49 -8.14 -8.67
C GLN A 843 -2.17 -7.76 -9.99
N ILE A 844 -1.59 -6.83 -10.73
CA ILE A 844 -2.20 -6.34 -11.98
C ILE A 844 -2.18 -7.47 -13.00
N ILE A 845 -1.04 -8.17 -13.06
CA ILE A 845 -0.88 -9.35 -13.91
C ILE A 845 -1.90 -10.45 -13.57
N ARG A 846 -1.96 -10.85 -12.29
CA ARG A 846 -3.03 -11.73 -11.72
C ARG A 846 -4.36 -11.39 -12.39
N ILE A 847 -4.68 -10.10 -12.44
CA ILE A 847 -5.95 -9.61 -12.95
C ILE A 847 -6.05 -9.70 -14.46
N MET A 848 -4.97 -9.37 -15.17
CA MET A 848 -4.95 -9.45 -16.64
C MET A 848 -5.14 -10.89 -17.08
N GLU A 849 -4.42 -11.80 -16.44
CA GLU A 849 -4.59 -13.23 -16.69
C GLU A 849 -6.07 -13.56 -16.57
N ASN A 850 -6.66 -13.26 -15.41
CA ASN A 850 -8.05 -13.61 -15.15
C ASN A 850 -8.98 -13.08 -16.20
N ILE A 851 -8.77 -11.83 -16.60
CA ILE A 851 -9.61 -11.17 -17.61
C ILE A 851 -9.54 -11.92 -18.92
N TRP A 852 -8.33 -12.24 -19.34
CA TRP A 852 -8.10 -12.99 -20.57
C TRP A 852 -8.76 -14.36 -20.53
N GLN A 853 -8.40 -15.13 -19.51
CA GLN A 853 -8.78 -16.53 -19.41
C GLN A 853 -10.29 -16.68 -19.30
N ASN A 854 -10.90 -15.92 -18.39
CA ASN A 854 -12.35 -16.02 -18.14
C ASN A 854 -13.22 -15.49 -19.29
N GLN A 855 -12.60 -14.82 -20.25
CA GLN A 855 -13.21 -14.46 -21.53
C GLN A 855 -12.53 -15.31 -22.62
N GLY A 856 -12.51 -16.63 -22.38
CA GLY A 856 -11.76 -17.61 -23.17
C GLY A 856 -10.62 -17.15 -24.08
N LEU A 857 -9.41 -17.08 -23.54
CA LEU A 857 -8.17 -17.04 -24.36
C LEU A 857 -6.96 -17.16 -23.44
N ASP A 858 -6.11 -18.17 -23.70
CA ASP A 858 -5.19 -18.74 -22.70
C ASP A 858 -3.77 -18.20 -22.86
N LEU A 859 -3.45 -17.21 -22.04
CA LEU A 859 -2.12 -16.64 -22.00
C LEU A 859 -1.60 -16.87 -20.60
N ARG A 860 -0.56 -17.67 -20.40
CA ARG A 860 -0.21 -18.06 -19.04
C ARG A 860 0.84 -17.16 -18.37
N MET A 861 0.32 -16.23 -17.59
CA MET A 861 1.11 -15.38 -16.73
C MET A 861 1.44 -16.17 -15.47
N LEU A 862 2.47 -15.73 -14.77
CA LEU A 862 2.88 -16.39 -13.51
C LEU A 862 3.13 -15.30 -12.48
N PRO A 863 2.04 -14.81 -11.87
CA PRO A 863 2.19 -13.81 -10.85
C PRO A 863 2.69 -14.48 -9.57
N TYR A 864 3.99 -14.69 -9.50
CA TYR A 864 4.59 -15.28 -8.32
C TYR A 864 4.20 -14.44 -7.10
N GLY A 865 4.09 -15.08 -5.96
CA GLY A 865 3.75 -14.37 -4.73
C GLY A 865 4.77 -13.34 -4.26
N CYS A 866 4.25 -12.20 -3.80
CA CYS A 866 5.04 -11.11 -3.18
C CYS A 866 4.24 -10.57 -2.00
N LEU A 867 4.93 -10.06 -1.00
CA LEU A 867 4.24 -9.46 0.16
C LEU A 867 5.18 -8.57 0.97
N SER A 868 4.85 -7.27 1.03
CA SER A 868 5.58 -6.35 1.90
C SER A 868 5.01 -6.50 3.27
N ILE A 869 5.89 -6.65 4.25
CA ILE A 869 5.51 -6.86 5.65
C ILE A 869 6.13 -5.80 6.54
N GLY A 870 6.51 -4.67 5.93
CA GLY A 870 7.39 -3.75 6.62
C GLY A 870 7.81 -2.59 5.76
N ASP A 871 8.78 -1.84 6.27
CA ASP A 871 9.38 -0.73 5.53
C ASP A 871 10.52 -1.31 4.75
N CYS A 872 10.27 -1.58 3.48
CA CYS A 872 11.25 -2.23 2.61
C CYS A 872 11.71 -3.54 3.19
N VAL A 873 10.76 -4.37 3.57
CA VAL A 873 10.99 -5.75 4.03
C VAL A 873 9.88 -6.61 3.47
N GLY A 874 10.20 -7.82 3.02
CA GLY A 874 9.21 -8.64 2.32
C GLY A 874 9.55 -10.07 1.98
N LEU A 875 8.57 -10.74 1.37
CA LEU A 875 8.68 -12.12 1.02
C LEU A 875 8.28 -12.31 -0.43
N ILE A 876 9.15 -13.04 -1.15
CA ILE A 876 8.86 -13.48 -2.51
C ILE A 876 8.82 -15.01 -2.59
N GLU A 877 7.74 -15.52 -3.18
CA GLU A 877 7.61 -16.93 -3.61
C GLU A 877 8.73 -17.33 -4.56
N VAL A 878 9.51 -18.35 -4.16
CA VAL A 878 10.38 -19.09 -5.09
C VAL A 878 9.56 -19.93 -6.09
N VAL A 879 9.85 -19.75 -7.36
CA VAL A 879 9.34 -20.65 -8.37
C VAL A 879 10.48 -21.64 -8.62
N ARG A 880 10.27 -22.92 -8.27
CA ARG A 880 11.26 -24.00 -8.49
C ARG A 880 11.43 -24.25 -9.98
N ASN A 881 12.55 -24.85 -10.35
CA ASN A 881 12.80 -25.22 -11.74
C ASN A 881 12.58 -24.05 -12.70
N SER A 882 13.24 -22.94 -12.45
CA SER A 882 13.24 -21.86 -13.44
C SER A 882 14.53 -21.09 -13.38
N HIS A 883 14.90 -20.53 -14.52
CA HIS A 883 16.21 -19.92 -14.69
C HIS A 883 16.10 -18.65 -15.51
N THR A 884 16.94 -17.67 -15.14
CA THR A 884 17.11 -16.48 -15.94
C THR A 884 17.79 -16.87 -17.21
N ILE A 885 17.33 -16.28 -18.31
CA ILE A 885 17.91 -16.53 -19.63
C ILE A 885 19.42 -16.57 -19.48
N MET A 886 19.99 -15.56 -18.82
CA MET A 886 21.44 -15.50 -18.60
C MET A 886 22.08 -16.82 -18.12
N GLN A 887 21.44 -17.52 -17.17
CA GLN A 887 21.91 -18.86 -16.76
C GLN A 887 21.80 -19.85 -17.91
N ILE A 888 20.68 -19.81 -18.63
CA ILE A 888 20.52 -20.63 -19.83
C ILE A 888 21.75 -20.50 -20.73
N GLN A 889 22.17 -19.26 -20.95
CA GLN A 889 23.27 -18.97 -21.87
C GLN A 889 24.63 -19.20 -21.26
N CYS A 890 24.80 -18.90 -19.97
CA CYS A 890 26.02 -19.29 -19.25
C CYS A 890 26.23 -20.79 -19.21
N LYS A 891 25.15 -21.56 -19.04
CA LYS A 891 25.26 -23.01 -19.05
C LYS A 891 25.62 -23.53 -20.44
N GLY A 892 24.79 -23.24 -21.43
CA GLY A 892 25.04 -23.68 -22.83
C GLY A 892 25.99 -22.80 -23.64
N GLY A 893 27.13 -22.42 -23.06
CA GLY A 893 28.06 -21.48 -23.67
C GLY A 893 29.41 -22.15 -23.83
N LEU A 894 29.90 -22.22 -25.08
CA LEU A 894 31.13 -22.94 -25.40
C LEU A 894 32.35 -22.18 -24.84
N LYS A 895 33.41 -22.93 -24.52
CA LYS A 895 34.69 -22.37 -24.03
C LYS A 895 35.31 -21.31 -24.95
N GLY A 896 36.31 -20.60 -24.42
CA GLY A 896 36.97 -19.51 -25.16
C GLY A 896 36.29 -18.19 -24.88
N ALA A 897 34.96 -18.20 -24.92
CA ALA A 897 34.12 -17.07 -24.54
C ALA A 897 34.15 -15.98 -25.63
N LEU A 898 33.85 -16.39 -26.87
CA LEU A 898 33.80 -15.44 -28.00
C LEU A 898 32.41 -14.81 -28.10
N GLN A 899 31.36 -15.64 -28.19
CA GLN A 899 29.97 -15.19 -28.29
C GLN A 899 29.00 -16.29 -27.84
N PHE A 900 27.88 -15.91 -27.21
CA PHE A 900 26.80 -16.86 -26.86
C PHE A 900 25.89 -17.07 -28.07
N ASN A 901 25.38 -18.29 -28.21
CA ASN A 901 24.55 -18.66 -29.35
C ASN A 901 23.05 -18.39 -29.12
N SER A 902 22.39 -17.77 -30.09
CA SER A 902 20.95 -17.47 -30.01
C SER A 902 20.07 -18.72 -29.88
N HIS A 903 20.52 -19.80 -30.50
CA HIS A 903 19.80 -21.06 -30.44
C HIS A 903 19.88 -21.74 -29.09
N THR A 904 20.83 -21.39 -28.22
CA THR A 904 21.00 -22.13 -26.95
C THR A 904 19.75 -22.17 -26.11
N LEU A 905 18.99 -21.06 -26.04
CA LEU A 905 17.73 -21.09 -25.30
C LEU A 905 16.90 -22.24 -25.82
N HIS A 906 16.70 -22.22 -27.14
CA HIS A 906 16.00 -23.26 -27.85
C HIS A 906 16.61 -24.64 -27.62
N GLN A 907 17.93 -24.75 -27.72
CA GLN A 907 18.63 -26.02 -27.46
C GLN A 907 18.40 -26.49 -26.03
N TRP A 908 18.53 -25.59 -25.08
CA TRP A 908 18.25 -25.86 -23.66
C TRP A 908 16.81 -26.34 -23.41
N LEU A 909 15.87 -25.73 -24.13
CA LEU A 909 14.45 -26.03 -24.00
C LEU A 909 14.10 -27.38 -24.65
N LYS A 910 14.62 -27.62 -25.86
CA LYS A 910 14.63 -28.95 -26.53
C LYS A 910 15.16 -30.06 -25.64
N ASP A 911 16.29 -29.79 -25.01
CA ASP A 911 16.94 -30.72 -24.08
C ASP A 911 15.99 -31.13 -22.94
N LYS A 912 15.07 -30.25 -22.56
CA LYS A 912 14.09 -30.51 -21.50
C LYS A 912 12.86 -31.24 -22.01
N ASN A 913 12.24 -30.72 -23.05
CA ASN A 913 10.97 -31.23 -23.57
C ASN A 913 11.17 -31.99 -24.88
N LYS A 914 11.11 -33.32 -24.80
CA LYS A 914 11.47 -34.21 -25.91
C LYS A 914 10.29 -35.07 -26.35
N GLY A 915 9.93 -34.99 -27.63
CA GLY A 915 8.82 -35.77 -28.18
C GLY A 915 7.59 -34.91 -28.40
N GLU A 916 6.41 -35.46 -28.14
CA GLU A 916 5.16 -34.67 -28.19
C GLU A 916 5.19 -33.53 -27.15
N ILE A 917 5.89 -33.80 -26.05
CA ILE A 917 6.08 -32.87 -24.93
C ILE A 917 6.64 -31.55 -25.45
N TYR A 918 7.67 -31.60 -26.30
CA TYR A 918 8.20 -30.41 -27.03
C TYR A 918 7.09 -29.50 -27.62
N ASP A 919 6.23 -30.07 -28.45
CA ASP A 919 5.22 -29.26 -29.14
C ASP A 919 4.41 -28.41 -28.15
N ALA A 920 4.07 -29.01 -27.02
CA ALA A 920 3.31 -28.34 -25.96
C ALA A 920 4.13 -27.28 -25.22
N ALA A 921 5.41 -27.57 -24.96
CA ALA A 921 6.31 -26.59 -24.34
C ALA A 921 6.49 -25.31 -25.15
N ILE A 922 6.43 -25.40 -26.49
CA ILE A 922 6.54 -24.20 -27.33
C ILE A 922 5.23 -23.39 -27.34
N ASP A 923 4.11 -24.09 -27.23
CA ASP A 923 2.80 -23.46 -27.11
C ASP A 923 2.69 -22.66 -25.79
N LEU A 924 3.30 -23.21 -24.73
CA LEU A 924 3.33 -22.57 -23.42
C LEU A 924 4.22 -21.33 -23.46
N PHE A 925 5.44 -21.51 -23.96
CA PHE A 925 6.36 -20.39 -24.21
C PHE A 925 5.69 -19.31 -25.03
N THR A 926 5.04 -19.69 -26.13
CA THR A 926 4.41 -18.71 -27.00
C THR A 926 3.23 -18.03 -26.32
N ARG A 927 2.35 -18.81 -25.69
CA ARG A 927 1.23 -18.25 -24.92
C ARG A 927 1.66 -17.34 -23.74
N SER A 928 2.69 -17.74 -22.99
CA SER A 928 3.18 -16.90 -21.89
C SER A 928 3.91 -15.66 -22.41
N CYS A 929 4.70 -15.82 -23.46
CA CYS A 929 5.47 -14.73 -24.03
C CYS A 929 4.60 -13.62 -24.65
N ALA A 930 3.43 -13.97 -25.15
CA ALA A 930 2.50 -12.98 -25.70
C ALA A 930 1.79 -12.21 -24.58
N GLY A 931 1.38 -12.93 -23.54
CA GLY A 931 0.80 -12.28 -22.38
C GLY A 931 1.77 -11.32 -21.71
N TYR A 932 2.99 -11.78 -21.44
CA TYR A 932 3.99 -10.97 -20.81
C TYR A 932 4.54 -9.89 -21.75
N CYS A 933 4.27 -9.97 -23.05
CA CYS A 933 4.61 -8.87 -23.97
C CYS A 933 3.61 -7.73 -23.79
N VAL A 934 2.32 -8.07 -23.86
CA VAL A 934 1.22 -7.10 -23.79
C VAL A 934 1.11 -6.44 -22.43
N ALA A 935 1.13 -7.25 -21.36
CA ALA A 935 1.05 -6.74 -19.99
C ALA A 935 2.13 -5.72 -19.77
N THR A 936 3.37 -6.15 -20.02
CA THR A 936 4.55 -5.31 -19.90
C THR A 936 4.48 -3.99 -20.67
N PHE A 937 4.22 -4.05 -21.97
CA PHE A 937 4.06 -2.85 -22.80
C PHE A 937 3.04 -1.87 -22.20
N ILE A 938 1.87 -2.39 -21.85
CA ILE A 938 0.79 -1.58 -21.25
C ILE A 938 1.26 -0.93 -19.96
N LEU A 939 1.75 -1.75 -19.03
CA LEU A 939 2.22 -1.27 -17.73
C LEU A 939 3.46 -0.40 -17.78
N GLY A 940 4.31 -0.57 -18.78
CA GLY A 940 5.50 0.26 -18.93
C GLY A 940 6.56 -0.03 -17.87
N ILE A 941 6.65 -1.29 -17.47
CA ILE A 941 7.65 -1.74 -16.49
C ILE A 941 9.09 -1.53 -16.96
N GLY A 942 10.07 -1.75 -16.09
CA GLY A 942 11.48 -1.50 -16.44
C GLY A 942 11.92 -2.34 -17.63
N ASP A 943 12.81 -1.79 -18.47
CA ASP A 943 13.34 -2.50 -19.64
C ASP A 943 13.72 -3.94 -19.27
N ARG A 944 13.33 -4.89 -20.11
CA ARG A 944 13.60 -6.32 -19.89
C ARG A 944 14.95 -6.65 -20.47
N HIS A 945 15.64 -7.60 -19.86
CA HIS A 945 16.89 -8.17 -20.41
C HIS A 945 17.17 -9.54 -19.79
N ASN A 946 18.30 -10.15 -20.12
CA ASN A 946 18.56 -11.55 -19.78
C ASN A 946 18.54 -11.93 -18.30
N SER A 947 18.88 -10.99 -17.42
CA SER A 947 18.92 -11.26 -15.99
C SER A 947 17.60 -11.00 -15.25
N ASN A 948 16.58 -10.47 -15.93
CA ASN A 948 15.23 -10.35 -15.35
C ASN A 948 14.09 -11.04 -16.11
N ILE A 949 14.42 -11.93 -17.05
CA ILE A 949 13.43 -12.75 -17.76
C ILE A 949 13.79 -14.15 -17.39
N MET A 950 12.78 -15.00 -17.18
CA MET A 950 13.00 -16.36 -16.71
C MET A 950 12.18 -17.38 -17.49
N VAL A 951 12.76 -18.57 -17.64
CA VAL A 951 12.11 -19.66 -18.35
C VAL A 951 12.16 -20.94 -17.53
N LYS A 952 10.98 -21.54 -17.34
CA LYS A 952 10.84 -22.80 -16.60
C LYS A 952 11.06 -23.99 -17.51
N ASP A 953 11.47 -25.11 -16.91
CA ASP A 953 11.77 -26.35 -17.66
C ASP A 953 10.63 -26.78 -18.58
N ASP A 954 9.38 -26.61 -18.14
CA ASP A 954 8.21 -26.93 -18.97
C ASP A 954 7.94 -25.93 -20.09
N GLY A 955 8.71 -24.83 -20.13
CA GLY A 955 8.74 -23.90 -21.27
C GLY A 955 7.96 -22.61 -21.10
N GLN A 956 7.44 -22.35 -19.89
CA GLN A 956 6.71 -21.12 -19.61
C GLN A 956 7.70 -20.02 -19.25
N LEU A 957 7.41 -18.84 -19.78
CA LEU A 957 8.23 -17.65 -19.56
C LEU A 957 7.52 -16.73 -18.58
N PHE A 958 8.32 -16.02 -17.78
CA PHE A 958 7.81 -15.03 -16.85
C PHE A 958 8.87 -14.04 -16.39
N HIS A 959 8.48 -12.78 -16.27
CA HIS A 959 9.37 -11.71 -15.79
C HIS A 959 9.46 -11.62 -14.26
N ILE A 960 10.57 -11.09 -13.78
CA ILE A 960 10.80 -10.79 -12.37
C ILE A 960 11.39 -9.39 -12.24
N ASP A 961 11.50 -8.88 -11.00
CA ASP A 961 12.10 -7.57 -10.69
C ASP A 961 11.74 -6.54 -11.75
N PHE A 962 10.54 -5.99 -11.61
CA PHE A 962 9.96 -5.16 -12.65
C PHE A 962 10.51 -3.73 -12.64
N GLY A 963 11.10 -3.31 -11.51
CA GLY A 963 11.55 -1.93 -11.32
C GLY A 963 10.40 -0.96 -11.11
N HIS A 964 10.50 0.21 -11.74
CA HIS A 964 9.45 1.22 -11.64
C HIS A 964 8.39 0.93 -12.70
N PHE A 965 7.12 0.98 -12.34
CA PHE A 965 6.04 0.44 -13.19
C PHE A 965 5.38 1.34 -14.24
N LEU A 966 5.18 2.64 -14.01
CA LEU A 966 4.42 3.44 -15.01
C LEU A 966 5.28 4.34 -15.92
N ASP A 967 6.54 3.97 -16.10
CA ASP A 967 7.55 4.71 -16.84
C ASP A 967 8.05 5.87 -15.99
N HIS A 968 8.60 5.52 -14.83
CA HIS A 968 9.08 6.50 -13.84
C HIS A 968 10.48 7.06 -14.15
N LYS A 969 11.22 6.42 -15.07
CA LYS A 969 12.46 7.01 -15.61
C LYS A 969 12.22 8.07 -16.70
N LYS A 970 10.96 8.27 -17.10
CA LYS A 970 10.52 9.43 -17.90
C LYS A 970 10.36 10.71 -17.04
N LYS A 971 10.38 10.57 -15.70
CA LYS A 971 10.42 11.73 -14.76
C LYS A 971 11.65 12.61 -15.00
N LYS A 972 12.73 12.00 -15.49
CA LYS A 972 13.82 12.72 -16.16
C LYS A 972 13.49 12.59 -17.65
N PHE A 973 13.72 13.66 -18.42
CA PHE A 973 13.27 13.77 -19.83
C PHE A 973 11.82 13.28 -20.14
N GLY A 974 11.66 12.12 -20.77
CA GLY A 974 10.37 11.43 -20.85
C GLY A 974 9.59 11.68 -22.12
N TYR A 975 8.46 12.39 -21.99
CA TYR A 975 7.69 12.98 -23.12
C TYR A 975 7.35 12.06 -24.32
N LYS A 976 6.16 11.46 -24.28
CA LYS A 976 5.63 10.59 -25.35
C LYS A 976 6.61 9.50 -25.83
N ARG A 977 7.33 8.93 -24.87
CA ARG A 977 8.32 7.89 -25.14
C ARG A 977 7.65 6.56 -25.48
N GLU A 978 6.51 6.28 -24.82
CA GLU A 978 5.68 5.09 -25.06
C GLU A 978 6.53 3.88 -25.41
N ARG A 979 7.31 3.44 -24.41
CA ARG A 979 8.37 2.46 -24.58
C ARG A 979 7.87 1.01 -24.71
N VAL A 980 8.70 0.18 -25.34
CA VAL A 980 8.51 -1.27 -25.40
C VAL A 980 9.57 -1.90 -24.50
N PRO A 981 9.17 -2.36 -23.29
CA PRO A 981 10.14 -2.96 -22.38
C PRO A 981 10.51 -4.39 -22.71
N PHE A 982 9.58 -5.16 -23.29
CA PHE A 982 9.88 -6.50 -23.78
C PHE A 982 10.04 -6.47 -25.30
N VAL A 983 11.31 -6.42 -25.72
CA VAL A 983 11.72 -6.43 -27.11
C VAL A 983 12.23 -7.83 -27.40
N LEU A 984 11.51 -8.57 -28.24
CA LEU A 984 11.84 -9.97 -28.49
C LEU A 984 13.06 -10.10 -29.39
N THR A 985 14.23 -10.33 -28.78
CA THR A 985 15.43 -10.67 -29.54
C THR A 985 15.23 -11.98 -30.34
N GLN A 986 16.23 -12.31 -31.15
CA GLN A 986 16.23 -13.55 -31.93
C GLN A 986 15.89 -14.73 -31.03
N ASP A 987 16.67 -14.87 -29.94
CA ASP A 987 16.50 -15.95 -28.95
C ASP A 987 15.08 -16.47 -28.82
N PHE A 988 14.18 -15.51 -28.61
CA PHE A 988 12.76 -15.79 -28.40
C PHE A 988 12.14 -16.24 -29.71
N LEU A 989 12.37 -15.45 -30.75
CA LEU A 989 11.77 -15.68 -32.06
C LEU A 989 12.06 -17.07 -32.63
N ILE A 990 13.28 -17.55 -32.42
CA ILE A 990 13.68 -18.89 -32.88
C ILE A 990 12.74 -19.91 -32.26
N VAL A 991 12.67 -19.86 -30.93
CA VAL A 991 11.87 -20.77 -30.10
C VAL A 991 10.38 -20.70 -30.50
N ILE A 992 9.92 -19.50 -30.79
CA ILE A 992 8.51 -19.25 -31.08
C ILE A 992 8.10 -19.94 -32.37
N SER A 993 8.95 -19.88 -33.38
CA SER A 993 8.75 -20.60 -34.64
C SER A 993 9.59 -21.88 -34.69
N LYS A 994 9.15 -22.84 -33.89
CA LYS A 994 9.82 -24.12 -33.58
C LYS A 994 11.33 -24.22 -33.70
N GLY A 995 11.90 -24.02 -34.88
CA GLY A 995 13.34 -23.78 -34.97
C GLY A 995 13.84 -23.22 -36.28
N ALA A 996 12.98 -22.46 -36.97
CA ALA A 996 13.26 -21.99 -38.33
C ALA A 996 14.37 -20.95 -38.36
N GLN A 997 14.67 -20.46 -39.56
CA GLN A 997 15.46 -19.24 -39.75
C GLN A 997 14.58 -18.31 -40.56
N GLU A 998 14.73 -17.01 -40.28
CA GLU A 998 13.79 -15.98 -40.72
C GLU A 998 12.39 -16.26 -40.15
N CYS A 999 12.36 -16.18 -38.82
CA CYS A 999 11.24 -16.48 -37.94
C CYS A 999 10.06 -15.55 -38.10
N THR A 1000 10.37 -14.31 -38.46
CA THR A 1000 9.38 -13.31 -38.88
C THR A 1000 8.32 -13.81 -39.87
N LYS A 1001 8.61 -14.90 -40.59
CA LYS A 1001 7.83 -15.29 -41.76
C LYS A 1001 7.26 -16.72 -41.64
N THR A 1002 6.74 -17.06 -40.45
CA THR A 1002 6.17 -18.40 -40.18
C THR A 1002 4.72 -18.26 -39.70
N ARG A 1003 3.90 -19.30 -39.79
CA ARG A 1003 2.52 -19.25 -39.21
C ARG A 1003 2.58 -19.27 -37.68
N GLU A 1004 3.59 -19.99 -37.17
CA GLU A 1004 3.90 -20.05 -35.73
C GLU A 1004 3.89 -18.63 -35.11
N PHE A 1005 4.55 -17.69 -35.79
CA PHE A 1005 4.65 -16.26 -35.43
C PHE A 1005 3.42 -15.43 -35.81
N GLU A 1006 2.76 -15.78 -36.90
CA GLU A 1006 1.46 -15.16 -37.22
C GLU A 1006 0.49 -15.40 -36.07
N ARG A 1007 0.40 -16.67 -35.65
CA ARG A 1007 -0.44 -17.08 -34.51
C ARG A 1007 -0.12 -16.28 -33.25
N PHE A 1008 1.19 -16.15 -32.97
CA PHE A 1008 1.69 -15.35 -31.83
C PHE A 1008 1.14 -13.93 -31.91
N GLN A 1009 1.47 -13.22 -32.99
CA GLN A 1009 1.01 -11.85 -33.17
C GLN A 1009 -0.47 -11.72 -32.90
N GLU A 1010 -1.28 -12.62 -33.44
CA GLU A 1010 -2.73 -12.54 -33.23
C GLU A 1010 -3.16 -12.80 -31.79
N MET A 1011 -2.32 -13.48 -30.99
CA MET A 1011 -2.56 -13.56 -29.55
C MET A 1011 -2.37 -12.16 -28.98
N CYS A 1012 -1.19 -11.57 -29.23
CA CYS A 1012 -0.87 -10.21 -28.78
C CYS A 1012 -1.94 -9.15 -29.10
N TYR A 1013 -2.59 -9.26 -30.26
CA TYR A 1013 -3.63 -8.30 -30.67
C TYR A 1013 -4.96 -8.54 -29.94
N LYS A 1014 -5.33 -9.81 -29.77
CA LYS A 1014 -6.52 -10.17 -28.98
C LYS A 1014 -6.34 -9.90 -27.48
N ALA A 1015 -5.11 -10.04 -26.99
CA ALA A 1015 -4.77 -9.73 -25.60
C ALA A 1015 -4.78 -8.22 -25.33
N TYR A 1016 -4.11 -7.47 -26.21
CA TYR A 1016 -4.10 -5.98 -26.17
C TYR A 1016 -5.51 -5.35 -26.12
N LEU A 1017 -6.41 -5.84 -26.96
CA LEU A 1017 -7.78 -5.35 -26.98
C LEU A 1017 -8.61 -5.78 -25.80
N ALA A 1018 -8.32 -6.96 -25.24
CA ALA A 1018 -9.06 -7.46 -24.09
C ALA A 1018 -8.86 -6.57 -22.87
N ILE A 1019 -7.61 -6.17 -22.64
CA ILE A 1019 -7.25 -5.26 -21.55
C ILE A 1019 -7.81 -3.84 -21.75
N ARG A 1020 -7.81 -3.38 -23.01
CA ARG A 1020 -8.39 -2.10 -23.41
C ARG A 1020 -9.89 -1.98 -23.09
N GLN A 1021 -10.61 -3.10 -23.17
CA GLN A 1021 -12.04 -3.09 -22.86
C GLN A 1021 -12.33 -3.07 -21.37
N HIS A 1022 -11.32 -3.43 -20.56
CA HIS A 1022 -11.43 -3.33 -19.10
C HIS A 1022 -10.59 -2.18 -18.55
N ALA A 1023 -10.22 -1.23 -19.39
CA ALA A 1023 -9.27 -0.18 -19.01
C ALA A 1023 -9.76 0.67 -17.85
N ASN A 1024 -11.08 0.79 -17.70
CA ASN A 1024 -11.63 1.49 -16.54
C ASN A 1024 -11.06 0.96 -15.23
N LEU A 1025 -11.09 -0.36 -15.09
CA LEU A 1025 -10.61 -1.05 -13.90
C LEU A 1025 -9.18 -0.69 -13.59
N PHE A 1026 -8.33 -0.78 -14.60
CA PHE A 1026 -6.90 -0.65 -14.38
C PHE A 1026 -6.55 0.77 -13.96
N ILE A 1027 -7.20 1.75 -14.59
CA ILE A 1027 -7.10 3.14 -14.17
C ILE A 1027 -7.47 3.18 -12.68
N ASN A 1028 -8.67 2.69 -12.34
CA ASN A 1028 -9.20 2.71 -10.97
C ASN A 1028 -8.36 1.98 -9.91
N LEU A 1029 -7.66 0.94 -10.32
CA LEU A 1029 -6.78 0.23 -9.41
C LEU A 1029 -5.61 1.12 -9.12
N PHE A 1030 -5.10 1.77 -10.15
CA PHE A 1030 -4.04 2.75 -9.95
C PHE A 1030 -4.52 4.01 -9.20
N SER A 1031 -5.73 4.47 -9.51
CA SER A 1031 -6.31 5.62 -8.79
C SER A 1031 -6.39 5.37 -7.27
N MET A 1032 -6.81 4.17 -6.91
CA MET A 1032 -6.94 3.81 -5.51
C MET A 1032 -5.59 3.67 -4.79
N MET A 1033 -4.51 3.45 -5.54
CA MET A 1033 -3.16 3.27 -4.95
C MET A 1033 -2.37 4.56 -4.78
N LEU A 1034 -2.91 5.69 -5.25
CA LEU A 1034 -2.30 7.00 -5.01
C LEU A 1034 -2.03 7.27 -3.53
N GLY A 1035 -2.90 6.75 -2.65
CA GLY A 1035 -2.68 6.80 -1.21
C GLY A 1035 -1.25 6.50 -0.79
N SER A 1036 -0.86 5.23 -0.97
CA SER A 1036 0.48 4.76 -0.62
C SER A 1036 1.51 5.72 -1.14
N GLY A 1037 2.56 5.93 -0.35
CA GLY A 1037 3.61 6.86 -0.73
C GLY A 1037 4.57 6.31 -1.76
N MET A 1038 4.03 5.77 -2.85
CA MET A 1038 4.86 5.18 -3.89
C MET A 1038 5.28 6.34 -4.79
N PRO A 1039 6.59 6.52 -5.01
CA PRO A 1039 7.02 7.64 -5.81
C PRO A 1039 6.50 7.58 -7.24
N GLU A 1040 6.17 6.39 -7.72
CA GLU A 1040 5.66 6.18 -9.09
C GLU A 1040 4.17 6.54 -9.24
N LEU A 1041 3.47 6.73 -8.11
CA LEU A 1041 2.04 7.09 -8.07
C LEU A 1041 1.81 8.31 -7.17
N GLN A 1042 2.22 9.49 -7.62
CA GLN A 1042 2.04 10.72 -6.85
C GLN A 1042 0.78 11.47 -7.24
N SER A 1043 0.40 11.44 -8.52
CA SER A 1043 -0.85 12.04 -8.97
C SER A 1043 -1.35 11.48 -10.32
N PHE A 1044 -2.65 11.65 -10.56
CA PHE A 1044 -3.36 11.05 -11.70
C PHE A 1044 -2.66 11.09 -13.07
N ASP A 1045 -1.81 12.08 -13.29
CA ASP A 1045 -1.02 12.12 -14.54
C ASP A 1045 -0.04 10.95 -14.62
N ASP A 1046 0.57 10.55 -13.49
CA ASP A 1046 1.34 9.30 -13.42
C ASP A 1046 0.54 8.16 -14.10
N ILE A 1047 -0.69 8.01 -13.62
CA ILE A 1047 -1.64 6.97 -14.08
C ILE A 1047 -2.02 7.19 -15.53
N ALA A 1048 -1.94 8.43 -15.98
CA ALA A 1048 -2.31 8.76 -17.34
C ALA A 1048 -1.43 8.13 -18.45
N TYR A 1049 -0.23 7.61 -18.11
CA TYR A 1049 0.55 6.84 -19.10
C TYR A 1049 -0.31 5.72 -19.68
N ILE A 1050 -0.98 4.98 -18.80
CA ILE A 1050 -1.80 3.83 -19.19
C ILE A 1050 -2.92 4.18 -20.19
N ARG A 1051 -3.25 5.47 -20.33
CA ARG A 1051 -4.17 5.93 -21.37
C ARG A 1051 -3.54 5.85 -22.75
N LYS A 1052 -2.33 6.38 -22.87
CA LYS A 1052 -1.63 6.48 -24.14
C LYS A 1052 -1.35 5.09 -24.68
N THR A 1053 -0.74 4.28 -23.82
CA THR A 1053 -0.39 2.89 -24.12
C THR A 1053 -1.64 2.04 -24.53
N LEU A 1054 -2.78 2.25 -23.89
CA LEU A 1054 -4.02 1.57 -24.29
C LEU A 1054 -4.75 2.33 -25.39
N ALA A 1055 -4.35 3.57 -25.65
CA ALA A 1055 -4.94 4.41 -26.71
C ALA A 1055 -6.46 4.51 -26.56
N LEU A 1056 -6.89 5.15 -25.48
CA LEU A 1056 -8.30 5.20 -25.12
C LEU A 1056 -9.04 6.34 -25.84
N ASP A 1057 -8.30 7.40 -26.18
CA ASP A 1057 -8.84 8.54 -26.97
C ASP A 1057 -9.13 8.17 -28.44
N LYS A 1058 -8.44 7.15 -28.95
CA LYS A 1058 -8.63 6.64 -30.32
C LYS A 1058 -9.77 5.62 -30.41
N THR A 1059 -10.04 5.12 -31.62
CA THR A 1059 -10.97 3.99 -31.82
C THR A 1059 -10.17 2.72 -31.68
N GLU A 1060 -10.87 1.61 -31.46
CA GLU A 1060 -10.18 0.35 -31.24
C GLU A 1060 -9.39 -0.10 -32.47
N GLN A 1061 -9.92 0.15 -33.66
CA GLN A 1061 -9.21 -0.21 -34.90
C GLN A 1061 -7.92 0.62 -35.08
N GLU A 1062 -7.94 1.87 -34.63
CA GLU A 1062 -6.74 2.70 -34.58
C GLU A 1062 -5.78 2.18 -33.52
N ALA A 1063 -6.34 1.79 -32.37
CA ALA A 1063 -5.56 1.28 -31.25
C ALA A 1063 -4.75 0.05 -31.62
N LEU A 1064 -5.39 -0.87 -32.33
CA LEU A 1064 -4.73 -2.07 -32.89
C LEU A 1064 -3.53 -1.69 -33.74
N GLU A 1065 -3.75 -0.69 -34.61
CA GLU A 1065 -2.72 -0.20 -35.51
C GLU A 1065 -1.64 0.52 -34.74
N TYR A 1066 -2.04 1.33 -33.75
CA TYR A 1066 -1.11 2.00 -32.83
C TYR A 1066 -0.18 0.97 -32.18
N PHE A 1067 -0.77 -0.09 -31.65
CA PHE A 1067 -0.03 -1.14 -30.94
C PHE A 1067 0.95 -1.84 -31.85
N MET A 1068 0.49 -2.17 -33.07
CA MET A 1068 1.36 -2.71 -34.12
C MET A 1068 2.51 -1.75 -34.44
N LYS A 1069 2.19 -0.50 -34.80
CA LYS A 1069 3.19 0.57 -34.98
C LYS A 1069 4.26 0.56 -33.89
N GLN A 1070 3.81 0.51 -32.64
CA GLN A 1070 4.70 0.47 -31.50
C GLN A 1070 5.51 -0.79 -31.49
N MET A 1071 4.84 -1.92 -31.70
CA MET A 1071 5.54 -3.22 -31.71
C MET A 1071 6.51 -3.39 -32.89
N ASN A 1072 6.21 -2.71 -33.99
CA ASN A 1072 7.03 -2.77 -35.18
C ASN A 1072 8.34 -2.02 -34.95
N ASP A 1073 8.25 -0.72 -34.63
CA ASP A 1073 9.46 0.14 -34.52
C ASP A 1073 10.50 -0.29 -33.48
N ALA A 1074 10.05 -0.95 -32.41
CA ALA A 1074 10.94 -1.48 -31.39
C ALA A 1074 11.66 -2.77 -31.86
N HIS A 1075 11.02 -3.48 -32.78
CA HIS A 1075 11.54 -4.71 -33.41
C HIS A 1075 12.22 -4.48 -34.78
N HIS A 1076 11.80 -3.42 -35.48
CA HIS A 1076 12.24 -3.09 -36.85
C HIS A 1076 11.85 -4.15 -37.90
N GLY A 1077 10.55 -4.16 -38.23
CA GLY A 1077 9.98 -5.07 -39.22
C GLY A 1077 9.26 -6.23 -38.57
N GLY A 1078 8.16 -6.67 -39.18
CA GLY A 1078 7.39 -7.83 -38.71
C GLY A 1078 5.89 -7.62 -38.62
N TRP A 1079 5.46 -6.41 -38.22
CA TRP A 1079 4.09 -6.17 -37.73
C TRP A 1079 3.18 -5.28 -38.64
N THR A 1080 2.47 -5.93 -39.58
CA THR A 1080 1.37 -5.29 -40.36
C THR A 1080 0.38 -6.35 -40.88
N SER B 6 -1.96 31.79 -39.67
CA SER B 6 -2.22 32.46 -38.35
C SER B 6 -3.16 31.66 -37.42
N LEU B 7 -4.21 31.05 -37.98
CA LEU B 7 -5.09 30.17 -37.19
C LEU B 7 -4.43 28.82 -36.80
N GLN B 8 -3.40 28.45 -37.56
CA GLN B 8 -2.47 27.34 -37.21
C GLN B 8 -1.43 27.79 -36.18
N ASP B 9 -0.87 28.99 -36.35
CA ASP B 9 0.14 29.53 -35.43
C ASP B 9 -0.59 29.98 -34.14
N ALA B 10 -1.36 31.07 -34.23
CA ALA B 10 -2.27 31.55 -33.16
C ALA B 10 -1.65 31.94 -31.79
N GLU B 11 -0.33 31.80 -31.61
CA GLU B 11 0.36 32.07 -30.34
C GLU B 11 -0.14 31.24 -29.12
N TRP B 12 -0.75 30.08 -29.40
CA TRP B 12 -1.30 29.15 -28.38
C TRP B 12 -2.09 27.96 -28.92
N TYR B 13 -2.55 27.97 -30.17
CA TYR B 13 -3.19 26.78 -30.74
C TYR B 13 -2.10 25.72 -30.91
N TRP B 14 -2.27 24.61 -30.19
CA TRP B 14 -1.32 23.48 -30.24
C TRP B 14 -1.80 22.33 -31.13
N GLY B 15 -3.11 22.06 -31.14
CA GLY B 15 -3.68 20.94 -31.90
C GLY B 15 -3.33 19.60 -31.28
N ARG B 19 -4.19 15.69 -24.50
CA ARG B 19 -4.85 15.79 -23.18
C ARG B 19 -3.80 15.81 -22.12
N GLU B 20 -2.94 14.81 -22.17
CA GLU B 20 -1.96 14.61 -21.12
C GLU B 20 -0.94 15.74 -21.23
N GLU B 21 -0.42 15.97 -22.44
CA GLU B 21 0.58 17.01 -22.68
C GLU B 21 0.04 18.45 -22.60
N VAL B 22 -1.29 18.61 -22.61
CA VAL B 22 -1.92 19.87 -22.19
C VAL B 22 -1.65 20.08 -20.71
N ASN B 23 -2.10 19.12 -19.89
CA ASN B 23 -1.96 19.19 -18.42
C ASN B 23 -0.52 19.43 -17.93
N GLU B 24 0.46 18.86 -18.65
CA GLU B 24 1.88 19.06 -18.34
C GLU B 24 2.47 20.34 -18.95
N LYS B 25 1.69 21.06 -19.73
CA LYS B 25 1.93 22.49 -20.03
C LYS B 25 1.14 23.42 -19.11
N LEU B 26 -0.04 22.97 -18.65
CA LEU B 26 -0.83 23.68 -17.63
C LEU B 26 -0.37 23.41 -16.18
N ARG B 27 0.56 22.48 -15.97
CA ARG B 27 1.09 22.20 -14.62
C ARG B 27 1.84 23.41 -14.06
N ASP B 28 1.38 23.87 -12.89
CA ASP B 28 2.00 24.97 -12.11
C ASP B 28 2.01 26.38 -12.75
N THR B 29 1.08 26.65 -13.67
CA THR B 29 0.81 28.03 -14.11
C THR B 29 -0.27 28.64 -13.23
N ALA B 30 -0.50 29.95 -13.35
CA ALA B 30 -1.35 30.69 -12.42
C ALA B 30 -2.85 30.63 -12.77
N ASP B 31 -3.65 31.13 -11.84
CA ASP B 31 -5.11 31.18 -11.99
C ASP B 31 -5.52 32.18 -13.08
N GLY B 32 -5.76 31.68 -14.30
CA GLY B 32 -6.07 32.52 -15.46
C GLY B 32 -5.49 32.00 -16.77
N THR B 33 -4.33 31.33 -16.68
CA THR B 33 -3.64 30.71 -17.81
C THR B 33 -4.50 29.75 -18.66
N PHE B 34 -4.23 29.71 -19.98
CA PHE B 34 -5.06 28.93 -20.92
C PHE B 34 -4.34 28.50 -22.21
N LEU B 35 -5.01 27.63 -22.95
CA LEU B 35 -4.63 27.22 -24.31
C LEU B 35 -5.84 26.55 -25.02
N VAL B 36 -5.69 26.27 -26.32
CA VAL B 36 -6.73 25.58 -27.12
C VAL B 36 -6.17 24.31 -27.81
N ARG B 37 -6.99 23.25 -27.87
CA ARG B 37 -6.64 21.96 -28.51
C ARG B 37 -7.24 21.85 -29.92
N LYS B 42 -13.25 10.39 -30.12
CA LYS B 42 -12.96 11.80 -30.38
C LYS B 42 -14.01 12.48 -31.25
N MET B 43 -15.06 11.73 -31.62
CA MET B 43 -16.26 12.33 -32.20
C MET B 43 -17.14 12.84 -31.05
N HIS B 44 -16.68 13.95 -30.46
CA HIS B 44 -17.36 14.64 -29.35
C HIS B 44 -17.78 16.05 -29.81
N GLY B 45 -16.79 16.81 -30.29
CA GLY B 45 -16.97 18.15 -30.89
C GLY B 45 -15.78 18.49 -31.78
N ASP B 46 -15.18 19.67 -31.58
CA ASP B 46 -13.98 20.11 -32.33
C ASP B 46 -12.78 20.49 -31.41
N TYR B 47 -12.61 21.78 -31.09
CA TYR B 47 -11.46 22.25 -30.28
C TYR B 47 -11.90 22.39 -28.80
N THR B 48 -10.92 22.37 -27.89
CA THR B 48 -11.18 22.48 -26.43
C THR B 48 -10.32 23.54 -25.73
N LEU B 49 -10.97 24.60 -25.22
CA LEU B 49 -10.32 25.62 -24.41
C LEU B 49 -10.04 25.08 -23.00
N THR B 50 -8.81 24.65 -22.75
CA THR B 50 -8.40 24.16 -21.42
C THR B 50 -7.82 25.33 -20.60
N LEU B 51 -8.66 25.91 -19.76
CA LEU B 51 -8.34 27.06 -18.91
C LEU B 51 -8.04 26.59 -17.50
N ARG B 52 -6.92 27.01 -16.93
CA ARG B 52 -6.55 26.65 -15.55
C ARG B 52 -7.08 27.63 -14.49
N LYS B 53 -7.72 27.10 -13.43
CA LYS B 53 -8.28 27.92 -12.35
C LYS B 53 -7.95 27.37 -10.95
N GLY B 54 -6.84 27.87 -10.38
CA GLY B 54 -6.49 27.60 -8.99
C GLY B 54 -6.13 26.16 -8.70
N GLY B 55 -5.26 25.58 -9.53
CA GLY B 55 -4.83 24.19 -9.38
C GLY B 55 -5.66 23.14 -10.09
N ASN B 56 -6.79 23.54 -10.68
CA ASN B 56 -7.67 22.65 -11.43
C ASN B 56 -7.97 23.18 -12.85
N ASN B 57 -7.87 22.29 -13.83
CA ASN B 57 -8.04 22.61 -15.24
C ASN B 57 -9.51 22.49 -15.64
N LYS B 58 -10.04 23.57 -16.22
CA LYS B 58 -11.42 23.65 -16.73
C LYS B 58 -11.47 23.58 -18.26
N LEU B 59 -12.12 22.53 -18.77
CA LEU B 59 -12.24 22.29 -20.21
C LEU B 59 -13.55 22.86 -20.74
N ILE B 60 -13.46 23.78 -21.71
CA ILE B 60 -14.65 24.37 -22.33
C ILE B 60 -14.64 23.99 -23.83
N LYS B 61 -15.72 23.33 -24.26
CA LYS B 61 -15.93 22.92 -25.67
C LYS B 61 -16.22 24.07 -26.65
N ILE B 62 -15.93 23.82 -27.93
CA ILE B 62 -16.18 24.76 -29.04
C ILE B 62 -17.00 24.08 -30.14
N ASP B 66 -22.27 25.38 -39.47
CA ASP B 66 -22.44 26.48 -40.41
C ASP B 66 -21.61 27.68 -39.97
N GLY B 67 -20.30 27.63 -40.25
CA GLY B 67 -19.41 28.75 -40.00
C GLY B 67 -19.08 29.04 -38.54
N LYS B 68 -20.09 29.33 -37.73
CA LYS B 68 -19.92 29.75 -36.32
C LYS B 68 -19.21 28.71 -35.46
N TYR B 69 -18.61 29.18 -34.36
CA TYR B 69 -17.78 28.36 -33.48
C TYR B 69 -18.20 28.47 -32.01
N SER B 72 -21.96 27.73 -26.25
CA SER B 72 -22.99 26.96 -26.94
C SER B 72 -23.97 27.81 -27.79
N ASP B 73 -24.98 28.42 -27.18
CA ASP B 73 -26.09 29.10 -27.91
C ASP B 73 -25.69 30.36 -28.71
N PRO B 74 -25.04 31.36 -28.05
CA PRO B 74 -24.70 32.58 -28.79
C PRO B 74 -23.67 32.32 -29.90
N THR B 76 -22.79 33.90 -32.54
CA THR B 76 -22.16 34.53 -33.68
C THR B 76 -20.71 34.96 -33.37
N PHE B 77 -19.79 34.00 -33.49
CA PHE B 77 -18.35 34.27 -33.53
C PHE B 77 -17.76 33.50 -34.73
N SER B 78 -17.21 34.22 -35.71
CA SER B 78 -16.90 33.64 -37.02
C SER B 78 -15.68 32.70 -37.08
N SER B 79 -14.82 32.70 -36.06
CA SER B 79 -13.64 31.84 -36.01
C SER B 79 -13.17 31.50 -34.59
N VAL B 80 -12.19 30.60 -34.52
CA VAL B 80 -11.55 30.20 -33.26
C VAL B 80 -10.77 31.38 -32.64
N VAL B 81 -10.08 32.16 -33.47
CA VAL B 81 -9.32 33.34 -33.00
C VAL B 81 -10.26 34.50 -32.60
N GLU B 82 -11.42 34.61 -33.26
CA GLU B 82 -12.45 35.58 -32.90
C GLU B 82 -12.89 35.39 -31.43
N LEU B 83 -13.20 34.14 -31.08
CA LEU B 83 -13.79 33.78 -29.78
C LEU B 83 -12.87 33.98 -28.56
N ILE B 84 -11.57 33.83 -28.74
CA ILE B 84 -10.60 33.87 -27.63
C ILE B 84 -10.09 35.30 -27.31
N ASN B 85 -9.96 36.15 -28.34
CA ASN B 85 -9.61 37.57 -28.15
C ASN B 85 -10.66 38.35 -27.34
N HIS B 86 -11.94 38.06 -27.61
CA HIS B 86 -13.07 38.61 -26.83
C HIS B 86 -12.93 38.27 -25.33
N TYR B 87 -12.67 36.99 -25.04
CA TYR B 87 -12.60 36.51 -23.65
C TYR B 87 -11.25 36.71 -22.94
N ARG B 88 -10.24 37.20 -23.66
CA ARG B 88 -8.98 37.62 -23.00
C ARG B 88 -9.19 38.92 -22.24
N ASN B 89 -10.01 39.82 -22.80
CA ASN B 89 -10.49 41.01 -22.09
C ASN B 89 -11.43 40.67 -20.92
N GLU B 90 -12.33 39.71 -21.14
CA GLU B 90 -13.53 39.53 -20.32
C GLU B 90 -13.65 38.18 -19.58
N SER B 91 -14.43 38.20 -18.49
CA SER B 91 -14.66 37.03 -17.64
C SER B 91 -15.60 36.02 -18.31
N LEU B 92 -15.62 34.80 -17.78
CA LEU B 92 -16.45 33.71 -18.31
C LEU B 92 -17.73 33.44 -17.50
N ALA B 93 -18.05 34.30 -16.55
CA ALA B 93 -19.23 34.13 -15.69
C ALA B 93 -20.56 34.39 -16.42
N GLN B 94 -20.57 35.36 -17.33
CA GLN B 94 -21.79 35.72 -18.12
C GLN B 94 -22.31 34.62 -19.08
N TYR B 95 -21.43 33.71 -19.52
CA TYR B 95 -21.81 32.59 -20.39
C TYR B 95 -22.38 31.46 -19.52
N ASN B 96 -21.61 31.08 -18.51
CA ASN B 96 -21.97 30.01 -17.58
C ASN B 96 -21.66 30.50 -16.16
N PRO B 97 -22.67 30.51 -15.24
CA PRO B 97 -22.56 31.18 -13.94
C PRO B 97 -21.14 31.27 -13.31
N LYS B 98 -20.55 30.17 -12.86
CA LYS B 98 -19.24 30.20 -12.19
C LYS B 98 -18.13 30.29 -13.26
N VAL B 101 -13.66 34.55 -13.50
CA VAL B 101 -12.28 34.41 -13.95
C VAL B 101 -12.17 34.63 -15.47
N LYS B 102 -11.05 35.21 -15.91
CA LYS B 102 -10.78 35.56 -17.31
C LYS B 102 -9.75 34.60 -17.94
N LEU B 103 -9.47 34.85 -19.22
CA LEU B 103 -8.39 34.16 -19.95
C LEU B 103 -7.14 35.05 -19.97
N LEU B 104 -6.64 35.43 -18.78
CA LEU B 104 -5.64 36.50 -18.67
C LEU B 104 -4.23 36.15 -19.20
N TYR B 105 -3.83 34.89 -19.05
CA TYR B 105 -2.47 34.42 -19.35
C TYR B 105 -2.40 33.49 -20.58
N PRO B 106 -2.24 34.04 -21.80
CA PRO B 106 -2.23 33.17 -22.99
C PRO B 106 -0.92 32.41 -23.18
N VAL B 107 -0.43 31.75 -22.11
CA VAL B 107 0.97 31.33 -22.04
C VAL B 107 1.25 30.25 -23.09
N SER B 108 2.25 30.54 -23.94
CA SER B 108 2.66 29.67 -25.05
C SER B 108 3.99 30.19 -25.65
N GLN B 111 8.18 30.19 -26.54
CA GLN B 111 9.44 29.77 -25.92
C GLN B 111 10.63 30.07 -26.83
N GLN B 112 10.60 31.25 -27.42
CA GLN B 112 11.72 31.82 -28.18
C GLN B 112 12.26 33.06 -27.45
N ASP B 113 11.71 33.33 -26.26
CA ASP B 113 11.94 34.58 -25.53
C ASP B 113 13.31 34.54 -24.86
N GLN B 114 13.57 33.47 -24.10
CA GLN B 114 14.84 33.27 -23.40
C GLN B 114 15.33 31.81 -23.54
N VAL B 115 15.88 31.51 -24.72
CA VAL B 115 16.66 30.29 -24.98
C VAL B 115 18.02 30.66 -25.63
N VAL B 116 18.59 31.79 -25.19
CA VAL B 116 19.72 32.49 -25.85
C VAL B 116 19.39 32.85 -27.32
N LYS B 117 18.09 32.93 -27.64
CA LYS B 117 17.55 33.06 -29.01
C LYS B 117 18.21 32.17 -30.09
N GLU B 118 18.81 31.06 -29.68
CA GLU B 118 19.71 30.27 -30.54
C GLU B 118 18.95 29.66 -31.71
N ASP B 119 19.22 30.16 -32.91
CA ASP B 119 18.79 29.51 -34.16
C ASP B 119 19.82 28.46 -34.65
N ASN B 120 20.74 28.09 -33.76
CA ASN B 120 21.72 27.04 -34.02
C ASN B 120 21.02 25.78 -33.52
N ILE B 121 20.57 24.94 -34.46
CA ILE B 121 19.71 23.80 -34.14
C ILE B 121 20.45 22.77 -33.27
N GLU B 122 21.76 22.63 -33.50
CA GLU B 122 22.58 21.69 -32.75
C GLU B 122 22.87 22.19 -31.34
N ALA B 123 23.27 23.46 -31.22
CA ALA B 123 23.69 24.04 -29.92
C ALA B 123 22.55 24.24 -28.91
N VAL B 124 21.30 24.32 -29.37
CA VAL B 124 20.14 24.26 -28.49
C VAL B 124 20.00 22.83 -27.94
N GLY B 125 20.28 21.84 -28.80
CA GLY B 125 20.31 20.43 -28.41
C GLY B 125 21.39 20.05 -27.40
N LYS B 126 22.54 20.72 -27.47
CA LYS B 126 23.61 20.54 -26.49
C LYS B 126 23.24 21.17 -25.15
N LYS B 127 22.64 22.36 -25.20
CA LYS B 127 22.15 23.06 -23.99
C LYS B 127 21.15 22.23 -23.20
N LEU B 128 20.25 21.56 -23.92
CA LEU B 128 19.30 20.62 -23.35
C LEU B 128 19.98 19.55 -22.50
N HIS B 129 21.04 18.94 -23.05
CA HIS B 129 21.84 17.95 -22.30
C HIS B 129 22.51 18.55 -21.05
N GLU B 130 23.08 19.75 -21.19
CA GLU B 130 23.76 20.44 -20.08
C GLU B 130 22.79 20.67 -18.93
N TYR B 131 21.64 21.27 -19.24
CA TYR B 131 20.58 21.50 -18.26
C TYR B 131 19.98 20.20 -17.74
N ASN B 132 19.75 19.23 -18.62
CA ASN B 132 19.24 17.92 -18.21
C ASN B 132 20.22 17.10 -17.34
N THR B 133 21.54 17.27 -17.55
CA THR B 133 22.57 16.69 -16.65
C THR B 133 22.60 17.44 -15.31
N GLN B 134 22.39 18.75 -15.34
CA GLN B 134 22.28 19.57 -14.14
C GLN B 134 21.01 19.20 -13.38
N PHE B 135 19.90 19.16 -14.08
CA PHE B 135 18.63 18.76 -13.50
C PHE B 135 18.73 17.38 -12.83
N GLN B 136 19.18 16.38 -13.58
CA GLN B 136 19.32 15.01 -13.06
C GLN B 136 20.35 14.90 -11.92
N GLU B 137 21.41 15.72 -11.99
CA GLU B 137 22.34 15.88 -10.84
C GLU B 137 21.55 16.37 -9.62
N LYS B 138 20.78 17.43 -9.84
CA LYS B 138 20.04 18.14 -8.78
C LYS B 138 18.94 17.26 -8.15
N SER B 139 18.22 16.51 -8.98
CA SER B 139 17.19 15.56 -8.50
C SER B 139 17.72 14.43 -7.59
N ARG B 140 18.97 14.03 -7.78
CA ARG B 140 19.64 13.08 -6.87
C ARG B 140 19.98 13.75 -5.53
N GLU B 141 20.51 14.97 -5.59
CA GLU B 141 20.81 15.73 -4.38
C GLU B 141 19.54 15.90 -3.55
N TYR B 142 18.44 16.26 -4.21
CA TYR B 142 17.14 16.34 -3.55
C TYR B 142 16.64 14.99 -3.02
N ASP B 143 16.86 13.90 -3.76
CA ASP B 143 16.47 12.55 -3.31
C ASP B 143 17.31 12.04 -2.12
N ARG B 144 18.63 12.23 -2.19
CA ARG B 144 19.57 11.88 -1.10
C ARG B 144 19.18 12.52 0.23
N LEU B 145 18.98 13.83 0.17
CA LEU B 145 18.62 14.64 1.32
C LEU B 145 17.25 14.26 1.93
N TYR B 146 16.28 13.94 1.08
CA TYR B 146 14.96 13.50 1.54
C TYR B 146 15.06 12.20 2.35
N GLU B 147 15.97 11.30 1.97
CA GLU B 147 16.25 10.09 2.75
C GLU B 147 16.90 10.44 4.10
N GLU B 148 17.95 11.28 4.07
CA GLU B 148 18.61 11.77 5.31
C GLU B 148 17.59 12.37 6.28
N TYR B 149 16.75 13.27 5.76
CA TYR B 149 15.62 13.87 6.49
C TYR B 149 14.80 12.78 7.19
N THR B 150 14.35 11.79 6.42
CA THR B 150 13.40 10.78 6.90
C THR B 150 14.03 9.75 7.85
N ARG B 151 15.26 9.34 7.56
CA ARG B 151 16.05 8.58 8.54
C ARG B 151 16.14 9.41 9.80
N THR B 152 16.60 10.66 9.66
CA THR B 152 16.84 11.55 10.80
C THR B 152 15.59 11.80 11.66
N SER B 153 14.41 11.88 11.04
CA SER B 153 13.17 11.86 11.80
C SER B 153 13.07 10.58 12.64
N GLN B 154 13.30 9.45 11.99
CA GLN B 154 13.19 8.15 12.65
C GLN B 154 14.22 8.01 13.76
N GLU B 155 15.48 8.36 13.46
CA GLU B 155 16.57 8.33 14.45
C GLU B 155 16.27 9.23 15.65
N ILE B 156 15.67 10.40 15.38
CA ILE B 156 15.27 11.35 16.44
C ILE B 156 14.17 10.77 17.33
N GLN B 157 13.11 10.23 16.73
CA GLN B 157 12.01 9.70 17.54
C GLN B 157 12.41 8.42 18.30
N MET B 158 13.33 7.64 17.74
CA MET B 158 13.97 6.52 18.45
C MET B 158 14.82 7.02 19.63
N LYS B 159 15.50 8.16 19.43
CA LYS B 159 16.21 8.85 20.51
C LYS B 159 15.24 9.30 21.60
N ARG B 160 14.15 9.95 21.18
CA ARG B 160 13.12 10.40 22.13
C ARG B 160 12.54 9.24 22.96
N THR B 161 12.23 8.12 22.31
CA THR B 161 11.60 6.99 23.02
C THR B 161 12.56 6.43 24.04
N ALA B 162 13.83 6.32 23.64
CA ALA B 162 14.90 5.83 24.51
C ALA B 162 15.04 6.69 25.75
N ILE B 163 14.89 8.00 25.56
CA ILE B 163 14.93 8.96 26.64
C ILE B 163 13.84 8.64 27.68
N GLU B 164 12.64 8.34 27.22
CA GLU B 164 11.57 7.90 28.11
C GLU B 164 11.93 6.56 28.78
N ALA B 165 12.50 5.65 28.00
CA ALA B 165 12.91 4.34 28.49
C ALA B 165 13.93 4.48 29.60
N PHE B 166 14.92 5.33 29.35
CA PHE B 166 15.89 5.72 30.38
C PHE B 166 15.21 6.26 31.61
N ASN B 167 14.39 7.31 31.40
CA ASN B 167 13.68 7.94 32.51
C ASN B 167 12.88 6.92 33.30
N GLU B 168 12.20 6.02 32.59
CA GLU B 168 11.40 4.99 33.25
C GLU B 168 12.30 3.97 33.97
N THR B 169 13.43 3.64 33.34
CA THR B 169 14.44 2.79 33.97
C THR B 169 14.88 3.41 35.28
N ILE B 170 15.24 4.69 35.21
CA ILE B 170 15.74 5.46 36.37
C ILE B 170 14.74 5.45 37.54
N LYS B 171 13.50 5.78 37.25
CA LYS B 171 12.41 5.66 38.23
C LYS B 171 12.47 4.33 38.97
N ILE B 172 12.65 3.22 38.26
CA ILE B 172 12.63 1.87 38.87
C ILE B 172 13.83 1.69 39.84
N PHE B 173 14.96 2.29 39.49
CA PHE B 173 16.13 2.26 40.35
C PHE B 173 16.03 3.28 41.50
N GLU B 174 15.47 4.46 41.23
CA GLU B 174 15.25 5.49 42.27
C GLU B 174 14.30 4.92 43.30
N GLU B 175 13.24 4.29 42.81
CA GLU B 175 12.32 3.49 43.62
C GLU B 175 13.04 2.37 44.36
N GLN B 176 13.95 1.66 43.69
CA GLN B 176 14.71 0.56 44.32
C GLN B 176 15.62 0.99 45.46
N CYS B 177 16.36 2.09 45.30
CA CYS B 177 17.25 2.56 46.37
C CYS B 177 16.42 3.03 47.56
N GLN B 178 15.25 3.62 47.25
CA GLN B 178 14.25 3.96 48.26
C GLN B 178 13.67 2.70 48.91
N THR B 179 13.30 1.72 48.09
CA THR B 179 12.73 0.45 48.59
C THR B 179 13.58 -0.18 49.70
N GLN B 180 14.91 -0.17 49.55
CA GLN B 180 15.77 -0.83 50.52
C GLN B 180 15.90 -0.04 51.81
N GLU B 181 16.01 1.29 51.72
CA GLU B 181 16.05 2.16 52.90
C GLU B 181 14.97 1.84 53.93
N ARG B 182 13.77 1.50 53.45
CA ARG B 182 12.71 1.06 54.34
C ARG B 182 13.08 -0.26 55.02
N TYR B 183 13.44 -1.27 54.23
CA TYR B 183 13.72 -2.62 54.79
C TYR B 183 15.09 -2.77 55.49
N SER B 184 16.11 -2.10 54.95
CA SER B 184 17.49 -2.14 55.48
C SER B 184 17.62 -1.47 56.84
N LYS B 185 16.96 -0.31 56.99
CA LYS B 185 16.99 0.45 58.24
C LYS B 185 15.88 0.04 59.22
N GLU B 186 15.07 -0.97 58.83
CA GLU B 186 14.31 -1.78 59.77
C GLU B 186 15.21 -2.88 60.34
N TYR B 187 16.12 -3.39 59.49
CA TYR B 187 17.07 -4.47 59.85
C TYR B 187 18.46 -4.02 60.35
N ILE B 188 18.62 -2.70 60.59
CA ILE B 188 19.75 -2.19 61.39
C ILE B 188 19.33 -2.05 62.87
N GLU B 189 18.18 -1.44 63.11
CA GLU B 189 17.75 -1.09 64.47
C GLU B 189 17.23 -2.28 65.26
N LYS B 190 16.45 -3.15 64.61
CA LYS B 190 15.99 -4.40 65.24
C LYS B 190 17.14 -5.23 65.81
N PHE B 191 18.26 -5.27 65.09
CA PHE B 191 19.43 -6.05 65.52
C PHE B 191 20.74 -5.29 65.22
N LYS B 192 21.10 -4.33 66.08
CA LYS B 192 22.35 -3.57 65.91
C LYS B 192 23.60 -4.34 66.29
N ARG B 193 23.57 -5.05 67.42
CA ARG B 193 24.72 -5.85 67.88
C ARG B 193 24.97 -7.11 67.05
N GLU B 194 23.90 -7.82 66.68
CA GLU B 194 23.98 -9.02 65.84
C GLU B 194 24.43 -8.67 64.41
N GLY B 195 25.53 -9.28 63.97
CA GLY B 195 26.15 -8.93 62.68
C GLY B 195 26.89 -7.61 62.75
N ASN B 196 26.12 -6.52 62.87
CA ASN B 196 26.63 -5.16 63.06
C ASN B 196 27.37 -4.68 61.79
N GLU B 197 28.70 -4.64 61.79
CA GLU B 197 29.49 -4.23 60.61
C GLU B 197 29.84 -5.42 59.71
N LYS B 198 29.34 -6.62 60.04
CA LYS B 198 29.26 -7.72 59.09
C LYS B 198 27.93 -7.66 58.32
N GLU B 199 26.84 -7.30 59.01
CA GLU B 199 25.53 -7.17 58.39
C GLU B 199 25.49 -5.88 57.56
N ILE B 200 25.71 -4.75 58.24
CA ILE B 200 25.41 -3.42 57.69
C ILE B 200 26.46 -2.93 56.68
N GLN B 201 27.69 -3.46 56.77
CA GLN B 201 28.68 -3.20 55.73
C GLN B 201 28.19 -3.76 54.40
N ARG B 202 27.91 -5.06 54.39
CA ARG B 202 27.49 -5.76 53.17
C ARG B 202 26.04 -5.44 52.70
N ILE B 203 25.27 -4.73 53.54
CA ILE B 203 24.04 -4.05 53.11
C ILE B 203 24.37 -2.69 52.50
N MET B 204 25.30 -1.95 53.09
CA MET B 204 25.72 -0.65 52.56
C MET B 204 26.45 -0.78 51.21
N HIS B 205 27.20 -1.87 51.01
CA HIS B 205 27.91 -2.13 49.73
C HIS B 205 26.94 -2.18 48.55
N ASN B 206 25.92 -3.02 48.71
CA ASN B 206 24.82 -3.12 47.77
C ASN B 206 24.20 -1.75 47.46
N TYR B 207 23.87 -1.00 48.50
CA TYR B 207 23.28 0.34 48.39
C TYR B 207 24.20 1.30 47.62
N ASP B 208 25.50 1.20 47.87
CA ASP B 208 26.45 2.05 47.15
C ASP B 208 26.70 1.55 45.71
N LYS B 209 26.43 0.27 45.42
CA LYS B 209 26.32 -0.17 44.01
C LYS B 209 25.10 0.47 43.36
N LEU B 210 23.97 0.30 44.02
CA LEU B 210 22.68 0.79 43.53
C LEU B 210 22.67 2.29 43.18
N LYS B 211 23.26 3.13 44.02
CA LYS B 211 23.20 4.59 43.80
C LYS B 211 24.16 5.13 42.75
N SER B 212 25.37 4.58 42.65
CA SER B 212 26.31 5.02 41.61
C SER B 212 25.92 4.43 40.24
N ARG B 213 25.25 3.27 40.28
CA ARG B 213 24.62 2.68 39.08
C ARG B 213 23.59 3.69 38.54
N ILE B 214 22.68 4.16 39.39
CA ILE B 214 21.77 5.26 39.02
C ILE B 214 22.53 6.45 38.41
N SER B 215 23.66 6.81 39.02
CA SER B 215 24.51 7.90 38.51
C SER B 215 24.96 7.64 37.07
N GLU B 216 25.39 6.41 36.77
CA GLU B 216 25.80 6.03 35.41
C GLU B 216 24.66 6.13 34.41
N ILE B 217 23.47 5.69 34.83
CA ILE B 217 22.28 5.69 33.98
C ILE B 217 21.94 7.12 33.58
N ILE B 218 21.85 8.01 34.57
CA ILE B 218 21.50 9.42 34.36
C ILE B 218 22.52 10.10 33.44
N ASP B 219 23.79 9.74 33.60
CA ASP B 219 24.84 10.18 32.68
C ASP B 219 24.62 9.64 31.26
N SER B 220 24.18 8.39 31.16
CA SER B 220 23.81 7.81 29.87
C SER B 220 22.66 8.55 29.17
N ARG B 221 21.63 8.96 29.93
CA ARG B 221 20.51 9.72 29.36
C ARG B 221 20.96 11.07 28.84
N ARG B 222 21.58 11.83 29.73
CA ARG B 222 22.15 13.15 29.40
C ARG B 222 22.87 13.07 28.05
N ARG B 223 23.80 12.12 27.96
CA ARG B 223 24.62 11.91 26.76
C ARG B 223 23.80 11.67 25.48
N LEU B 224 22.59 11.11 25.62
CA LEU B 224 21.67 10.92 24.51
C LEU B 224 20.97 12.22 24.13
N GLU B 225 20.62 13.02 25.13
CA GLU B 225 19.93 14.30 24.90
C GLU B 225 20.81 15.29 24.14
N GLU B 226 22.06 15.41 24.58
CA GLU B 226 23.06 16.20 23.85
C GLU B 226 23.21 15.72 22.40
N ASP B 227 23.16 14.39 22.18
CA ASP B 227 23.18 13.80 20.82
C ASP B 227 21.91 14.11 20.04
N LEU B 228 20.78 14.12 20.74
CA LEU B 228 19.48 14.45 20.16
C LEU B 228 19.42 15.88 19.63
N LYS B 229 20.01 16.83 20.35
CA LYS B 229 20.03 18.23 19.92
C LYS B 229 20.88 18.40 18.67
N LYS B 230 22.09 17.82 18.69
CA LYS B 230 22.99 17.81 17.51
C LYS B 230 22.35 17.14 16.29
N GLN B 231 21.55 16.10 16.55
CA GLN B 231 20.71 15.48 15.53
C GLN B 231 19.60 16.40 15.03
N ALA B 232 18.87 17.01 15.97
CA ALA B 232 17.79 17.92 15.62
C ALA B 232 18.33 19.16 14.86
N ALA B 233 19.54 19.57 15.20
CA ALA B 233 20.25 20.62 14.46
C ALA B 233 20.54 20.19 13.01
N GLU B 234 21.16 19.02 12.84
CA GLU B 234 21.42 18.43 11.51
C GLU B 234 20.13 18.29 10.69
N TYR B 235 19.06 17.85 11.36
CA TYR B 235 17.71 17.75 10.79
C TYR B 235 17.24 19.09 10.21
N ARG B 236 17.39 20.15 11.02
CA ARG B 236 17.10 21.55 10.60
C ARG B 236 17.92 21.94 9.37
N GLU B 237 19.20 21.61 9.41
CA GLU B 237 20.12 21.89 8.30
C GLU B 237 19.75 21.18 6.99
N ILE B 238 19.19 19.96 7.10
CA ILE B 238 18.77 19.20 5.91
C ILE B 238 17.54 19.86 5.26
N ASP B 239 16.56 20.26 6.07
CA ASP B 239 15.34 20.90 5.57
C ASP B 239 15.73 22.21 4.88
N LYS B 240 16.53 23.00 5.59
CA LYS B 240 17.07 24.27 5.11
C LYS B 240 17.64 24.19 3.69
N ARG B 241 18.47 23.18 3.45
CA ARG B 241 19.11 22.97 2.14
C ARG B 241 18.19 22.31 1.13
N MET B 242 17.22 21.51 1.59
CA MET B 242 16.15 21.02 0.70
C MET B 242 15.41 22.22 0.11
N ASN B 243 15.03 23.16 0.98
CA ASN B 243 14.26 24.35 0.59
C ASN B 243 15.04 25.31 -0.31
N SER B 244 16.36 25.28 -0.22
CA SER B 244 17.22 26.09 -1.09
C SER B 244 17.52 25.39 -2.41
N ILE B 245 17.46 24.06 -2.43
CA ILE B 245 17.54 23.29 -3.68
C ILE B 245 16.24 23.34 -4.48
N LYS B 246 15.11 23.23 -3.79
CA LYS B 246 13.78 23.15 -4.44
C LYS B 246 13.46 24.17 -5.58
N PRO B 247 13.62 25.50 -5.33
CA PRO B 247 13.21 26.49 -6.34
C PRO B 247 14.09 26.50 -7.59
N ASP B 248 15.35 26.11 -7.42
CA ASP B 248 16.28 25.92 -8.53
C ASP B 248 15.89 24.70 -9.34
N LEU B 249 15.54 23.62 -8.65
CA LEU B 249 15.03 22.40 -9.29
C LEU B 249 13.78 22.64 -10.16
N ILE B 250 12.97 23.64 -9.80
CA ILE B 250 11.80 24.02 -10.63
C ILE B 250 12.23 24.83 -11.86
N GLN B 251 13.01 25.88 -11.66
CA GLN B 251 13.43 26.75 -12.77
C GLN B 251 14.35 26.03 -13.75
N LEU B 252 15.27 25.22 -13.23
CA LEU B 252 16.13 24.35 -14.05
C LEU B 252 15.32 23.33 -14.83
N ARG B 253 14.22 22.87 -14.25
CA ARG B 253 13.29 21.99 -14.94
C ARG B 253 12.52 22.77 -15.97
N LYS B 254 11.99 23.92 -15.58
CA LYS B 254 11.09 24.67 -16.46
C LYS B 254 11.82 25.20 -17.69
N THR B 255 13.07 25.61 -17.55
CA THR B 255 13.89 26.07 -18.68
C THR B 255 14.13 24.93 -19.69
N ARG B 256 14.50 23.75 -19.17
CA ARG B 256 14.69 22.53 -19.98
C ARG B 256 13.47 22.20 -20.85
N ASP B 257 12.28 22.37 -20.29
CA ASP B 257 11.04 22.07 -21.05
C ASP B 257 10.73 23.12 -22.11
N GLN B 258 11.22 24.34 -21.95
CA GLN B 258 11.08 25.40 -22.96
C GLN B 258 12.09 25.22 -24.10
N TYR B 259 13.35 24.91 -23.74
CA TYR B 259 14.39 24.49 -24.70
C TYR B 259 13.96 23.28 -25.52
N LEU B 260 13.36 22.29 -24.87
CA LEU B 260 12.91 21.07 -25.52
C LEU B 260 11.63 21.29 -26.35
N MET B 261 10.83 22.30 -25.98
CA MET B 261 9.69 22.72 -26.79
C MET B 261 10.13 23.46 -28.05
N TRP B 262 11.08 24.40 -27.89
CA TRP B 262 11.60 25.18 -29.04
C TRP B 262 12.14 24.32 -30.17
N LEU B 263 12.79 23.19 -29.83
CA LEU B 263 13.31 22.23 -30.84
C LEU B 263 12.20 21.60 -31.66
N THR B 264 11.24 21.00 -30.95
CA THR B 264 10.11 20.32 -31.58
C THR B 264 9.22 21.28 -32.40
N GLN B 265 9.42 22.60 -32.26
CA GLN B 265 8.95 23.57 -33.27
C GLN B 265 9.85 23.48 -34.51
N ARG B 269 12.14 15.97 -34.82
CA ARG B 269 13.27 15.13 -34.45
C ARG B 269 13.10 14.44 -33.09
N GLN B 270 11.93 13.83 -32.88
CA GLN B 270 11.54 13.21 -31.60
C GLN B 270 12.50 12.10 -31.12
N LYS B 271 13.05 11.35 -32.09
CA LYS B 271 13.94 10.22 -31.83
C LYS B 271 15.42 10.63 -31.65
N LYS B 272 15.80 11.79 -32.19
CA LYS B 272 17.16 12.36 -32.03
C LYS B 272 17.46 12.85 -30.61
N LEU B 273 16.41 13.25 -29.89
CA LEU B 273 16.53 13.84 -28.55
C LEU B 273 17.25 12.94 -27.51
N ASN B 274 16.93 11.64 -27.50
CA ASN B 274 17.30 10.71 -26.39
C ASN B 274 18.77 10.65 -25.95
N GLU B 275 19.72 10.96 -26.84
CA GLU B 275 21.15 10.89 -26.48
C GLU B 275 21.61 12.09 -25.64
N TRP B 276 21.08 13.27 -25.97
CA TRP B 276 21.21 14.46 -25.12
C TRP B 276 20.52 14.25 -23.77
N LEU B 277 19.35 13.62 -23.85
CA LEU B 277 18.53 13.32 -22.68
C LEU B 277 18.87 11.95 -22.10
C4 718 C . -0.02 -28.73 15.06
C5 718 C . 0.47 -28.99 13.78
C6 718 C . -0.40 -29.35 12.75
C7 718 C . -1.96 -28.60 16.72
C8 718 C . -0.93 -28.95 17.80
C10 718 C . 0.93 -28.34 16.18
C9 718 C . 0.39 -28.20 17.60
C3 718 C . -1.40 -28.86 15.33
C2 718 C . -2.26 -29.23 14.29
C1 718 C . -1.76 -29.48 13.01
O1 718 C . -2.59 -29.84 11.99
O11 718 C . 2.11 -28.14 15.93
CL CL D . 11.29 -16.15 -8.34
CL CL E . -0.57 -12.06 -1.75
C1' SAL F . -7.88 18.30 -12.62
O1' SAL F . -7.92 18.31 -13.87
O2' SAL F . -6.83 18.56 -12.00
C1 SAL F . -9.14 17.99 -11.85
C2 SAL F . -9.35 16.78 -11.15
C3 SAL F . -10.56 16.57 -10.46
C4 SAL F . -11.55 17.56 -10.47
C5 SAL F . -11.35 18.75 -11.16
C6 SAL F . -10.15 18.97 -11.85
O2 SAL F . -8.41 15.79 -11.11
#